data_3IT9
#
_entry.id   3IT9
#
_cell.length_a   56.949
_cell.length_b   184.853
_cell.length_c   81.610
_cell.angle_alpha   90.000
_cell.angle_beta   100.620
_cell.angle_gamma   90.000
#
_symmetry.space_group_name_H-M   'P 1 21 1'
#
loop_
_entity.id
_entity.type
_entity.pdbx_description
1 polymer 'D-alanyl-D-alanine carboxypeptidase dacC'
2 branched beta-D-fructofuranose-(2-1)-alpha-D-glucopyranose
3 non-polymer 'SULFATE ION'
4 water water
#
_entity_poly.entity_id   1
_entity_poly.type   'polypeptide(L)'
_entity_poly.pdbx_seq_one_letter_code
;MAEQTVEAPSVDARAWILMDYASGKVLAEGNADEKLDPASLTKIMTSYVVGQALKADKIKLTDMVTVGKDAWATGNPALR
GSSVMFLKPGDQVSVADLNKGVIIQSGNDACIALADYVAGSQESFIGLMNGYAKKLGLTNTTFQTVHGLDAPGQFSTARD
MALLGKALIHDVPEEYAIHKEKEFTFNKIRQPNRNRLLWSSNLNVDGMKTGTTAGAGYNLVASATQGDMRLISVVLGAKT
DRIRFNESEKLLTWGFRFFETVTPIKPDATFVTQRVWFGDKSEVNLGAGEAGSVTIPRGQLKNLKASYTLTEPQLTAPLK
KGQVVGTIDFQLNGKSIEQRPLIVMENVEEGG
;
_entity_poly.pdbx_strand_id   A,B,C,D
#
# COMPACT_ATOMS: atom_id res chain seq x y z
N THR A 5 45.71 14.57 -7.16
CA THR A 5 44.32 14.14 -7.50
C THR A 5 43.63 13.33 -6.39
N VAL A 6 42.32 13.44 -6.34
CA VAL A 6 41.48 12.49 -5.65
C VAL A 6 40.26 12.31 -6.52
N GLU A 7 39.92 11.06 -6.83
CA GLU A 7 38.88 10.79 -7.80
C GLU A 7 37.52 11.33 -7.33
N ALA A 8 36.89 12.16 -8.17
CA ALA A 8 35.64 12.84 -7.81
C ALA A 8 34.48 11.87 -7.90
N PRO A 9 33.48 12.05 -7.02
CA PRO A 9 32.40 11.11 -7.01
C PRO A 9 31.52 11.27 -8.26
N SER A 10 30.84 10.21 -8.65
CA SER A 10 29.80 10.29 -9.66
C SER A 10 28.55 10.95 -9.08
N VAL A 11 27.88 11.76 -9.87
CA VAL A 11 26.72 12.47 -9.39
C VAL A 11 25.53 12.29 -10.29
N ASP A 12 24.48 11.72 -9.72
CA ASP A 12 23.28 11.40 -10.45
C ASP A 12 22.36 12.62 -10.56
N ALA A 13 22.76 13.61 -11.35
CA ALA A 13 21.98 14.84 -11.49
C ALA A 13 22.37 15.59 -12.76
N ARG A 14 21.60 16.63 -13.08
CA ARG A 14 21.87 17.47 -14.27
C ARG A 14 23.14 18.31 -14.18
N ALA A 15 23.33 18.99 -13.04
CA ALA A 15 24.52 19.77 -12.80
C ALA A 15 24.81 19.76 -11.34
N TRP A 16 26.06 19.99 -10.98
CA TRP A 16 26.42 20.06 -9.59
C TRP A 16 27.74 20.75 -9.43
N ILE A 17 28.02 21.21 -8.22
CA ILE A 17 29.32 21.72 -7.92
C ILE A 17 29.57 21.59 -6.44
N LEU A 18 30.84 21.53 -6.06
CA LEU A 18 31.24 21.50 -4.66
C LEU A 18 32.35 22.52 -4.48
N MET A 19 32.14 23.49 -3.59
CA MET A 19 33.06 24.61 -3.45
C MET A 19 33.48 24.78 -2.01
N ASP A 20 34.78 24.98 -1.77
CA ASP A 20 35.24 25.42 -0.44
C ASP A 20 34.94 26.88 -0.23
N TYR A 21 34.50 27.19 0.99
CA TYR A 21 33.99 28.52 1.31
C TYR A 21 35.12 29.52 1.47
N ALA A 22 36.19 29.12 2.18
CA ALA A 22 37.33 30.01 2.43
C ALA A 22 38.24 30.19 1.18
N SER A 23 38.57 29.08 0.53
CA SER A 23 39.55 29.09 -0.54
C SER A 23 38.88 29.44 -1.85
N GLY A 24 37.58 29.15 -1.93
CA GLY A 24 36.86 29.19 -3.23
C GLY A 24 37.16 28.01 -4.15
N LYS A 25 37.91 27.02 -3.68
CA LYS A 25 38.30 25.88 -4.53
C LYS A 25 37.10 25.05 -4.95
N VAL A 26 36.97 24.83 -6.26
CA VAL A 26 35.95 23.92 -6.80
C VAL A 26 36.52 22.49 -6.75
N LEU A 27 35.96 21.66 -5.88
CA LEU A 27 36.47 20.33 -5.66
C LEU A 27 35.89 19.32 -6.64
N ALA A 28 34.73 19.63 -7.19
CA ALA A 28 34.01 18.69 -8.03
C ALA A 28 32.91 19.44 -8.74
N GLU A 29 32.60 19.02 -9.96
CA GLU A 29 31.66 19.74 -10.78
C GLU A 29 31.24 18.89 -11.96
N GLY A 30 30.01 19.05 -12.40
CA GLY A 30 29.60 18.67 -13.73
C GLY A 30 28.56 19.62 -14.27
N ASN A 31 28.69 19.98 -15.55
CA ASN A 31 27.83 20.97 -16.18
C ASN A 31 27.60 22.23 -15.33
N ALA A 32 28.64 22.68 -14.63
CA ALA A 32 28.46 23.69 -13.61
C ALA A 32 28.08 25.06 -14.18
N ASP A 33 28.13 25.21 -15.51
CA ASP A 33 27.77 26.47 -16.15
C ASP A 33 26.58 26.33 -17.08
N GLU A 34 25.92 25.19 -17.06
CA GLU A 34 24.67 25.07 -17.77
C GLU A 34 23.55 25.92 -17.16
N LYS A 35 22.93 26.76 -17.99
CA LYS A 35 21.83 27.60 -17.56
C LYS A 35 20.57 26.79 -17.32
N LEU A 36 20.04 26.88 -16.11
CA LEU A 36 18.89 26.07 -15.73
C LEU A 36 17.91 26.89 -14.90
N ASP A 37 16.71 26.33 -14.74
CA ASP A 37 15.69 26.95 -13.91
C ASP A 37 16.12 26.88 -12.45
N PRO A 38 16.25 28.05 -11.80
CA PRO A 38 16.64 28.12 -10.37
C PRO A 38 15.45 27.87 -9.44
N ALA A 39 14.26 28.26 -9.88
CA ALA A 39 13.06 28.06 -9.06
C ALA A 39 13.23 28.78 -7.74
N SER A 40 13.00 28.06 -6.64
CA SER A 40 13.00 28.69 -5.32
C SER A 40 14.39 29.10 -4.84
N LEU A 41 15.44 28.60 -5.49
CA LEU A 41 16.78 29.03 -5.11
C LEU A 41 16.95 30.51 -5.40
N THR A 42 16.06 31.06 -6.21
CA THR A 42 15.93 32.50 -6.38
C THR A 42 15.86 33.21 -5.03
N LYS A 43 15.22 32.55 -4.05
CA LYS A 43 14.97 33.12 -2.74
C LYS A 43 16.23 33.38 -1.97
N ILE A 44 17.31 32.70 -2.38
CA ILE A 44 18.60 32.97 -1.79
C ILE A 44 18.98 34.43 -2.05
N MET A 45 18.78 34.88 -3.29
CA MET A 45 19.09 36.26 -3.62
C MET A 45 18.09 37.19 -2.99
N THR A 46 16.80 36.83 -3.03
CA THR A 46 15.77 37.62 -2.33
C THR A 46 16.24 37.94 -0.91
N SER A 47 16.66 36.89 -0.21
CA SER A 47 17.11 37.00 1.16
C SER A 47 18.45 37.75 1.29
N TYR A 48 19.30 37.64 0.28
CA TYR A 48 20.54 38.41 0.25
C TYR A 48 20.21 39.91 0.32
N VAL A 49 19.28 40.33 -0.51
CA VAL A 49 18.89 41.75 -0.59
C VAL A 49 18.22 42.21 0.70
N VAL A 50 17.30 41.39 1.23
CA VAL A 50 16.63 41.75 2.50
C VAL A 50 17.68 41.83 3.58
N GLY A 51 18.62 40.89 3.57
CA GLY A 51 19.69 40.90 4.54
C GLY A 51 20.56 42.14 4.47
N GLN A 52 20.80 42.62 3.26
CA GLN A 52 21.60 43.87 3.08
C GLN A 52 20.80 45.06 3.60
N ALA A 53 19.51 45.11 3.28
CA ALA A 53 18.61 46.17 3.81
C ALA A 53 18.64 46.25 5.33
N LEU A 54 18.63 45.10 6.01
CA LEU A 54 18.71 45.06 7.48
C LEU A 54 20.07 45.48 7.97
N LYS A 55 21.12 44.98 7.33
CA LYS A 55 22.48 45.26 7.76
C LYS A 55 22.78 46.75 7.60
N ALA A 56 22.16 47.37 6.60
CA ALA A 56 22.34 48.79 6.36
C ALA A 56 21.39 49.63 7.25
N ASP A 57 20.56 48.93 8.03
CA ASP A 57 19.50 49.56 8.84
C ASP A 57 18.59 50.47 8.00
N LYS A 58 18.22 50.01 6.82
CA LYS A 58 17.17 50.65 6.07
C LYS A 58 15.82 50.10 6.45
N ILE A 59 15.82 48.88 6.97
CA ILE A 59 14.64 48.30 7.59
C ILE A 59 15.05 47.61 8.87
N LYS A 60 14.07 47.34 9.74
CA LYS A 60 14.32 46.69 11.03
C LYS A 60 13.46 45.44 11.13
N LEU A 61 13.94 44.44 11.86
CA LEU A 61 13.14 43.23 12.14
C LEU A 61 11.77 43.55 12.78
N THR A 62 11.71 44.59 13.60
CA THR A 62 10.44 44.97 14.29
C THR A 62 9.47 45.78 13.43
N ASP A 63 9.92 46.24 12.26
CA ASP A 63 9.05 47.04 11.40
C ASP A 63 7.82 46.24 11.01
N MET A 64 6.69 46.92 10.92
CA MET A 64 5.43 46.31 10.48
C MET A 64 5.18 46.66 9.04
N VAL A 65 4.98 45.65 8.21
CA VAL A 65 4.72 45.92 6.84
C VAL A 65 3.31 45.55 6.45
N THR A 66 2.69 46.43 5.64
CA THR A 66 1.33 46.20 5.19
C THR A 66 1.31 45.38 3.90
N VAL A 67 0.49 44.34 3.89
CA VAL A 67 0.37 43.48 2.73
C VAL A 67 -0.53 44.13 1.67
N GLY A 68 -0.12 44.05 0.40
CA GLY A 68 -0.91 44.62 -0.71
C GLY A 68 -1.66 43.55 -1.48
N LYS A 69 -2.66 43.96 -2.25
CA LYS A 69 -3.31 43.02 -3.18
C LYS A 69 -2.23 42.25 -3.90
N ASP A 70 -1.04 42.87 -3.94
CA ASP A 70 0.19 42.25 -4.39
C ASP A 70 0.40 40.85 -3.87
N ALA A 71 0.30 40.70 -2.56
CA ALA A 71 0.88 39.57 -1.85
C ALA A 71 -0.18 38.57 -1.45
N TRP A 72 -1.19 38.43 -2.32
CA TRP A 72 -2.39 37.70 -1.98
C TRP A 72 -2.54 36.47 -2.87
N ALA A 73 -2.51 35.30 -2.25
CA ALA A 73 -2.47 34.04 -2.99
C ALA A 73 -3.55 34.01 -4.07
N THR A 74 -4.39 35.05 -4.07
CA THR A 74 -5.60 35.08 -4.89
C THR A 74 -5.51 36.20 -5.93
N GLY A 75 -5.81 37.43 -5.51
CA GLY A 75 -5.64 38.62 -6.36
C GLY A 75 -4.20 38.87 -6.83
N ASN A 76 -3.37 37.84 -6.73
CA ASN A 76 -2.24 37.67 -7.63
C ASN A 76 -2.21 36.25 -8.21
N PRO A 77 -2.60 36.11 -9.48
CA PRO A 77 -2.86 34.79 -10.06
C PRO A 77 -1.66 33.86 -9.95
N ALA A 78 -0.47 34.37 -10.27
CA ALA A 78 0.73 33.54 -10.31
C ALA A 78 1.03 32.87 -8.96
N LEU A 79 0.39 33.34 -7.90
CA LEU A 79 0.61 32.77 -6.57
C LEU A 79 -0.13 31.46 -6.35
N ARG A 80 -1.11 31.19 -7.22
CA ARG A 80 -1.93 30.00 -7.07
C ARG A 80 -1.10 28.74 -7.33
N GLY A 81 -1.25 27.75 -6.46
CA GLY A 81 -0.53 26.50 -6.59
C GLY A 81 0.78 26.53 -5.82
N SER A 82 1.17 27.72 -5.37
CA SER A 82 2.51 27.94 -4.88
C SER A 82 2.52 28.03 -3.37
N SER A 83 3.68 27.78 -2.78
CA SER A 83 3.83 27.83 -1.34
C SER A 83 3.78 29.26 -0.82
N VAL A 84 3.17 29.43 0.35
CA VAL A 84 2.53 30.67 0.67
C VAL A 84 2.28 30.73 2.17
N MET A 85 2.42 31.92 2.75
CA MET A 85 2.13 32.13 4.17
C MET A 85 0.64 32.31 4.39
N PHE A 86 -0.08 32.59 3.31
CA PHE A 86 -1.45 33.07 3.40
C PHE A 86 -1.54 34.44 4.08
N LEU A 87 -0.98 35.45 3.44
CA LEU A 87 -1.21 36.83 3.82
C LEU A 87 -2.47 37.34 3.11
N LYS A 88 -3.19 38.26 3.75
CA LYS A 88 -4.19 39.03 3.04
C LYS A 88 -3.98 40.54 3.16
N PRO A 89 -4.48 41.29 2.17
CA PRO A 89 -4.22 42.71 2.04
C PRO A 89 -4.77 43.48 3.22
N GLY A 90 -3.93 44.30 3.83
CA GLY A 90 -4.29 44.93 5.10
C GLY A 90 -3.64 44.29 6.29
N ASP A 91 -3.30 43.00 6.19
CA ASP A 91 -2.53 42.36 7.25
C ASP A 91 -1.33 43.23 7.62
N GLN A 92 -1.04 43.30 8.91
CA GLN A 92 0.21 43.88 9.37
C GLN A 92 1.15 42.77 9.82
N VAL A 93 2.26 42.61 9.13
CA VAL A 93 3.21 41.57 9.47
C VAL A 93 4.61 42.10 9.77
N SER A 94 5.26 41.47 10.73
CA SER A 94 6.68 41.66 11.04
C SER A 94 7.56 41.50 9.80
N VAL A 95 8.57 42.36 9.64
CA VAL A 95 9.70 42.03 8.75
C VAL A 95 10.28 40.69 9.18
N ALA A 96 10.52 40.55 10.47
CA ALA A 96 11.06 39.28 10.99
C ALA A 96 10.26 38.07 10.51
N ASP A 97 8.92 38.18 10.54
CA ASP A 97 8.05 37.05 10.21
C ASP A 97 8.05 36.76 8.72
N LEU A 98 7.88 37.82 7.91
CA LEU A 98 8.06 37.70 6.48
C LEU A 98 9.45 37.13 6.11
N ASN A 99 10.49 37.64 6.77
CA ASN A 99 11.86 37.22 6.51
C ASN A 99 11.96 35.70 6.72
N LYS A 100 11.40 35.22 7.84
CA LYS A 100 11.31 33.77 8.11
C LYS A 100 10.44 33.02 7.13
N GLY A 101 9.36 33.65 6.69
CA GLY A 101 8.51 33.07 5.65
C GLY A 101 9.26 32.85 4.34
N VAL A 102 10.02 33.84 3.91
CA VAL A 102 10.91 33.67 2.75
C VAL A 102 11.88 32.52 3.02
N ILE A 103 12.55 32.56 4.15
CA ILE A 103 13.69 31.72 4.36
C ILE A 103 13.32 30.28 4.70
N ILE A 104 12.48 30.12 5.73
CA ILE A 104 12.19 28.82 6.27
C ILE A 104 11.10 28.13 5.44
N GLN A 105 10.04 28.86 5.14
CA GLN A 105 8.88 28.32 4.44
C GLN A 105 8.97 28.46 2.91
N SER A 106 9.88 29.33 2.45
CA SER A 106 9.84 29.80 1.03
C SER A 106 8.43 30.27 0.62
N GLY A 107 7.82 31.11 1.45
CA GLY A 107 6.58 31.78 1.06
C GLY A 107 6.78 32.79 -0.06
N ASN A 108 6.05 32.58 -1.16
CA ASN A 108 6.16 33.42 -2.32
C ASN A 108 5.47 34.74 -2.13
N ASP A 109 4.41 34.72 -1.30
CA ASP A 109 3.75 35.95 -0.86
C ASP A 109 4.60 36.79 0.08
N ALA A 110 5.26 36.13 1.02
CA ALA A 110 6.24 36.80 1.84
C ALA A 110 7.27 37.54 0.96
N CYS A 111 7.67 36.91 -0.13
CA CYS A 111 8.66 37.51 -1.01
C CYS A 111 8.14 38.83 -1.54
N ILE A 112 6.89 38.85 -1.98
CA ILE A 112 6.34 40.02 -2.60
C ILE A 112 6.16 41.13 -1.59
N ALA A 113 5.60 40.78 -0.45
CA ALA A 113 5.36 41.78 0.62
C ALA A 113 6.67 42.46 1.04
N LEU A 114 7.72 41.69 1.19
CA LEU A 114 9.03 42.24 1.63
C LEU A 114 9.66 43.11 0.54
N ALA A 115 9.53 42.68 -0.71
CA ALA A 115 10.13 43.41 -1.83
C ALA A 115 9.48 44.76 -2.01
N ASP A 116 8.15 44.77 -1.95
CA ASP A 116 7.40 46.03 -1.92
C ASP A 116 7.89 46.90 -0.81
N TYR A 117 8.14 46.31 0.35
CA TYR A 117 8.57 47.11 1.51
C TYR A 117 10.03 47.60 1.38
N VAL A 118 10.92 46.75 0.89
CA VAL A 118 12.30 47.15 0.74
C VAL A 118 12.51 48.17 -0.39
N ALA A 119 11.86 47.94 -1.53
CA ALA A 119 12.25 48.59 -2.79
C ALA A 119 11.11 49.41 -3.41
N GLY A 120 9.91 49.28 -2.86
CA GLY A 120 8.76 50.06 -3.33
C GLY A 120 7.92 49.24 -4.26
N SER A 121 8.56 48.36 -5.01
CA SER A 121 7.90 47.60 -6.03
C SER A 121 8.71 46.34 -6.32
N GLN A 122 8.06 45.35 -6.89
CA GLN A 122 8.72 44.14 -7.36
C GLN A 122 9.81 44.43 -8.41
N GLU A 123 9.50 45.30 -9.37
CA GLU A 123 10.46 45.63 -10.44
C GLU A 123 11.74 46.29 -9.91
N SER A 124 11.60 47.22 -8.98
CA SER A 124 12.77 47.80 -8.33
C SER A 124 13.56 46.75 -7.54
N PHE A 125 12.87 45.87 -6.81
CA PHE A 125 13.54 44.81 -6.06
C PHE A 125 14.33 43.88 -6.97
N ILE A 126 13.70 43.44 -8.05
CA ILE A 126 14.36 42.62 -9.06
C ILE A 126 15.58 43.34 -9.63
N GLY A 127 15.49 44.67 -9.74
CA GLY A 127 16.64 45.47 -10.12
C GLY A 127 17.76 45.34 -9.12
N LEU A 128 17.44 45.34 -7.83
CA LEU A 128 18.44 45.08 -6.80
C LEU A 128 19.04 43.68 -6.90
N MET A 129 18.20 42.69 -7.15
CA MET A 129 18.68 41.28 -7.25
C MET A 129 19.71 41.13 -8.36
N ASN A 130 19.40 41.67 -9.53
CA ASN A 130 20.31 41.57 -10.66
C ASN A 130 21.53 42.48 -10.52
N GLY A 131 21.36 43.60 -9.83
CA GLY A 131 22.49 44.44 -9.42
C GLY A 131 23.54 43.69 -8.63
N TYR A 132 23.13 43.08 -7.50
CA TYR A 132 24.04 42.24 -6.73
C TYR A 132 24.61 41.08 -7.56
N ALA A 133 23.78 40.50 -8.41
CA ALA A 133 24.20 39.39 -9.22
C ALA A 133 25.42 39.77 -10.07
N LYS A 134 25.38 40.96 -10.69
CA LYS A 134 26.52 41.46 -11.46
C LYS A 134 27.72 41.78 -10.57
N LYS A 135 27.46 42.51 -9.49
CA LYS A 135 28.46 42.74 -8.45
C LYS A 135 29.21 41.47 -8.02
N LEU A 136 28.48 40.37 -7.86
CA LEU A 136 29.02 39.20 -7.22
C LEU A 136 29.70 38.31 -8.23
N GLY A 137 29.49 38.63 -9.51
CA GLY A 137 30.11 37.91 -10.61
C GLY A 137 29.29 36.72 -11.07
N LEU A 138 27.96 36.83 -10.93
CA LEU A 138 27.09 35.76 -11.37
C LEU A 138 26.83 35.89 -12.85
N THR A 139 27.84 35.59 -13.65
CA THR A 139 27.86 35.98 -15.05
C THR A 139 26.74 35.31 -15.86
N ASN A 140 26.24 34.18 -15.36
CA ASN A 140 25.21 33.44 -16.08
C ASN A 140 23.87 33.39 -15.32
N THR A 141 23.60 34.44 -14.57
CA THR A 141 22.38 34.50 -13.77
C THR A 141 21.62 35.77 -14.13
N THR A 142 20.34 35.62 -14.42
CA THR A 142 19.44 36.75 -14.44
C THR A 142 18.13 36.41 -13.77
N PHE A 143 17.70 37.27 -12.85
CA PHE A 143 16.45 37.07 -12.15
C PHE A 143 15.33 37.88 -12.76
N GLN A 144 14.13 37.31 -12.77
CA GLN A 144 12.99 37.92 -13.46
C GLN A 144 11.79 37.97 -12.52
N THR A 145 11.98 37.47 -11.30
CA THR A 145 10.92 37.55 -10.25
C THR A 145 11.55 37.72 -8.89
N VAL A 146 10.73 38.15 -7.90
CA VAL A 146 11.18 38.20 -6.49
C VAL A 146 11.12 36.85 -5.77
N HIS A 147 10.45 35.88 -6.38
CA HIS A 147 10.15 34.61 -5.67
C HIS A 147 10.64 33.38 -6.41
N GLY A 148 10.95 33.55 -7.69
CA GLY A 148 11.47 32.44 -8.47
C GLY A 148 10.40 31.60 -9.13
N LEU A 149 9.16 32.10 -9.16
CA LEU A 149 8.11 31.44 -9.94
C LEU A 149 8.31 31.62 -11.43
N ASP A 150 7.65 30.78 -12.22
CA ASP A 150 7.90 30.69 -13.66
C ASP A 150 7.99 32.06 -14.32
N ALA A 151 9.11 32.33 -14.97
CA ALA A 151 9.22 33.49 -15.85
C ALA A 151 10.11 33.20 -17.04
N PRO A 152 9.92 33.97 -18.13
CA PRO A 152 10.55 33.64 -19.41
C PRO A 152 12.08 33.53 -19.31
N GLY A 153 12.75 34.64 -19.00
CA GLY A 153 14.22 34.71 -19.11
C GLY A 153 14.94 34.60 -17.78
N GLN A 154 14.68 33.53 -17.05
CA GLN A 154 15.20 33.38 -15.68
C GLN A 154 16.02 32.12 -15.61
N PHE A 155 17.29 32.26 -15.24
CA PHE A 155 18.18 31.13 -15.15
C PHE A 155 19.30 31.39 -14.18
N SER A 156 19.95 30.32 -13.74
CA SER A 156 21.21 30.44 -13.05
C SER A 156 22.07 29.27 -13.43
N THR A 157 23.20 29.10 -12.75
CA THR A 157 24.00 27.90 -12.90
C THR A 157 24.40 27.36 -11.53
N ALA A 158 24.85 26.11 -11.48
CA ALA A 158 25.33 25.55 -10.22
C ALA A 158 26.48 26.39 -9.70
N ARG A 159 27.34 26.84 -10.61
CA ARG A 159 28.46 27.67 -10.21
C ARG A 159 28.01 29.02 -9.60
N ASP A 160 27.08 29.69 -10.27
CA ASP A 160 26.60 30.98 -9.79
C ASP A 160 25.84 30.83 -8.43
N MET A 161 25.06 29.78 -8.29
CA MET A 161 24.37 29.54 -7.03
C MET A 161 25.34 29.35 -5.85
N ALA A 162 26.44 28.63 -6.06
CA ALA A 162 27.49 28.45 -5.03
C ALA A 162 28.17 29.75 -4.66
N LEU A 163 28.53 30.52 -5.67
CA LEU A 163 29.09 31.86 -5.46
C LEU A 163 28.10 32.72 -4.63
N LEU A 164 26.82 32.66 -4.99
CA LEU A 164 25.78 33.41 -4.29
C LEU A 164 25.60 32.92 -2.87
N GLY A 165 25.61 31.60 -2.69
CA GLY A 165 25.52 31.03 -1.36
C GLY A 165 26.68 31.50 -0.52
N LYS A 166 27.85 31.52 -1.14
CA LYS A 166 29.07 31.94 -0.43
C LYS A 166 28.97 33.39 0.02
N ALA A 167 28.43 34.25 -0.84
CA ALA A 167 28.24 35.69 -0.47
C ALA A 167 27.19 35.90 0.66
N LEU A 168 26.06 35.19 0.59
CA LEU A 168 25.06 35.17 1.69
C LEU A 168 25.76 34.90 3.02
N ILE A 169 26.47 33.77 3.08
CA ILE A 169 27.14 33.36 4.31
C ILE A 169 28.14 34.42 4.72
N HIS A 170 28.85 34.96 3.74
CA HIS A 170 29.91 35.92 4.07
C HIS A 170 29.39 37.32 4.35
N ASP A 171 28.47 37.81 3.53
CA ASP A 171 28.15 39.25 3.55
C ASP A 171 27.03 39.59 4.53
N VAL A 172 26.06 38.66 4.66
CA VAL A 172 24.93 38.88 5.56
C VAL A 172 24.66 37.69 6.51
N PRO A 173 25.60 37.46 7.42
CA PRO A 173 25.64 36.23 8.17
C PRO A 173 24.42 36.11 9.10
N GLU A 174 23.81 37.24 9.44
CA GLU A 174 22.61 37.20 10.27
C GLU A 174 21.41 36.70 9.47
N GLU A 175 21.42 36.99 8.19
CA GLU A 175 20.40 36.49 7.31
C GLU A 175 20.65 34.99 7.00
N TYR A 176 21.92 34.60 6.82
CA TYR A 176 22.27 33.19 6.65
C TYR A 176 21.87 32.35 7.85
N ALA A 177 22.09 32.88 9.04
CA ALA A 177 21.85 32.12 10.25
C ALA A 177 20.39 31.64 10.36
N ILE A 178 19.45 32.36 9.74
CA ILE A 178 18.05 31.95 9.82
C ILE A 178 17.79 30.67 9.00
N HIS A 179 18.67 30.39 8.03
CA HIS A 179 18.44 29.28 7.09
C HIS A 179 18.57 27.90 7.73
N LYS A 180 19.22 27.82 8.89
CA LYS A 180 19.26 26.54 9.62
C LYS A 180 18.04 26.30 10.54
N GLU A 181 17.13 27.27 10.63
CA GLU A 181 15.98 27.14 11.51
C GLU A 181 15.00 26.09 11.00
N LYS A 182 14.77 25.05 11.82
CA LYS A 182 13.98 23.89 11.39
C LYS A 182 12.51 24.19 11.25
N GLU A 183 12.04 25.21 11.93
CA GLU A 183 10.63 25.57 11.82
C GLU A 183 10.45 27.01 12.21
N PHE A 184 9.31 27.57 11.88
CA PHE A 184 8.79 28.67 12.66
C PHE A 184 7.27 28.73 12.67
N THR A 185 6.74 29.48 13.61
CA THR A 185 5.32 29.50 13.84
C THR A 185 4.71 30.78 13.36
N PHE A 186 3.76 30.67 12.44
CA PHE A 186 3.03 31.82 12.01
C PHE A 186 1.54 31.51 12.08
N ASN A 187 0.77 32.48 12.57
CA ASN A 187 -0.64 32.27 12.83
C ASN A 187 -0.90 30.96 13.54
N LYS A 188 -0.16 30.71 14.61
CA LYS A 188 -0.42 29.56 15.48
C LYS A 188 -0.20 28.19 14.81
N ILE A 189 0.27 28.21 13.57
CA ILE A 189 0.68 26.98 12.90
C ILE A 189 2.20 26.93 12.69
N ARG A 190 2.84 25.84 13.09
CA ARG A 190 4.25 25.68 12.83
C ARG A 190 4.55 25.26 11.39
N GLN A 191 5.59 25.86 10.82
CA GLN A 191 5.91 25.69 9.41
C GLN A 191 7.32 25.15 9.33
N PRO A 192 7.49 23.98 8.71
CA PRO A 192 8.77 23.31 8.75
C PRO A 192 9.67 23.78 7.62
N ASN A 193 10.97 23.88 7.90
CA ASN A 193 11.98 23.99 6.83
C ASN A 193 11.98 22.74 5.97
N ARG A 194 11.85 22.89 4.66
N ARG A 194 11.87 22.92 4.65
CA ARG A 194 11.86 21.73 3.76
CA ARG A 194 11.87 21.79 3.71
C ARG A 194 13.26 21.27 3.34
C ARG A 194 13.26 21.17 3.48
N ASN A 195 14.30 21.85 3.94
CA ASN A 195 15.68 21.31 3.83
C ASN A 195 15.97 20.14 4.75
N ARG A 196 15.71 18.93 4.28
CA ARG A 196 15.80 17.73 5.10
C ARG A 196 17.22 17.48 5.58
N LEU A 197 18.19 18.06 4.90
CA LEU A 197 19.59 17.86 5.24
C LEU A 197 19.96 18.51 6.57
N LEU A 198 19.13 19.44 7.03
CA LEU A 198 19.29 20.00 8.39
C LEU A 198 19.20 18.92 9.48
N TRP A 199 18.57 17.79 9.14
CA TRP A 199 18.37 16.70 10.11
C TRP A 199 19.41 15.61 9.96
N SER A 200 20.38 15.82 9.07
CA SER A 200 21.43 14.81 8.83
C SER A 200 22.27 14.60 10.04
N SER A 201 22.47 13.35 10.40
CA SER A 201 23.34 12.99 11.51
C SER A 201 24.81 12.89 11.07
N ASN A 202 25.05 12.61 9.80
CA ASN A 202 26.42 12.39 9.28
C ASN A 202 27.11 13.65 8.73
N LEU A 203 26.43 14.79 8.84
CA LEU A 203 26.98 16.09 8.47
C LEU A 203 26.44 17.16 9.41
N ASN A 204 27.22 18.23 9.63
CA ASN A 204 26.69 19.47 10.21
C ASN A 204 26.21 20.46 9.16
N VAL A 205 25.02 20.24 8.66
CA VAL A 205 24.45 21.08 7.62
C VAL A 205 23.70 22.25 8.23
N ASP A 206 23.88 23.45 7.69
CA ASP A 206 23.20 24.62 8.27
C ASP A 206 22.56 25.55 7.24
N GLY A 207 22.45 25.05 6.01
CA GLY A 207 21.74 25.76 4.94
C GLY A 207 21.60 24.83 3.74
N MET A 208 20.89 25.27 2.70
CA MET A 208 20.52 26.65 2.56
C MET A 208 19.11 26.75 1.96
N LYS A 209 18.89 26.11 0.81
CA LYS A 209 17.67 26.32 0.07
C LYS A 209 17.34 25.17 -0.87
N THR A 210 16.07 24.78 -0.88
CA THR A 210 15.56 23.75 -1.76
C THR A 210 14.78 24.39 -2.88
N GLY A 211 14.61 23.65 -3.96
CA GLY A 211 13.88 24.13 -5.09
C GLY A 211 13.47 23.00 -5.98
N THR A 212 12.40 23.19 -6.70
CA THR A 212 11.85 22.14 -7.49
C THR A 212 11.24 22.72 -8.76
N THR A 213 11.90 22.47 -9.88
CA THR A 213 11.65 23.19 -11.12
C THR A 213 10.37 22.71 -11.82
N ALA A 214 10.08 23.30 -12.97
CA ALA A 214 8.95 22.90 -13.82
C ALA A 214 9.01 21.41 -14.21
N GLY A 215 10.02 21.05 -14.99
CA GLY A 215 10.18 19.66 -15.42
C GLY A 215 11.57 19.11 -15.12
N ALA A 216 12.53 20.03 -14.94
CA ALA A 216 13.96 19.67 -14.93
C ALA A 216 14.37 18.79 -13.73
N GLY A 217 13.56 18.80 -12.68
CA GLY A 217 13.83 17.98 -11.49
C GLY A 217 14.05 18.79 -10.21
N TYR A 218 14.92 18.29 -9.33
CA TYR A 218 15.00 18.78 -7.96
C TYR A 218 16.36 19.42 -7.63
N ASN A 219 16.33 20.55 -6.92
CA ASN A 219 17.52 21.35 -6.65
C ASN A 219 17.79 21.49 -5.15
N LEU A 220 19.06 21.67 -4.79
CA LEU A 220 19.45 21.98 -3.43
C LEU A 220 20.75 22.78 -3.48
N VAL A 221 20.77 23.89 -2.76
CA VAL A 221 22.01 24.49 -2.31
C VAL A 221 22.18 24.22 -0.83
N ALA A 222 23.28 23.57 -0.47
CA ALA A 222 23.50 23.19 0.87
C ALA A 222 24.87 23.71 1.29
N SER A 223 25.01 24.02 2.56
CA SER A 223 26.33 24.25 3.12
C SER A 223 26.47 23.56 4.43
N ALA A 224 27.68 23.13 4.73
CA ALA A 224 27.97 22.36 5.93
C ALA A 224 29.35 22.72 6.45
N THR A 225 29.59 22.42 7.74
CA THR A 225 30.87 22.69 8.37
C THR A 225 31.43 21.42 9.03
N GLN A 226 32.73 21.43 9.24
CA GLN A 226 33.42 20.32 9.86
C GLN A 226 34.79 20.82 10.25
N GLY A 227 35.04 20.84 11.54
CA GLY A 227 36.16 21.65 12.07
C GLY A 227 36.17 23.08 11.53
N ASP A 228 37.30 23.46 10.95
CA ASP A 228 37.55 24.84 10.53
C ASP A 228 36.94 25.08 9.16
N MET A 229 36.28 24.07 8.63
CA MET A 229 36.09 23.95 7.20
C MET A 229 34.62 24.13 6.88
N ARG A 230 34.33 24.80 5.76
CA ARG A 230 32.97 24.90 5.28
C ARG A 230 32.92 24.64 3.81
N LEU A 231 31.98 23.79 3.40
CA LEU A 231 31.74 23.48 2.00
C LEU A 231 30.36 23.91 1.56
N ILE A 232 30.25 24.27 0.29
CA ILE A 232 28.97 24.55 -0.32
C ILE A 232 28.76 23.59 -1.47
N SER A 233 27.59 22.98 -1.53
CA SER A 233 27.25 22.09 -2.64
C SER A 233 26.02 22.59 -3.35
N VAL A 234 26.00 22.44 -4.67
CA VAL A 234 24.79 22.67 -5.45
C VAL A 234 24.48 21.47 -6.31
N VAL A 235 23.23 21.05 -6.28
CA VAL A 235 22.76 19.97 -7.09
C VAL A 235 21.52 20.47 -7.80
N LEU A 236 21.55 20.46 -9.13
CA LEU A 236 20.44 20.92 -9.96
C LEU A 236 19.87 19.73 -10.76
N GLY A 237 18.56 19.64 -10.85
CA GLY A 237 17.92 18.66 -11.74
C GLY A 237 18.18 17.22 -11.34
N ALA A 238 18.11 16.93 -10.05
CA ALA A 238 17.94 15.57 -9.60
C ALA A 238 16.52 15.07 -9.90
N LYS A 239 16.39 13.76 -10.10
CA LYS A 239 15.17 13.20 -10.64
C LYS A 239 14.14 12.96 -9.56
N THR A 240 14.62 12.74 -8.33
CA THR A 240 13.73 12.64 -7.19
C THR A 240 14.20 13.47 -6.00
N ASP A 241 13.26 13.83 -5.14
CA ASP A 241 13.55 14.47 -3.87
C ASP A 241 14.64 13.73 -3.09
N ARG A 242 14.51 12.42 -2.99
CA ARG A 242 15.50 11.59 -2.33
C ARG A 242 16.91 11.72 -2.95
N ILE A 243 17.00 11.75 -4.28
CA ILE A 243 18.31 11.79 -4.91
C ILE A 243 18.90 13.19 -4.74
N ARG A 244 18.02 14.18 -4.77
CA ARG A 244 18.36 15.55 -4.51
C ARG A 244 19.19 15.67 -3.24
N PHE A 245 18.73 14.99 -2.17
CA PHE A 245 19.41 15.07 -0.87
C PHE A 245 20.63 14.15 -0.72
N ASN A 246 20.54 12.91 -1.18
CA ASN A 246 21.67 12.02 -0.96
C ASN A 246 22.89 12.29 -1.81
N GLU A 247 22.69 12.78 -3.03
CA GLU A 247 23.78 13.29 -3.86
C GLU A 247 24.47 14.50 -3.22
N SER A 248 23.68 15.45 -2.73
CA SER A 248 24.23 16.54 -1.96
C SER A 248 25.01 16.04 -0.77
N GLU A 249 24.39 15.13 -0.02
CA GLU A 249 25.03 14.55 1.13
C GLU A 249 26.37 13.93 0.75
N LYS A 250 26.38 13.16 -0.32
CA LYS A 250 27.60 12.42 -0.64
C LYS A 250 28.73 13.32 -1.18
N LEU A 251 28.37 14.40 -1.90
CA LEU A 251 29.38 15.41 -2.33
C LEU A 251 30.05 16.04 -1.11
N LEU A 252 29.25 16.57 -0.22
CA LEU A 252 29.75 17.19 1.02
C LEU A 252 30.65 16.22 1.79
N THR A 253 30.20 14.98 1.91
CA THR A 253 30.90 14.01 2.73
C THR A 253 32.25 13.70 2.09
N TRP A 254 32.27 13.58 0.79
CA TRP A 254 33.51 13.35 0.04
C TRP A 254 34.51 14.50 0.28
N GLY A 255 34.03 15.74 0.14
CA GLY A 255 34.90 16.91 0.28
C GLY A 255 35.58 16.99 1.63
N PHE A 256 34.79 16.84 2.71
CA PHE A 256 35.35 16.88 4.08
C PHE A 256 36.29 15.68 4.37
N ARG A 257 35.94 14.52 3.86
CA ARG A 257 36.71 13.29 4.15
C ARG A 257 38.15 13.41 3.64
N PHE A 258 38.30 13.94 2.43
CA PHE A 258 39.54 13.76 1.66
C PHE A 258 40.36 15.04 1.50
N PHE A 259 39.74 16.19 1.78
CA PHE A 259 40.41 17.47 1.66
C PHE A 259 40.46 18.25 2.96
N GLU A 260 41.47 19.10 3.11
CA GLU A 260 41.46 20.12 4.12
C GLU A 260 41.65 21.49 3.51
N THR A 261 41.30 22.50 4.29
CA THR A 261 41.49 23.87 3.91
C THR A 261 42.44 24.49 4.87
N VAL A 262 43.46 25.13 4.36
CA VAL A 262 44.42 25.79 5.23
C VAL A 262 44.69 27.21 4.72
N THR A 263 45.36 27.99 5.54
CA THR A 263 45.53 29.42 5.28
C THR A 263 46.96 29.83 5.60
N PRO A 264 47.86 29.63 4.63
CA PRO A 264 49.28 29.95 4.82
C PRO A 264 49.54 31.46 4.77
N ILE A 265 48.70 32.19 4.04
CA ILE A 265 48.75 33.64 4.08
C ILE A 265 47.47 34.20 4.65
N LYS A 266 47.52 34.61 5.91
CA LYS A 266 46.35 35.12 6.58
C LYS A 266 46.01 36.50 6.02
N PRO A 267 44.72 36.86 6.02
CA PRO A 267 44.34 38.23 5.71
C PRO A 267 45.13 39.21 6.59
N ASP A 268 45.48 40.36 6.04
CA ASP A 268 46.25 41.36 6.80
C ASP A 268 47.65 40.88 7.18
N ALA A 269 48.09 39.76 6.63
CA ALA A 269 49.46 39.30 6.83
C ALA A 269 50.37 39.75 5.70
N THR A 270 51.63 40.02 6.01
CA THR A 270 52.62 40.43 5.02
C THR A 270 53.36 39.22 4.47
N PHE A 271 53.35 39.08 3.15
CA PHE A 271 54.03 37.96 2.49
C PHE A 271 55.43 38.34 1.96
N VAL A 272 55.50 39.46 1.22
CA VAL A 272 56.77 40.12 0.90
C VAL A 272 56.73 41.61 1.27
N THR A 273 57.85 42.13 1.79
CA THR A 273 58.08 43.58 1.86
C THR A 273 58.99 44.01 0.71
N GLN A 274 58.52 44.96 -0.10
CA GLN A 274 59.22 45.37 -1.34
C GLN A 274 59.53 46.86 -1.35
N ARG A 275 60.70 47.21 -1.90
CA ARG A 275 61.07 48.60 -2.13
C ARG A 275 60.10 49.25 -3.09
N VAL A 276 59.74 50.49 -2.81
CA VAL A 276 58.93 51.25 -3.74
C VAL A 276 59.66 52.54 -4.14
N TRP A 277 59.51 52.95 -5.38
CA TRP A 277 60.24 54.10 -5.90
C TRP A 277 59.32 55.29 -5.97
N PHE A 278 59.82 56.43 -5.51
CA PHE A 278 59.18 57.71 -5.79
C PHE A 278 57.93 57.93 -4.93
N GLY A 279 57.85 57.23 -3.80
CA GLY A 279 56.68 57.36 -2.91
C GLY A 279 57.10 57.99 -1.59
N ASP A 280 56.14 58.30 -0.74
CA ASP A 280 56.48 58.88 0.57
C ASP A 280 56.79 57.79 1.59
N LYS A 281 56.82 56.56 1.12
CA LYS A 281 57.41 55.45 1.86
C LYS A 281 58.35 54.69 0.94
N SER A 282 59.46 54.20 1.47
CA SER A 282 60.46 53.54 0.64
C SER A 282 60.16 52.06 0.46
N GLU A 283 59.24 51.56 1.26
CA GLU A 283 58.95 50.13 1.31
C GLU A 283 57.45 49.91 1.51
N VAL A 284 56.97 48.75 1.05
CA VAL A 284 55.56 48.42 1.12
C VAL A 284 55.27 46.92 1.33
N ASN A 285 54.31 46.63 2.20
CA ASN A 285 53.88 45.27 2.45
C ASN A 285 52.95 44.76 1.37
N LEU A 286 53.23 43.53 0.93
CA LEU A 286 52.42 42.86 -0.06
C LEU A 286 51.90 41.57 0.54
N GLY A 287 50.68 41.18 0.18
CA GLY A 287 50.07 39.98 0.76
C GLY A 287 49.06 39.33 -0.17
N ALA A 288 48.19 38.50 0.40
CA ALA A 288 47.14 37.82 -0.36
C ALA A 288 45.77 38.44 -0.09
N GLY A 289 45.69 39.27 0.94
CA GLY A 289 44.42 39.73 1.45
C GLY A 289 43.59 38.54 1.92
N GLU A 290 42.35 38.48 1.47
CA GLU A 290 41.42 37.44 1.88
C GLU A 290 41.60 36.17 1.07
N ALA A 291 42.50 36.20 0.11
CA ALA A 291 42.59 35.15 -0.88
C ALA A 291 43.60 34.06 -0.48
N GLY A 292 43.91 33.99 0.80
CA GLY A 292 45.17 33.44 1.25
C GLY A 292 44.99 31.96 1.63
N SER A 293 43.79 31.43 1.37
CA SER A 293 43.43 30.06 1.80
C SER A 293 43.48 29.12 0.60
N VAL A 294 43.86 27.87 0.85
CA VAL A 294 43.92 26.88 -0.23
C VAL A 294 43.36 25.55 0.28
N THR A 295 42.71 24.81 -0.60
CA THR A 295 42.16 23.50 -0.26
C THR A 295 43.01 22.41 -0.92
N ILE A 296 43.60 21.55 -0.11
CA ILE A 296 44.52 20.53 -0.62
C ILE A 296 44.10 19.14 -0.06
N PRO A 297 44.50 18.05 -0.76
CA PRO A 297 44.29 16.70 -0.18
C PRO A 297 44.80 16.65 1.25
N ARG A 298 44.14 15.85 2.09
N ARG A 298 44.15 15.87 2.10
CA ARG A 298 44.51 15.72 3.50
CA ARG A 298 44.52 15.82 3.52
C ARG A 298 45.96 15.26 3.66
C ARG A 298 45.91 15.21 3.71
N GLY A 299 46.64 15.74 4.70
CA GLY A 299 47.98 15.28 5.01
C GLY A 299 49.11 16.06 4.35
N GLN A 300 48.77 17.08 3.57
CA GLN A 300 49.71 17.63 2.58
C GLN A 300 50.20 19.04 2.95
N LEU A 301 49.79 19.52 4.12
CA LEU A 301 50.31 20.79 4.63
C LEU A 301 51.84 20.76 4.64
N LYS A 302 52.41 19.73 5.27
CA LYS A 302 53.85 19.47 5.24
C LYS A 302 54.49 19.94 3.94
N ASN A 303 53.80 19.72 2.84
CA ASN A 303 54.40 19.81 1.52
C ASN A 303 53.95 21.05 0.77
N LEU A 304 53.19 21.90 1.45
CA LEU A 304 52.70 23.12 0.81
C LEU A 304 53.73 24.23 0.89
N LYS A 305 54.03 24.83 -0.26
CA LYS A 305 55.05 25.87 -0.35
C LYS A 305 54.55 27.01 -1.25
N ALA A 306 54.74 28.24 -0.79
CA ALA A 306 54.19 29.41 -1.49
C ALA A 306 55.31 30.21 -2.15
N SER A 307 55.08 30.62 -3.39
CA SER A 307 56.05 31.49 -4.06
C SER A 307 55.43 32.74 -4.65
N TYR A 308 56.24 33.80 -4.76
CA TYR A 308 55.78 35.01 -5.40
C TYR A 308 56.56 35.40 -6.63
N THR A 309 55.83 35.96 -7.60
CA THR A 309 56.43 36.59 -8.75
C THR A 309 55.81 37.98 -8.96
N LEU A 310 56.66 39.01 -9.00
CA LEU A 310 56.22 40.36 -9.31
C LEU A 310 56.10 40.56 -10.80
N THR A 311 55.06 41.27 -11.22
CA THR A 311 54.81 41.49 -12.64
C THR A 311 55.65 42.63 -13.22
N GLU A 312 56.12 43.52 -12.36
CA GLU A 312 57.09 44.52 -12.76
C GLU A 312 58.38 44.37 -11.97
N PRO A 313 59.53 44.62 -12.63
CA PRO A 313 60.80 44.39 -11.96
C PRO A 313 60.94 45.30 -10.73
N GLN A 314 60.34 46.47 -10.80
CA GLN A 314 60.53 47.50 -9.78
C GLN A 314 59.25 48.32 -9.55
N LEU A 315 58.88 48.47 -8.28
CA LEU A 315 57.57 48.98 -7.89
C LEU A 315 57.64 50.49 -7.77
N THR A 316 56.71 51.18 -8.44
CA THR A 316 56.69 52.63 -8.39
C THR A 316 55.38 53.18 -7.84
N ALA A 317 55.49 54.21 -7.00
CA ALA A 317 54.31 54.94 -6.54
C ALA A 317 53.66 55.75 -7.65
N PRO A 318 52.35 56.03 -7.52
CA PRO A 318 51.54 55.75 -6.32
C PRO A 318 51.01 54.31 -6.26
N LEU A 319 50.82 53.79 -5.04
CA LEU A 319 50.22 52.47 -4.84
C LEU A 319 48.98 52.60 -3.96
N LYS A 320 47.93 51.86 -4.29
CA LYS A 320 46.75 51.81 -3.43
C LYS A 320 46.57 50.44 -2.75
N LYS A 321 46.02 50.47 -1.54
CA LYS A 321 45.64 49.25 -0.83
C LYS A 321 44.74 48.40 -1.73
N GLY A 322 45.20 47.19 -2.08
CA GLY A 322 44.37 46.27 -2.89
C GLY A 322 44.83 46.08 -4.33
N GLN A 323 45.93 46.74 -4.69
CA GLN A 323 46.40 46.75 -6.06
C GLN A 323 47.30 45.54 -6.31
N VAL A 324 47.26 45.01 -7.53
CA VAL A 324 47.98 43.80 -7.81
C VAL A 324 49.26 44.00 -8.65
N VAL A 325 50.32 43.35 -8.23
CA VAL A 325 51.65 43.73 -8.62
C VAL A 325 52.46 42.46 -8.77
N GLY A 326 51.76 41.34 -8.96
CA GLY A 326 52.41 40.05 -8.98
C GLY A 326 51.49 38.92 -8.59
N THR A 327 52.09 37.80 -8.19
CA THR A 327 51.47 36.50 -8.31
C THR A 327 51.97 35.65 -7.16
N ILE A 328 51.05 35.18 -6.34
CA ILE A 328 51.40 34.14 -5.40
C ILE A 328 51.15 32.77 -6.01
N ASP A 329 52.21 31.97 -6.06
CA ASP A 329 52.10 30.61 -6.52
C ASP A 329 52.15 29.65 -5.35
N PHE A 330 51.10 28.83 -5.23
CA PHE A 330 51.07 27.77 -4.24
C PHE A 330 51.47 26.43 -4.86
N GLN A 331 52.52 25.85 -4.31
CA GLN A 331 53.07 24.64 -4.87
C GLN A 331 52.91 23.48 -3.93
N LEU A 332 52.73 22.29 -4.51
CA LEU A 332 52.50 21.09 -3.74
C LEU A 332 53.39 19.96 -4.25
N ASN A 333 54.25 19.45 -3.35
CA ASN A 333 55.28 18.50 -3.75
C ASN A 333 56.18 19.08 -4.84
N GLY A 334 56.29 20.40 -4.86
CA GLY A 334 57.05 21.09 -5.89
C GLY A 334 56.33 21.10 -7.24
N LYS A 335 55.05 20.78 -7.24
CA LYS A 335 54.21 21.04 -8.40
C LYS A 335 53.11 22.05 -8.10
N SER A 336 52.73 22.82 -9.12
CA SER A 336 52.03 24.08 -8.91
C SER A 336 50.52 23.88 -8.93
N ILE A 337 49.87 24.22 -7.82
CA ILE A 337 48.48 23.80 -7.59
C ILE A 337 47.50 24.99 -7.52
N GLU A 338 48.00 26.15 -7.12
CA GLU A 338 47.18 27.37 -7.11
C GLU A 338 48.03 28.63 -7.30
N GLN A 339 47.43 29.62 -7.97
CA GLN A 339 48.01 30.95 -8.05
C GLN A 339 47.01 32.02 -7.58
N ARG A 340 47.50 33.03 -6.87
CA ARG A 340 46.64 34.10 -6.35
CA ARG A 340 46.64 34.10 -6.35
C ARG A 340 47.26 35.50 -6.57
N PRO A 341 46.41 36.53 -6.62
CA PRO A 341 46.89 37.89 -6.82
C PRO A 341 47.73 38.35 -5.63
N LEU A 342 48.93 38.84 -5.91
CA LEU A 342 49.77 39.49 -4.91
C LEU A 342 49.38 40.95 -4.79
N ILE A 343 48.88 41.35 -3.62
CA ILE A 343 48.30 42.67 -3.45
C ILE A 343 49.01 43.61 -2.49
N VAL A 344 48.96 44.89 -2.79
CA VAL A 344 49.47 45.91 -1.90
C VAL A 344 48.60 46.01 -0.63
N MET A 345 49.24 46.03 0.53
CA MET A 345 48.53 46.01 1.80
C MET A 345 48.38 47.40 2.42
N GLU A 346 48.98 48.41 1.79
CA GLU A 346 48.92 49.78 2.30
C GLU A 346 49.05 50.77 1.17
N ASN A 347 48.33 51.88 1.25
CA ASN A 347 48.49 52.97 0.32
C ASN A 347 49.88 53.55 0.46
N VAL A 348 50.54 53.80 -0.66
CA VAL A 348 51.63 54.77 -0.66
C VAL A 348 51.59 55.75 -1.82
N GLU A 349 51.44 57.03 -1.47
CA GLU A 349 51.28 58.08 -2.45
C GLU A 349 52.62 58.46 -3.02
N GLU A 350 52.61 58.99 -4.23
CA GLU A 350 53.84 59.54 -4.82
C GLU A 350 54.37 60.64 -3.89
N GLY A 351 55.70 60.71 -3.76
CA GLY A 351 56.34 61.78 -2.95
C GLY A 351 56.02 63.18 -3.45
N GLY A 352 56.49 64.20 -2.72
CA GLY A 352 56.14 65.60 -3.04
C GLY A 352 57.29 66.62 -2.90
N ALA B 8 11.54 7.19 39.71
CA ALA B 8 10.47 7.97 39.01
C ALA B 8 11.04 9.23 38.36
N PRO B 9 11.37 9.16 37.06
CA PRO B 9 12.07 10.26 36.40
C PRO B 9 11.21 11.50 36.36
N SER B 10 11.81 12.65 36.58
CA SER B 10 11.13 13.92 36.29
C SER B 10 11.17 14.14 34.80
N VAL B 11 10.06 14.60 34.24
CA VAL B 11 10.04 14.97 32.83
C VAL B 11 9.59 16.39 32.66
N ASP B 12 10.22 17.08 31.72
CA ASP B 12 9.98 18.50 31.53
C ASP B 12 8.83 18.75 30.53
N ALA B 13 7.60 18.50 30.97
CA ALA B 13 6.43 18.76 30.14
C ALA B 13 5.17 18.88 31.00
N ARG B 14 4.07 19.30 30.42
CA ARG B 14 2.85 19.48 31.19
C ARG B 14 2.33 18.14 31.73
N ALA B 15 2.31 17.12 30.89
CA ALA B 15 1.79 15.84 31.31
C ALA B 15 2.51 14.71 30.61
N TRP B 16 2.53 13.54 31.23
CA TRP B 16 3.17 12.39 30.63
C TRP B 16 2.70 11.09 31.28
N ILE B 17 2.89 10.00 30.56
CA ILE B 17 2.68 8.69 31.11
C ILE B 17 3.54 7.67 30.36
N LEU B 18 3.84 6.56 31.03
CA LEU B 18 4.64 5.47 30.46
C LEU B 18 3.93 4.16 30.84
N MET B 19 3.50 3.40 29.83
CA MET B 19 2.60 2.26 30.06
C MET B 19 3.12 1.01 29.35
N ASP B 20 3.20 -0.10 30.08
CA ASP B 20 3.46 -1.38 29.44
C ASP B 20 2.27 -1.80 28.60
N TYR B 21 2.52 -2.20 27.36
CA TYR B 21 1.46 -2.53 26.40
C TYR B 21 0.68 -3.82 26.80
N ALA B 22 1.39 -4.84 27.25
CA ALA B 22 0.76 -6.16 27.50
C ALA B 22 -0.08 -6.21 28.80
N SER B 23 0.41 -5.54 29.84
CA SER B 23 -0.23 -5.54 31.14
C SER B 23 -1.06 -4.28 31.40
N GLY B 24 -0.73 -3.20 30.70
CA GLY B 24 -1.38 -1.91 30.92
C GLY B 24 -0.87 -1.20 32.16
N LYS B 25 0.19 -1.72 32.76
CA LYS B 25 0.77 -1.10 33.93
C LYS B 25 1.37 0.26 33.62
N VAL B 26 1.00 1.24 34.43
CA VAL B 26 1.61 2.54 34.41
C VAL B 26 2.93 2.56 35.22
N LEU B 27 4.04 2.80 34.54
CA LEU B 27 5.34 2.77 35.17
C LEU B 27 5.73 4.16 35.68
N ALA B 28 5.19 5.19 35.05
CA ALA B 28 5.54 6.56 35.39
C ALA B 28 4.43 7.47 34.89
N GLU B 29 4.26 8.63 35.52
CA GLU B 29 3.18 9.52 35.13
C GLU B 29 3.36 10.87 35.76
N GLY B 30 2.84 11.90 35.10
CA GLY B 30 2.66 13.22 35.69
C GLY B 30 1.43 13.89 35.09
N ASN B 31 0.55 14.40 35.96
CA ASN B 31 -0.70 15.05 35.52
C ASN B 31 -1.43 14.29 34.42
N ALA B 32 -1.45 12.97 34.55
CA ALA B 32 -1.80 12.10 33.44
C ALA B 32 -3.30 12.09 33.20
N ASP B 33 -4.05 12.74 34.10
CA ASP B 33 -5.50 12.89 33.93
C ASP B 33 -5.90 14.35 33.73
N GLU B 34 -4.93 15.22 33.56
CA GLU B 34 -5.22 16.60 33.21
C GLU B 34 -5.65 16.76 31.75
N LYS B 35 -6.79 17.41 31.54
CA LYS B 35 -7.33 17.59 30.20
C LYS B 35 -6.48 18.61 29.42
N LEU B 36 -5.87 18.17 28.34
CA LEU B 36 -5.03 19.03 27.50
C LEU B 36 -5.47 18.97 26.04
N ASP B 37 -5.08 19.98 25.26
CA ASP B 37 -5.28 19.96 23.81
C ASP B 37 -4.41 18.83 23.17
N PRO B 38 -5.07 17.90 22.44
CA PRO B 38 -4.35 16.76 21.84
C PRO B 38 -3.68 17.13 20.51
N ALA B 39 -4.16 18.19 19.87
CA ALA B 39 -3.76 18.50 18.49
C ALA B 39 -3.80 17.23 17.63
N SER B 40 -2.76 17.02 16.81
CA SER B 40 -2.79 15.94 15.86
C SER B 40 -2.83 14.54 16.47
N LEU B 41 -2.58 14.43 17.77
CA LEU B 41 -2.83 13.13 18.43
C LEU B 41 -4.27 12.64 18.23
N THR B 42 -5.17 13.57 17.93
CA THR B 42 -6.54 13.26 17.55
C THR B 42 -6.58 12.27 16.38
N LYS B 43 -5.56 12.33 15.51
CA LYS B 43 -5.54 11.50 14.31
C LYS B 43 -5.22 10.05 14.62
N ILE B 44 -4.74 9.78 15.82
CA ILE B 44 -4.69 8.40 16.34
C ILE B 44 -6.08 7.75 16.39
N MET B 45 -7.08 8.52 16.85
CA MET B 45 -8.48 8.07 16.81
C MET B 45 -9.04 8.07 15.41
N THR B 46 -8.66 9.07 14.61
CA THR B 46 -9.11 9.10 13.22
C THR B 46 -8.69 7.84 12.49
N SER B 47 -7.48 7.40 12.75
CA SER B 47 -6.95 6.21 12.14
C SER B 47 -7.56 4.89 12.75
N TYR B 48 -7.75 4.89 14.06
CA TYR B 48 -8.52 3.82 14.71
C TYR B 48 -9.85 3.56 14.02
N VAL B 49 -10.61 4.62 13.79
CA VAL B 49 -11.91 4.49 13.16
C VAL B 49 -11.78 3.97 11.72
N VAL B 50 -10.90 4.62 10.94
CA VAL B 50 -10.62 4.15 9.57
C VAL B 50 -10.23 2.65 9.58
N GLY B 51 -9.41 2.28 10.54
CA GLY B 51 -8.87 0.94 10.60
C GLY B 51 -9.94 -0.08 10.98
N GLN B 52 -10.91 0.35 11.77
CA GLN B 52 -12.07 -0.48 12.08
C GLN B 52 -12.94 -0.64 10.85
N ALA B 53 -13.13 0.44 10.11
CA ALA B 53 -13.86 0.36 8.85
C ALA B 53 -13.24 -0.70 7.90
N LEU B 54 -11.91 -0.65 7.75
CA LEU B 54 -11.22 -1.59 6.86
C LEU B 54 -11.36 -3.02 7.38
N LYS B 55 -11.12 -3.20 8.68
CA LYS B 55 -11.15 -4.51 9.32
C LYS B 55 -12.54 -5.18 9.18
N ALA B 56 -13.59 -4.36 9.14
CA ALA B 56 -14.96 -4.85 9.03
C ALA B 56 -15.41 -4.89 7.57
N ASP B 57 -14.51 -4.49 6.68
CA ASP B 57 -14.76 -4.59 5.24
C ASP B 57 -15.90 -3.72 4.82
N LYS B 58 -16.09 -2.57 5.49
CA LYS B 58 -17.04 -1.55 5.02
C LYS B 58 -16.40 -0.67 3.97
N ILE B 59 -15.06 -0.60 3.98
CA ILE B 59 -14.29 0.05 2.93
C ILE B 59 -13.05 -0.80 2.65
N LYS B 60 -12.34 -0.47 1.58
CA LYS B 60 -11.10 -1.18 1.21
C LYS B 60 -10.03 -0.20 0.81
N LEU B 61 -8.77 -0.59 0.97
CA LEU B 61 -7.65 0.24 0.56
C LEU B 61 -7.75 0.73 -0.88
N THR B 62 -8.36 -0.09 -1.75
CA THR B 62 -8.45 0.19 -3.18
C THR B 62 -9.60 1.12 -3.54
N ASP B 63 -10.47 1.40 -2.57
CA ASP B 63 -11.65 2.21 -2.83
C ASP B 63 -11.22 3.59 -3.28
N MET B 64 -11.93 4.14 -4.27
CA MET B 64 -11.65 5.46 -4.73
C MET B 64 -12.61 6.41 -4.07
N VAL B 65 -12.09 7.44 -3.40
CA VAL B 65 -12.94 8.47 -2.83
C VAL B 65 -12.83 9.84 -3.51
N THR B 66 -13.97 10.49 -3.65
CA THR B 66 -14.03 11.80 -4.26
C THR B 66 -13.95 12.91 -3.25
N VAL B 67 -13.07 13.88 -3.51
CA VAL B 67 -12.72 14.92 -2.54
C VAL B 67 -13.71 16.09 -2.63
N GLY B 68 -14.33 16.46 -1.51
CA GLY B 68 -15.29 17.55 -1.50
C GLY B 68 -14.62 18.92 -1.33
N LYS B 69 -15.43 19.97 -1.31
CA LYS B 69 -14.93 21.33 -1.09
C LYS B 69 -14.49 21.50 0.37
N ASP B 70 -15.05 20.68 1.25
CA ASP B 70 -14.69 20.70 2.67
C ASP B 70 -13.28 20.19 2.96
N ALA B 71 -12.75 19.38 2.06
CA ALA B 71 -11.37 18.89 2.19
C ALA B 71 -10.43 19.77 1.39
N TRP B 72 -10.92 20.93 0.98
CA TRP B 72 -10.12 21.85 0.19
C TRP B 72 -9.37 22.82 1.09
N ALA B 73 -8.04 22.70 1.09
CA ALA B 73 -7.16 23.56 1.88
C ALA B 73 -7.38 25.04 1.57
N THR B 74 -7.02 25.42 0.35
CA THR B 74 -7.31 26.75 -0.17
C THR B 74 -8.69 27.25 0.30
N GLY B 75 -9.75 26.72 -0.29
CA GLY B 75 -11.10 27.24 -0.08
C GLY B 75 -11.77 26.69 1.18
N ASN B 76 -10.98 26.53 2.24
CA ASN B 76 -11.52 26.22 3.57
C ASN B 76 -10.63 26.79 4.66
N PRO B 77 -11.13 27.81 5.37
CA PRO B 77 -10.28 28.63 6.21
C PRO B 77 -9.51 27.79 7.21
N ALA B 78 -10.23 26.88 7.88
CA ALA B 78 -9.78 26.31 9.15
C ALA B 78 -8.48 25.53 9.03
N LEU B 79 -8.13 25.12 7.81
CA LEU B 79 -6.95 24.34 7.62
C LEU B 79 -5.91 25.03 6.72
N ARG B 80 -6.28 26.20 6.19
CA ARG B 80 -5.33 27.05 5.49
C ARG B 80 -4.03 27.17 6.28
N GLY B 81 -2.93 26.70 5.70
CA GLY B 81 -1.62 26.79 6.34
C GLY B 81 -1.20 25.54 7.11
N SER B 82 -2.17 24.70 7.45
CA SER B 82 -1.88 23.47 8.21
C SER B 82 -1.24 22.43 7.29
N SER B 83 -0.74 21.33 7.85
CA SER B 83 -0.21 20.24 7.03
C SER B 83 -1.30 19.55 6.24
N VAL B 84 -0.99 19.20 5.00
CA VAL B 84 -1.99 19.08 3.97
C VAL B 84 -1.47 18.19 2.82
N MET B 85 -2.39 17.47 2.18
CA MET B 85 -2.08 16.64 1.02
C MET B 85 -2.27 17.43 -0.27
N PHE B 86 -2.93 18.57 -0.17
CA PHE B 86 -3.19 19.44 -1.33
C PHE B 86 -4.29 18.91 -2.24
N LEU B 87 -5.22 18.17 -1.64
CA LEU B 87 -6.40 17.72 -2.37
C LEU B 87 -7.21 18.91 -2.84
N LYS B 88 -7.74 18.83 -4.06
CA LYS B 88 -8.72 19.80 -4.55
C LYS B 88 -10.02 19.11 -4.94
N PRO B 89 -11.14 19.86 -4.89
CA PRO B 89 -12.47 19.34 -5.19
C PRO B 89 -12.48 18.55 -6.51
N GLY B 90 -13.19 17.42 -6.52
CA GLY B 90 -13.26 16.57 -7.71
C GLY B 90 -12.12 15.56 -7.82
N ASP B 91 -10.96 15.89 -7.25
CA ASP B 91 -9.91 14.89 -7.04
C ASP B 91 -10.51 13.53 -6.65
N GLN B 92 -10.03 12.46 -7.28
CA GLN B 92 -10.33 11.10 -6.85
C GLN B 92 -9.09 10.45 -6.29
N VAL B 93 -9.16 10.02 -5.03
CA VAL B 93 -7.97 9.53 -4.33
C VAL B 93 -8.29 8.21 -3.65
N SER B 94 -7.32 7.31 -3.58
CA SER B 94 -7.59 5.99 -3.00
C SER B 94 -7.59 6.05 -1.47
N VAL B 95 -8.33 5.14 -0.85
CA VAL B 95 -8.35 5.06 0.61
C VAL B 95 -6.94 4.87 1.13
N ALA B 96 -6.17 3.99 0.47
CA ALA B 96 -4.75 3.82 0.80
C ALA B 96 -3.97 5.14 0.93
N ASP B 97 -4.10 6.01 -0.08
CA ASP B 97 -3.25 7.22 -0.15
C ASP B 97 -3.72 8.20 0.93
N LEU B 98 -5.02 8.34 1.05
CA LEU B 98 -5.64 9.16 2.11
C LEU B 98 -5.20 8.67 3.49
N ASN B 99 -5.26 7.35 3.70
CA ASN B 99 -4.89 6.74 4.93
C ASN B 99 -3.45 7.10 5.33
N LYS B 100 -2.51 6.94 4.39
CA LYS B 100 -1.13 7.31 4.64
C LYS B 100 -1.04 8.83 4.85
N GLY B 101 -1.80 9.57 4.08
CA GLY B 101 -1.92 10.99 4.28
C GLY B 101 -2.14 11.34 5.73
N VAL B 102 -3.21 10.80 6.32
CA VAL B 102 -3.49 11.16 7.70
C VAL B 102 -2.40 10.63 8.59
N ILE B 103 -1.93 9.43 8.30
CA ILE B 103 -1.07 8.73 9.24
C ILE B 103 0.35 9.26 9.19
N ILE B 104 0.90 9.34 7.99
CA ILE B 104 2.31 9.74 7.87
C ILE B 104 2.47 11.26 7.84
N GLN B 105 1.63 11.95 7.05
CA GLN B 105 1.82 13.37 6.80
C GLN B 105 1.02 14.22 7.77
N SER B 106 0.15 13.56 8.54
CA SER B 106 -0.90 14.25 9.29
C SER B 106 -1.65 15.25 8.44
N GLY B 107 -2.07 14.82 7.26
CA GLY B 107 -2.85 15.67 6.38
C GLY B 107 -4.23 15.93 6.93
N ASN B 108 -4.51 17.22 7.20
CA ASN B 108 -5.78 17.62 7.77
C ASN B 108 -6.88 17.53 6.74
N ASP B 109 -6.53 17.73 5.48
CA ASP B 109 -7.48 17.54 4.38
C ASP B 109 -7.77 16.05 4.11
N ALA B 110 -6.76 15.20 4.29
CA ALA B 110 -6.95 13.77 4.12
C ALA B 110 -7.95 13.21 5.15
N CYS B 111 -7.91 13.76 6.38
CA CYS B 111 -8.85 13.37 7.44
C CYS B 111 -10.26 13.66 7.05
N ILE B 112 -10.47 14.82 6.45
CA ILE B 112 -11.81 15.23 6.09
C ILE B 112 -12.35 14.41 4.94
N ALA B 113 -11.53 14.18 3.92
CA ALA B 113 -11.98 13.41 2.77
C ALA B 113 -12.27 11.96 3.19
N LEU B 114 -11.42 11.42 4.05
CA LEU B 114 -11.63 10.06 4.59
C LEU B 114 -12.83 10.01 5.56
N ALA B 115 -13.01 11.06 6.37
CA ALA B 115 -14.14 11.12 7.29
C ALA B 115 -15.48 11.04 6.56
N ASP B 116 -15.66 11.98 5.62
CA ASP B 116 -16.78 11.95 4.70
C ASP B 116 -17.04 10.56 4.09
N TYR B 117 -15.99 9.87 3.68
CA TYR B 117 -16.18 8.63 2.92
C TYR B 117 -16.68 7.52 3.86
N VAL B 118 -16.03 7.40 5.02
CA VAL B 118 -16.39 6.39 6.00
C VAL B 118 -17.81 6.61 6.62
N ALA B 119 -18.14 7.86 6.99
CA ALA B 119 -19.34 8.13 7.80
C ALA B 119 -20.31 9.12 7.19
N GLY B 120 -19.98 9.63 6.02
CA GLY B 120 -20.92 10.49 5.28
C GLY B 120 -20.75 11.98 5.55
N SER B 121 -20.26 12.32 6.73
CA SER B 121 -19.98 13.71 7.08
C SER B 121 -18.94 13.77 8.17
N GLN B 122 -18.40 14.95 8.40
CA GLN B 122 -17.47 15.15 9.50
C GLN B 122 -18.12 14.90 10.86
N GLU B 123 -19.34 15.37 11.03
CA GLU B 123 -20.03 15.22 12.31
C GLU B 123 -20.41 13.76 12.68
N SER B 124 -20.84 12.96 11.71
CA SER B 124 -21.05 11.56 12.00
C SER B 124 -19.74 10.83 12.31
N PHE B 125 -18.66 11.21 11.62
CA PHE B 125 -17.37 10.60 11.90
C PHE B 125 -16.94 10.92 13.32
N ILE B 126 -17.15 12.17 13.72
CA ILE B 126 -16.86 12.60 15.07
C ILE B 126 -17.70 11.84 16.15
N GLY B 127 -18.98 11.60 15.85
CA GLY B 127 -19.77 10.65 16.67
C GLY B 127 -19.11 9.28 16.86
N LEU B 128 -18.57 8.73 15.78
CA LEU B 128 -17.83 7.47 15.85
C LEU B 128 -16.61 7.61 16.75
N MET B 129 -15.89 8.70 16.60
CA MET B 129 -14.68 8.92 17.40
C MET B 129 -15.00 8.94 18.88
N ASN B 130 -16.03 9.71 19.25
CA ASN B 130 -16.53 9.73 20.62
C ASN B 130 -17.22 8.42 21.07
N GLY B 131 -17.82 7.72 20.13
CA GLY B 131 -18.34 6.39 20.43
C GLY B 131 -17.25 5.42 20.86
N TYR B 132 -16.15 5.39 20.11
CA TYR B 132 -15.02 4.55 20.49
C TYR B 132 -14.29 5.09 21.70
N ALA B 133 -14.27 6.41 21.87
CA ALA B 133 -13.66 6.97 23.08
C ALA B 133 -14.35 6.42 24.34
N LYS B 134 -15.67 6.35 24.32
CA LYS B 134 -16.43 5.84 25.47
C LYS B 134 -16.21 4.34 25.60
N LYS B 135 -16.27 3.64 24.47
CA LYS B 135 -16.04 2.20 24.42
C LYS B 135 -14.66 1.78 24.98
N LEU B 136 -13.62 2.57 24.67
CA LEU B 136 -12.28 2.24 25.18
C LEU B 136 -11.98 2.81 26.57
N GLY B 137 -12.95 3.52 27.15
CA GLY B 137 -12.78 4.06 28.51
C GLY B 137 -11.89 5.29 28.56
N LEU B 138 -11.93 6.08 27.50
CA LEU B 138 -11.27 7.38 27.49
C LEU B 138 -12.13 8.43 28.21
N THR B 139 -12.10 8.39 29.55
CA THR B 139 -13.16 9.04 30.33
C THR B 139 -13.02 10.54 30.33
N ASN B 140 -11.83 11.01 29.96
CA ASN B 140 -11.54 12.44 29.96
C ASN B 140 -11.23 12.98 28.57
N THR B 141 -11.77 12.32 27.56
CA THR B 141 -11.46 12.64 26.20
C THR B 141 -12.73 12.93 25.47
N THR B 142 -12.79 14.11 24.86
CA THR B 142 -13.80 14.37 23.85
C THR B 142 -13.23 15.06 22.61
N PHE B 143 -13.52 14.47 21.44
CA PHE B 143 -13.10 15.03 20.17
C PHE B 143 -14.19 15.93 19.60
N GLN B 144 -13.78 17.03 18.96
CA GLN B 144 -14.73 17.93 18.29
C GLN B 144 -14.41 18.09 16.81
N THR B 145 -13.34 17.44 16.36
CA THR B 145 -12.89 17.54 14.97
C THR B 145 -12.35 16.19 14.52
N VAL B 146 -12.16 16.04 13.21
CA VAL B 146 -11.61 14.81 12.67
C VAL B 146 -10.10 14.90 12.50
N HIS B 147 -9.53 16.06 12.79
CA HIS B 147 -8.10 16.28 12.55
C HIS B 147 -7.40 16.78 13.81
N GLY B 148 -8.17 17.34 14.74
CA GLY B 148 -7.61 17.91 15.95
C GLY B 148 -7.03 19.29 15.75
N LEU B 149 -7.42 19.95 14.69
CA LEU B 149 -7.18 21.38 14.58
C LEU B 149 -8.06 22.09 15.59
N ASP B 150 -7.56 23.19 16.12
CA ASP B 150 -7.94 23.59 17.46
C ASP B 150 -9.41 23.97 17.51
N ALA B 151 -10.12 23.43 18.50
CA ALA B 151 -11.56 23.68 18.65
C ALA B 151 -11.99 23.56 20.10
N PRO B 152 -12.95 24.41 20.52
CA PRO B 152 -13.21 24.71 21.92
C PRO B 152 -13.37 23.48 22.83
N GLY B 153 -14.33 22.62 22.55
CA GLY B 153 -14.70 21.59 23.51
C GLY B 153 -13.86 20.32 23.38
N GLN B 154 -12.59 20.49 22.98
CA GLN B 154 -11.74 19.37 22.57
C GLN B 154 -10.57 19.17 23.52
N PHE B 155 -10.49 17.99 24.13
N PHE B 155 -10.52 18.01 24.16
CA PHE B 155 -9.42 17.67 25.04
CA PHE B 155 -9.46 17.70 25.13
C PHE B 155 -9.14 16.18 25.04
C PHE B 155 -9.16 16.20 25.09
N SER B 156 -7.93 15.82 25.48
CA SER B 156 -7.66 14.47 25.96
C SER B 156 -6.69 14.52 27.12
N THR B 157 -6.19 13.35 27.53
CA THR B 157 -5.20 13.28 28.57
C THR B 157 -4.13 12.28 28.20
N ALA B 158 -3.01 12.33 28.90
CA ALA B 158 -1.92 11.42 28.66
C ALA B 158 -2.34 9.97 28.91
N ARG B 159 -3.04 9.72 30.02
CA ARG B 159 -3.58 8.40 30.26
C ARG B 159 -4.44 7.91 29.11
N ASP B 160 -5.35 8.75 28.64
CA ASP B 160 -6.30 8.33 27.62
C ASP B 160 -5.63 8.09 26.28
N MET B 161 -4.57 8.85 26.02
CA MET B 161 -3.83 8.75 24.79
C MET B 161 -3.01 7.48 24.75
N ALA B 162 -2.48 7.09 25.90
CA ALA B 162 -1.84 5.79 26.03
C ALA B 162 -2.86 4.62 25.82
N LEU B 163 -3.98 4.67 26.53
CA LEU B 163 -5.06 3.69 26.33
C LEU B 163 -5.42 3.58 24.84
N LEU B 164 -5.64 4.72 24.19
CA LEU B 164 -5.99 4.76 22.78
C LEU B 164 -4.89 4.16 21.90
N GLY B 165 -3.65 4.56 22.14
CA GLY B 165 -2.50 3.96 21.46
C GLY B 165 -2.46 2.44 21.65
N LYS B 166 -2.58 2.01 22.88
CA LYS B 166 -2.64 0.58 23.17
C LYS B 166 -3.75 -0.14 22.36
N ALA B 167 -4.90 0.51 22.20
CA ALA B 167 -6.01 -0.07 21.46
C ALA B 167 -5.71 -0.10 19.96
N LEU B 168 -5.10 0.97 19.47
CA LEU B 168 -4.71 1.01 18.07
C LEU B 168 -3.78 -0.15 17.78
N ILE B 169 -2.71 -0.25 18.54
CA ILE B 169 -1.76 -1.33 18.33
C ILE B 169 -2.50 -2.67 18.32
N HIS B 170 -3.43 -2.83 19.26
CA HIS B 170 -4.01 -4.15 19.56
C HIS B 170 -5.14 -4.49 18.60
N ASP B 171 -6.06 -3.54 18.41
CA ASP B 171 -7.30 -3.82 17.68
C ASP B 171 -7.14 -3.74 16.16
N VAL B 172 -6.32 -2.79 15.68
CA VAL B 172 -6.18 -2.56 14.25
C VAL B 172 -4.74 -2.55 13.81
N PRO B 173 -4.05 -3.68 13.99
CA PRO B 173 -2.59 -3.70 13.88
C PRO B 173 -2.08 -3.32 12.48
N GLU B 174 -2.89 -3.57 11.46
CA GLU B 174 -2.52 -3.24 10.08
C GLU B 174 -2.55 -1.74 9.85
N GLU B 175 -3.43 -1.06 10.57
CA GLU B 175 -3.40 0.38 10.59
C GLU B 175 -2.17 0.88 11.35
N TYR B 176 -1.87 0.24 12.48
CA TYR B 176 -0.69 0.63 13.27
C TYR B 176 0.62 0.47 12.52
N ALA B 177 0.69 -0.54 11.63
CA ALA B 177 1.95 -0.85 10.97
C ALA B 177 2.34 0.27 10.00
N ILE B 178 1.36 1.05 9.58
CA ILE B 178 1.62 2.19 8.74
C ILE B 178 2.30 3.35 9.48
N HIS B 179 2.20 3.36 10.81
CA HIS B 179 2.69 4.46 11.62
C HIS B 179 4.24 4.51 11.67
N LYS B 180 4.86 3.40 11.27
CA LYS B 180 6.32 3.19 11.21
C LYS B 180 6.95 3.96 10.04
N GLU B 181 6.14 4.25 9.02
CA GLU B 181 6.66 4.65 7.72
C GLU B 181 7.20 6.08 7.72
N LYS B 182 8.39 6.27 7.16
CA LYS B 182 9.11 7.53 7.35
C LYS B 182 8.80 8.56 6.27
N GLU B 183 8.30 8.11 5.14
CA GLU B 183 8.12 8.98 3.98
C GLU B 183 6.81 8.68 3.34
N PHE B 184 6.18 9.70 2.78
CA PHE B 184 5.07 9.47 1.93
C PHE B 184 4.99 10.50 0.82
N THR B 185 4.82 10.01 -0.42
CA THR B 185 4.82 10.88 -1.60
C THR B 185 3.48 10.84 -2.30
N PHE B 186 2.90 11.99 -2.51
CA PHE B 186 1.67 12.07 -3.25
C PHE B 186 1.69 13.32 -4.11
N ASN B 187 1.23 13.19 -5.36
CA ASN B 187 1.27 14.31 -6.29
C ASN B 187 2.72 14.81 -6.40
N LYS B 188 3.65 13.86 -6.51
CA LYS B 188 5.09 14.15 -6.58
C LYS B 188 5.68 14.95 -5.40
N ILE B 189 4.86 15.30 -4.41
CA ILE B 189 5.38 15.98 -3.20
C ILE B 189 5.62 14.99 -2.06
N ARG B 190 6.88 14.85 -1.66
CA ARG B 190 7.23 13.95 -0.57
C ARG B 190 7.18 14.66 0.78
N GLN B 191 6.67 13.96 1.79
CA GLN B 191 6.67 14.49 3.14
C GLN B 191 7.10 13.46 4.15
N PRO B 192 7.97 13.86 5.08
CA PRO B 192 8.49 12.94 6.03
C PRO B 192 7.51 12.79 7.19
N ASN B 193 7.53 11.62 7.82
CA ASN B 193 6.96 11.45 9.15
C ASN B 193 7.65 12.34 10.17
N ARG B 194 6.89 13.16 10.89
CA ARG B 194 7.49 14.09 11.85
C ARG B 194 8.00 13.45 13.15
N ASN B 195 7.64 12.17 13.37
CA ASN B 195 8.15 11.44 14.55
C ASN B 195 9.61 11.06 14.41
N ARG B 196 10.48 11.90 14.96
CA ARG B 196 11.91 11.77 14.79
C ARG B 196 12.44 10.50 15.46
N LEU B 197 11.71 9.99 16.45
CA LEU B 197 12.17 8.78 17.14
C LEU B 197 12.16 7.56 16.22
N LEU B 198 11.49 7.65 15.09
CA LEU B 198 11.56 6.59 14.07
C LEU B 198 13.00 6.40 13.56
N TRP B 199 13.82 7.45 13.67
CA TRP B 199 15.19 7.42 13.19
C TRP B 199 16.17 7.13 14.33
N SER B 200 15.65 6.95 15.54
CA SER B 200 16.50 6.67 16.69
C SER B 200 17.32 5.38 16.51
N SER B 201 18.59 5.45 16.92
CA SER B 201 19.47 4.26 16.89
C SER B 201 19.38 3.47 18.20
N ASN B 202 18.99 4.16 19.27
CA ASN B 202 19.06 3.58 20.62
C ASN B 202 17.78 2.87 21.05
N LEU B 203 16.69 3.14 20.34
CA LEU B 203 15.42 2.46 20.59
C LEU B 203 14.88 1.90 19.29
N ASN B 204 14.11 0.82 19.40
CA ASN B 204 13.23 0.41 18.34
C ASN B 204 11.85 1.07 18.47
N VAL B 205 11.68 2.26 17.89
CA VAL B 205 10.40 2.98 17.95
C VAL B 205 9.68 2.79 16.64
N ASP B 206 8.41 2.37 16.69
CA ASP B 206 7.64 2.17 15.46
C ASP B 206 6.30 2.89 15.47
N GLY B 207 6.16 3.86 16.37
CA GLY B 207 5.08 4.83 16.29
C GLY B 207 5.27 5.89 17.33
N MET B 208 4.37 6.86 17.39
CA MET B 208 3.04 6.70 16.81
C MET B 208 2.58 7.98 16.15
N LYS B 209 2.63 9.08 16.89
CA LYS B 209 2.06 10.32 16.39
C LYS B 209 2.56 11.56 17.11
N THR B 210 2.88 12.61 16.32
CA THR B 210 3.30 13.91 16.88
C THR B 210 2.12 14.88 16.76
N GLY B 211 2.18 15.97 17.53
CA GLY B 211 1.25 17.09 17.33
C GLY B 211 1.72 18.31 18.08
N THR B 212 1.32 19.48 17.59
CA THR B 212 1.66 20.75 18.23
C THR B 212 0.39 21.59 18.41
N THR B 213 0.07 21.95 19.64
CA THR B 213 -1.12 22.74 19.94
C THR B 213 -0.97 24.19 19.44
N ALA B 214 -2.10 24.88 19.30
CA ALA B 214 -2.11 26.31 19.12
C ALA B 214 -1.43 27.04 20.28
N GLY B 215 -1.39 26.41 21.44
CA GLY B 215 -0.63 26.94 22.57
C GLY B 215 0.88 26.82 22.39
N ALA B 216 1.29 26.30 21.22
CA ALA B 216 2.68 25.85 21.01
C ALA B 216 3.14 24.81 22.04
N GLY B 217 2.21 23.95 22.50
CA GLY B 217 2.58 22.71 23.18
C GLY B 217 2.95 21.61 22.20
N TYR B 218 4.10 20.97 22.43
CA TYR B 218 4.52 19.82 21.61
C TYR B 218 4.17 18.47 22.26
N ASN B 219 3.37 17.67 21.54
CA ASN B 219 2.91 16.34 22.03
C ASN B 219 3.58 15.20 21.27
N LEU B 220 3.75 14.05 21.94
CA LEU B 220 4.18 12.80 21.28
C LEU B 220 3.53 11.61 21.97
N VAL B 221 2.94 10.73 21.17
CA VAL B 221 2.74 9.34 21.58
C VAL B 221 3.68 8.46 20.83
N ALA B 222 4.53 7.78 21.58
CA ALA B 222 5.54 6.89 21.05
C ALA B 222 5.28 5.46 21.53
N SER B 223 5.68 4.48 20.73
CA SER B 223 5.76 3.13 21.19
C SER B 223 7.06 2.49 20.74
N ALA B 224 7.62 1.64 21.59
CA ALA B 224 8.90 0.99 21.33
C ALA B 224 8.87 -0.46 21.81
N THR B 225 9.76 -1.28 21.25
CA THR B 225 9.87 -2.67 21.62
C THR B 225 11.29 -3.01 21.96
N GLN B 226 11.43 -3.93 22.91
CA GLN B 226 12.70 -4.56 23.21
C GLN B 226 12.40 -6.03 23.43
N GLY B 227 12.59 -6.84 22.39
CA GLY B 227 12.19 -8.24 22.42
C GLY B 227 10.69 -8.44 22.52
N ASP B 228 10.26 -9.10 23.59
CA ASP B 228 8.84 -9.43 23.79
C ASP B 228 8.03 -8.21 24.27
N MET B 229 8.74 -7.22 24.79
CA MET B 229 8.16 -6.21 25.65
C MET B 229 7.87 -4.93 24.88
N ARG B 230 6.67 -4.38 25.05
CA ARG B 230 6.31 -3.13 24.36
C ARG B 230 5.91 -2.03 25.34
N LEU B 231 6.58 -0.88 25.23
CA LEU B 231 6.20 0.30 26.01
C LEU B 231 5.52 1.32 25.14
N ILE B 232 4.58 2.05 25.75
CA ILE B 232 3.95 3.22 25.15
C ILE B 232 4.26 4.41 26.02
N SER B 233 4.60 5.55 25.41
CA SER B 233 4.85 6.76 26.17
C SER B 233 4.06 7.88 25.60
N VAL B 234 3.57 8.74 26.49
CA VAL B 234 2.91 9.97 26.08
C VAL B 234 3.54 11.15 26.79
N VAL B 235 3.82 12.19 26.00
CA VAL B 235 4.34 13.43 26.54
C VAL B 235 3.52 14.52 25.94
N LEU B 236 2.99 15.41 26.80
CA LEU B 236 2.03 16.42 26.38
C LEU B 236 2.54 17.80 26.78
N GLY B 237 2.48 18.76 25.86
CA GLY B 237 2.80 20.15 26.15
C GLY B 237 4.25 20.36 26.56
N ALA B 238 5.17 19.69 25.87
CA ALA B 238 6.57 20.08 25.93
C ALA B 238 6.74 21.43 25.21
N LYS B 239 7.65 22.28 25.67
CA LYS B 239 7.72 23.63 25.07
C LYS B 239 8.52 23.70 23.75
N THR B 240 9.36 22.69 23.50
CA THR B 240 10.09 22.59 22.22
C THR B 240 10.04 21.22 21.56
N ASP B 241 10.19 21.25 20.24
CA ASP B 241 10.34 20.04 19.44
C ASP B 241 11.31 19.06 20.04
N ARG B 242 12.48 19.54 20.45
CA ARG B 242 13.58 18.67 20.87
C ARG B 242 13.27 18.02 22.23
N ILE B 243 12.68 18.80 23.13
CA ILE B 243 12.26 18.30 24.45
C ILE B 243 11.18 17.20 24.33
N ARG B 244 10.20 17.41 23.46
CA ARG B 244 9.17 16.41 23.18
C ARG B 244 9.80 15.03 22.86
N PHE B 245 10.82 15.01 22.00
CA PHE B 245 11.51 13.78 21.68
C PHE B 245 12.44 13.31 22.76
N ASN B 246 13.25 14.23 23.29
CA ASN B 246 14.21 13.83 24.32
C ASN B 246 13.53 13.19 25.53
N GLU B 247 12.44 13.77 25.97
CA GLU B 247 11.75 13.30 27.17
C GLU B 247 11.08 11.94 26.95
N SER B 248 10.43 11.76 25.81
CA SER B 248 9.92 10.45 25.42
C SER B 248 11.02 9.39 25.46
N GLU B 249 12.19 9.71 24.90
CA GLU B 249 13.26 8.71 24.83
C GLU B 249 13.74 8.37 26.22
N LYS B 250 13.87 9.41 27.05
CA LYS B 250 14.19 9.21 28.44
C LYS B 250 13.21 8.21 29.08
N LEU B 251 11.93 8.41 28.84
CA LEU B 251 10.90 7.61 29.51
C LEU B 251 10.99 6.16 29.05
N LEU B 252 10.97 5.97 27.74
CA LEU B 252 11.05 4.63 27.17
C LEU B 252 12.30 3.89 27.63
N THR B 253 13.42 4.59 27.66
CA THR B 253 14.68 3.97 28.00
C THR B 253 14.69 3.55 29.47
N TRP B 254 14.21 4.44 30.33
CA TRP B 254 14.03 4.14 31.73
C TRP B 254 13.12 2.90 31.91
N GLY B 255 12.02 2.84 31.18
CA GLY B 255 11.09 1.72 31.26
C GLY B 255 11.77 0.37 31.01
N PHE B 256 12.50 0.26 29.92
CA PHE B 256 13.14 -1.00 29.58
C PHE B 256 14.19 -1.39 30.60
N ARG B 257 14.94 -0.40 31.09
CA ARG B 257 16.05 -0.67 32.00
C ARG B 257 15.53 -1.30 33.29
N PHE B 258 14.45 -0.75 33.82
CA PHE B 258 14.05 -1.03 35.18
C PHE B 258 12.89 -2.03 35.27
N PHE B 259 12.32 -2.41 34.14
CA PHE B 259 11.09 -3.21 34.14
C PHE B 259 11.08 -4.29 33.08
N GLU B 260 10.39 -5.38 33.38
CA GLU B 260 10.16 -6.42 32.39
C GLU B 260 8.75 -6.97 32.51
N THR B 261 8.24 -7.49 31.41
CA THR B 261 6.89 -7.97 31.35
C THR B 261 6.91 -9.45 31.12
N VAL B 262 6.13 -10.18 31.90
CA VAL B 262 6.07 -11.62 31.76
C VAL B 262 4.63 -12.06 31.69
N THR B 263 4.40 -13.24 31.11
CA THR B 263 3.04 -13.78 30.95
C THR B 263 2.91 -15.17 31.56
N PRO B 264 2.81 -15.25 32.89
CA PRO B 264 2.70 -16.57 33.58
C PRO B 264 1.46 -17.38 33.16
N ILE B 265 0.35 -16.70 32.88
CA ILE B 265 -0.84 -17.37 32.37
C ILE B 265 -1.21 -16.88 30.98
N LYS B 266 -1.10 -17.78 30.00
CA LYS B 266 -1.26 -17.38 28.60
C LYS B 266 -2.72 -17.25 28.20
N PRO B 267 -2.99 -16.40 27.21
CA PRO B 267 -4.34 -16.31 26.70
C PRO B 267 -4.81 -17.69 26.25
N ASP B 268 -6.05 -18.03 26.54
CA ASP B 268 -6.60 -19.31 26.12
C ASP B 268 -6.06 -20.48 26.97
N ALA B 269 -5.14 -20.21 27.87
CA ALA B 269 -4.67 -21.25 28.79
C ALA B 269 -5.62 -21.42 29.97
N THR B 270 -5.80 -22.65 30.39
CA THR B 270 -6.40 -22.96 31.68
C THR B 270 -5.41 -22.69 32.79
N PHE B 271 -5.78 -21.79 33.70
CA PHE B 271 -5.06 -21.64 34.96
C PHE B 271 -5.51 -22.70 35.96
N VAL B 272 -6.82 -22.73 36.25
CA VAL B 272 -7.36 -23.77 37.12
C VAL B 272 -8.65 -24.42 36.63
N THR B 273 -8.82 -25.67 36.98
CA THR B 273 -10.07 -26.36 36.77
C THR B 273 -10.79 -26.50 38.09
N GLN B 274 -12.08 -26.15 38.09
CA GLN B 274 -12.86 -26.05 39.30
C GLN B 274 -14.15 -26.84 39.12
N ARG B 275 -14.57 -27.53 40.18
CA ARG B 275 -15.86 -28.17 40.21
C ARG B 275 -16.96 -27.13 40.00
N VAL B 276 -17.91 -27.45 39.14
CA VAL B 276 -19.12 -26.69 39.04
C VAL B 276 -20.38 -27.56 39.32
N TRP B 277 -21.34 -26.99 40.04
CA TRP B 277 -22.53 -27.71 40.48
C TRP B 277 -23.71 -27.45 39.57
N PHE B 278 -24.49 -28.50 39.31
CA PHE B 278 -25.83 -28.36 38.69
C PHE B 278 -25.75 -27.94 37.24
N GLY B 279 -24.65 -28.27 36.56
CA GLY B 279 -24.53 -27.97 35.14
C GLY B 279 -24.44 -29.18 34.24
N ASP B 280 -24.32 -28.94 32.94
CA ASP B 280 -24.16 -30.02 31.99
C ASP B 280 -22.71 -30.51 31.90
N LYS B 281 -21.82 -29.84 32.61
N LYS B 281 -21.82 -29.83 32.62
CA LYS B 281 -20.48 -30.36 32.83
CA LYS B 281 -20.46 -30.33 32.82
C LYS B 281 -20.10 -30.29 34.30
C LYS B 281 -20.09 -30.28 34.30
N SER B 282 -19.17 -31.15 34.70
CA SER B 282 -18.88 -31.34 36.11
C SER B 282 -17.72 -30.44 36.60
N GLU B 283 -16.87 -29.99 35.68
CA GLU B 283 -15.76 -29.06 36.01
C GLU B 283 -15.71 -27.90 34.99
N VAL B 284 -15.16 -26.75 35.39
CA VAL B 284 -14.87 -25.66 34.43
C VAL B 284 -13.39 -25.30 34.42
N ASN B 285 -12.88 -25.04 33.24
CA ASN B 285 -11.58 -24.40 33.10
C ASN B 285 -11.66 -22.88 33.31
N LEU B 286 -10.83 -22.39 34.22
CA LEU B 286 -10.76 -20.97 34.48
C LEU B 286 -9.38 -20.44 34.10
N GLY B 287 -9.34 -19.20 33.59
CA GLY B 287 -8.13 -18.66 33.00
C GLY B 287 -7.95 -17.18 33.24
N ALA B 288 -6.97 -16.61 32.57
CA ALA B 288 -6.70 -15.18 32.65
C ALA B 288 -7.23 -14.46 31.40
N GLY B 289 -7.52 -15.23 30.35
CA GLY B 289 -7.59 -14.68 28.99
C GLY B 289 -6.47 -13.65 28.83
N GLU B 290 -6.78 -12.51 28.23
CA GLU B 290 -5.76 -11.78 27.49
C GLU B 290 -4.84 -11.10 28.50
N ALA B 291 -5.27 -11.08 29.76
CA ALA B 291 -4.79 -10.09 30.73
C ALA B 291 -4.04 -10.84 31.82
N GLY B 292 -3.38 -11.94 31.43
CA GLY B 292 -2.39 -12.58 32.28
C GLY B 292 -0.95 -12.11 32.25
N SER B 293 -0.70 -10.98 31.60
CA SER B 293 0.63 -10.39 31.63
C SER B 293 0.83 -9.50 32.84
N VAL B 294 2.02 -9.53 33.40
CA VAL B 294 2.34 -8.67 34.50
C VAL B 294 3.69 -8.03 34.28
N THR B 295 3.81 -6.77 34.72
CA THR B 295 5.07 -6.01 34.61
C THR B 295 5.70 -5.82 35.98
N ILE B 296 6.96 -6.22 36.12
CA ILE B 296 7.63 -6.17 37.40
C ILE B 296 8.98 -5.57 37.24
N PRO B 297 9.61 -5.17 38.35
CA PRO B 297 11.00 -4.77 38.36
C PRO B 297 11.89 -5.82 37.71
N ARG B 298 12.80 -5.34 36.89
CA ARG B 298 13.79 -6.19 36.23
C ARG B 298 14.59 -7.01 37.24
N GLY B 299 14.62 -8.33 37.06
CA GLY B 299 15.34 -9.22 37.96
C GLY B 299 14.47 -9.89 39.04
N GLN B 300 13.19 -9.50 39.12
CA GLN B 300 12.33 -9.96 40.21
C GLN B 300 11.54 -11.21 39.83
N LEU B 301 11.74 -11.68 38.61
CA LEU B 301 10.93 -12.75 38.06
C LEU B 301 10.93 -13.96 39.01
N LYS B 302 12.07 -14.23 39.61
CA LYS B 302 12.26 -15.42 40.40
C LYS B 302 11.45 -15.35 41.70
N ASN B 303 10.91 -14.17 42.00
CA ASN B 303 10.11 -13.98 43.20
C ASN B 303 8.62 -13.91 42.91
N LEU B 304 8.26 -13.92 41.63
CA LEU B 304 6.88 -13.79 41.26
C LEU B 304 6.11 -15.00 41.76
N LYS B 305 5.05 -14.74 42.53
CA LYS B 305 4.08 -15.77 42.87
C LYS B 305 2.70 -15.38 42.39
N ALA B 306 1.85 -16.37 42.15
CA ALA B 306 0.46 -16.12 41.79
C ALA B 306 -0.51 -16.93 42.65
N SER B 307 -1.65 -16.30 42.99
CA SER B 307 -2.76 -16.95 43.72
C SER B 307 -4.04 -16.74 42.94
N TYR B 308 -5.03 -17.58 43.19
CA TYR B 308 -6.40 -17.29 42.77
C TYR B 308 -7.36 -17.26 43.96
N THR B 309 -8.47 -16.58 43.78
CA THR B 309 -9.53 -16.53 44.78
C THR B 309 -10.84 -16.57 44.03
N LEU B 310 -11.76 -17.40 44.47
CA LEU B 310 -13.08 -17.44 43.88
C LEU B 310 -13.98 -16.48 44.62
N THR B 311 -14.83 -15.76 43.89
CA THR B 311 -15.86 -14.97 44.53
C THR B 311 -16.83 -15.89 45.31
N GLU B 312 -17.41 -16.86 44.60
CA GLU B 312 -18.30 -17.84 45.23
C GLU B 312 -17.50 -19.00 45.85
N PRO B 313 -17.94 -19.48 47.02
CA PRO B 313 -17.26 -20.61 47.65
C PRO B 313 -17.45 -21.92 46.85
N GLN B 314 -18.64 -22.11 46.29
CA GLN B 314 -18.89 -23.19 45.32
C GLN B 314 -19.48 -22.60 44.06
N LEU B 315 -19.05 -23.12 42.91
CA LEU B 315 -19.44 -22.56 41.62
C LEU B 315 -20.69 -23.26 41.09
N THR B 316 -21.62 -22.49 40.53
CA THR B 316 -22.87 -23.04 40.03
C THR B 316 -23.13 -22.61 38.59
N ALA B 317 -23.78 -23.48 37.82
CA ALA B 317 -24.21 -23.13 36.47
C ALA B 317 -25.33 -22.09 36.49
N PRO B 318 -25.55 -21.39 35.37
CA PRO B 318 -24.79 -21.53 34.15
C PRO B 318 -23.54 -20.65 34.17
N LEU B 319 -22.59 -20.95 33.31
CA LEU B 319 -21.35 -20.18 33.27
C LEU B 319 -21.03 -19.85 31.83
N LYS B 320 -20.75 -18.59 31.55
CA LYS B 320 -20.43 -18.15 30.18
C LYS B 320 -18.93 -17.91 30.00
N LYS B 321 -18.42 -18.34 28.85
CA LYS B 321 -17.13 -17.89 28.35
C LYS B 321 -16.95 -16.41 28.59
N GLY B 322 -15.97 -16.05 29.42
CA GLY B 322 -15.67 -14.64 29.70
C GLY B 322 -16.19 -14.13 31.02
N GLN B 323 -17.10 -14.88 31.63
CA GLN B 323 -17.67 -14.49 32.91
C GLN B 323 -16.60 -14.51 33.98
N VAL B 324 -16.58 -13.51 34.85
CA VAL B 324 -15.60 -13.47 35.92
C VAL B 324 -16.13 -14.06 37.19
N VAL B 325 -15.32 -14.92 37.82
CA VAL B 325 -15.76 -15.69 38.98
C VAL B 325 -14.78 -15.53 40.13
N GLY B 326 -13.82 -14.62 39.97
CA GLY B 326 -12.94 -14.25 41.05
C GLY B 326 -11.72 -13.53 40.54
N THR B 327 -10.63 -13.57 41.31
CA THR B 327 -9.45 -12.75 41.04
C THR B 327 -8.17 -13.62 41.01
N ILE B 328 -7.30 -13.34 40.04
CA ILE B 328 -5.90 -13.77 40.11
C ILE B 328 -5.04 -12.67 40.71
N ASP B 329 -4.18 -13.05 41.65
N ASP B 329 -4.14 -13.05 41.61
CA ASP B 329 -3.24 -12.12 42.27
CA ASP B 329 -3.24 -12.09 42.25
C ASP B 329 -1.80 -12.52 42.00
C ASP B 329 -1.78 -12.47 42.11
N PHE B 330 -0.99 -11.58 41.53
CA PHE B 330 0.46 -11.73 41.49
C PHE B 330 1.12 -10.97 42.63
N GLN B 331 2.06 -11.62 43.34
CA GLN B 331 2.78 -10.95 44.43
C GLN B 331 4.29 -11.03 44.31
N LEU B 332 4.97 -10.30 45.18
CA LEU B 332 6.40 -10.03 45.05
C LEU B 332 6.95 -9.54 46.40
N ASN B 333 7.88 -10.29 46.97
CA ASN B 333 8.51 -9.94 48.25
C ASN B 333 7.56 -9.65 49.41
N GLY B 334 6.26 -9.91 49.22
CA GLY B 334 5.22 -9.26 50.03
C GLY B 334 3.88 -9.96 49.95
N LYS B 335 3.00 -9.45 49.08
CA LYS B 335 3.05 -8.08 48.57
C LYS B 335 2.38 -8.04 47.23
N SER B 336 1.07 -7.86 47.24
CA SER B 336 0.32 -7.83 46.00
C SER B 336 0.77 -6.68 45.12
N ILE B 337 0.94 -6.97 43.84
CA ILE B 337 1.45 -5.98 42.90
C ILE B 337 0.60 -5.89 41.64
N GLU B 338 -0.23 -6.90 41.42
CA GLU B 338 -1.21 -6.86 40.34
C GLU B 338 -2.43 -7.72 40.67
N GLN B 339 -3.57 -7.31 40.12
CA GLN B 339 -4.80 -8.07 40.27
C GLN B 339 -5.51 -8.14 38.93
N ARG B 340 -5.93 -9.34 38.54
CA ARG B 340 -6.69 -9.49 37.33
C ARG B 340 -7.91 -10.35 37.58
N PRO B 341 -8.88 -10.30 36.67
CA PRO B 341 -10.04 -11.16 36.78
C PRO B 341 -9.71 -12.64 36.49
N LEU B 342 -10.29 -13.54 37.30
CA LEU B 342 -10.33 -14.96 36.97
C LEU B 342 -11.59 -15.23 36.17
N ILE B 343 -11.45 -15.74 34.96
CA ILE B 343 -12.62 -15.87 34.08
C ILE B 343 -12.81 -17.29 33.53
N VAL B 344 -14.04 -17.61 33.13
CA VAL B 344 -14.33 -18.92 32.61
C VAL B 344 -13.97 -19.08 31.13
N MET B 345 -13.42 -20.24 30.81
CA MET B 345 -12.80 -20.45 29.52
C MET B 345 -13.68 -21.32 28.63
N GLU B 346 -14.82 -21.75 29.19
CA GLU B 346 -15.73 -22.64 28.46
C GLU B 346 -17.15 -22.54 29.02
N ASN B 347 -18.14 -22.57 28.14
CA ASN B 347 -19.55 -22.51 28.56
C ASN B 347 -19.94 -23.70 29.42
N VAL B 348 -20.78 -23.46 30.43
CA VAL B 348 -21.43 -24.54 31.15
C VAL B 348 -22.92 -24.28 31.30
N GLU B 349 -23.73 -25.06 30.61
CA GLU B 349 -25.17 -24.95 30.72
C GLU B 349 -25.63 -25.41 32.09
N GLU B 350 -26.73 -24.85 32.56
CA GLU B 350 -27.54 -25.49 33.59
C GLU B 350 -27.86 -26.92 33.19
N GLY B 351 -27.80 -27.82 34.15
CA GLY B 351 -27.87 -29.25 33.88
C GLY B 351 -29.30 -29.75 33.71
N GLY B 352 -29.42 -31.02 33.34
CA GLY B 352 -30.71 -31.61 33.02
C GLY B 352 -31.55 -30.69 32.16
N GLU C 7 -2.82 14.79 -13.94
CA GLU C 7 -2.32 14.30 -12.62
C GLU C 7 -2.24 12.76 -12.58
N ALA C 8 -1.03 12.24 -12.38
CA ALA C 8 -0.78 10.80 -12.46
C ALA C 8 -1.49 10.03 -11.33
N PRO C 9 -2.09 8.87 -11.68
CA PRO C 9 -2.69 7.94 -10.70
C PRO C 9 -1.63 7.13 -9.97
N SER C 10 -1.97 6.65 -8.78
CA SER C 10 -1.06 5.86 -7.97
C SER C 10 -1.44 4.41 -8.08
N VAL C 11 -0.45 3.52 -8.18
CA VAL C 11 -0.74 2.10 -8.26
C VAL C 11 0.11 1.20 -7.37
N ASP C 12 -0.53 0.22 -6.75
CA ASP C 12 0.09 -0.61 -5.72
C ASP C 12 0.68 -1.87 -6.34
N ALA C 13 1.85 -1.73 -6.95
CA ALA C 13 2.55 -2.87 -7.55
C ALA C 13 3.94 -2.46 -7.96
N ARG C 14 4.78 -3.46 -8.26
CA ARG C 14 6.19 -3.20 -8.51
C ARG C 14 6.42 -2.44 -9.82
N ALA C 15 5.50 -2.59 -10.79
CA ALA C 15 5.62 -1.89 -12.06
C ALA C 15 4.31 -1.83 -12.82
N TRP C 16 4.20 -0.84 -13.72
CA TRP C 16 3.00 -0.69 -14.52
C TRP C 16 3.22 0.22 -15.70
N ILE C 17 2.33 0.12 -16.68
CA ILE C 17 2.32 1.07 -17.77
C ILE C 17 0.91 1.19 -18.34
N LEU C 18 0.61 2.35 -18.89
CA LEU C 18 -0.65 2.59 -19.61
C LEU C 18 -0.27 3.23 -20.93
N MET C 19 -0.77 2.67 -22.03
CA MET C 19 -0.33 3.04 -23.37
C MET C 19 -1.51 3.04 -24.31
N ASP C 20 -1.65 4.13 -25.08
CA ASP C 20 -2.58 4.14 -26.17
C ASP C 20 -2.12 3.23 -27.32
N TYR C 21 -3.01 2.35 -27.76
CA TYR C 21 -2.72 1.42 -28.86
C TYR C 21 -2.39 2.17 -30.15
N ALA C 22 -3.28 3.09 -30.55
CA ALA C 22 -3.18 3.75 -31.86
C ALA C 22 -1.92 4.61 -32.01
N SER C 23 -1.56 5.32 -30.96
CA SER C 23 -0.56 6.37 -31.06
C SER C 23 0.74 5.92 -30.42
N GLY C 24 0.65 4.92 -29.55
CA GLY C 24 1.80 4.42 -28.82
C GLY C 24 2.16 5.26 -27.59
N LYS C 25 1.46 6.36 -27.38
CA LYS C 25 1.81 7.24 -26.24
C LYS C 25 1.63 6.54 -24.90
N VAL C 26 2.65 6.62 -24.05
CA VAL C 26 2.54 6.19 -22.66
C VAL C 26 1.84 7.26 -21.82
N LEU C 27 0.67 6.91 -21.29
CA LEU C 27 -0.13 7.83 -20.50
C LEU C 27 0.33 7.86 -19.04
N ALA C 28 1.01 6.80 -18.61
CA ALA C 28 1.39 6.68 -17.21
C ALA C 28 2.22 5.43 -17.02
N GLU C 29 3.12 5.48 -16.05
CA GLU C 29 4.12 4.44 -15.92
C GLU C 29 4.73 4.52 -14.55
N GLY C 30 5.02 3.36 -13.98
CA GLY C 30 5.95 3.28 -12.88
C GLY C 30 6.87 2.09 -12.99
N ASN C 31 8.16 2.36 -13.12
CA ASN C 31 9.16 1.31 -13.10
C ASN C 31 9.06 0.45 -14.37
N ALA C 32 8.81 1.12 -15.47
CA ALA C 32 8.31 0.48 -16.68
C ALA C 32 9.45 -0.18 -17.43
N ASP C 33 10.67 0.00 -16.94
CA ASP C 33 11.83 -0.63 -17.54
C ASP C 33 12.55 -1.55 -16.57
N GLU C 34 11.86 -1.96 -15.52
CA GLU C 34 12.46 -2.82 -14.50
C GLU C 34 12.21 -4.31 -14.78
N LYS C 35 13.28 -5.08 -14.91
CA LYS C 35 13.19 -6.48 -15.32
C LYS C 35 12.60 -7.37 -14.23
N LEU C 36 11.45 -7.95 -14.50
CA LEU C 36 10.75 -8.79 -13.53
C LEU C 36 10.29 -10.09 -14.18
N ASP C 37 9.85 -11.03 -13.34
CA ASP C 37 9.34 -12.30 -13.83
C ASP C 37 7.96 -12.13 -14.50
N PRO C 38 7.85 -12.55 -15.77
CA PRO C 38 6.63 -12.41 -16.55
C PRO C 38 5.56 -13.45 -16.20
N ALA C 39 5.99 -14.59 -15.68
CA ALA C 39 5.09 -15.73 -15.49
C ALA C 39 4.27 -16.01 -16.77
N SER C 40 2.98 -16.28 -16.60
CA SER C 40 2.16 -16.68 -17.71
C SER C 40 2.03 -15.60 -18.79
N LEU C 41 2.46 -14.39 -18.47
CA LEU C 41 2.51 -13.33 -19.48
C LEU C 41 3.41 -13.76 -20.66
N THR C 42 4.33 -14.68 -20.39
CA THR C 42 5.11 -15.35 -21.43
C THR C 42 4.23 -15.88 -22.57
N LYS C 43 3.05 -16.41 -22.23
CA LYS C 43 2.20 -17.06 -23.22
C LYS C 43 1.61 -16.07 -24.21
N ILE C 44 1.77 -14.78 -23.93
CA ILE C 44 1.48 -13.78 -24.94
C ILE C 44 2.40 -13.94 -26.16
N MET C 45 3.68 -14.16 -25.93
CA MET C 45 4.62 -14.43 -27.03
C MET C 45 4.36 -15.82 -27.65
N THR C 46 4.18 -16.83 -26.80
CA THR C 46 3.78 -18.17 -27.27
C THR C 46 2.65 -18.08 -28.30
N SER C 47 1.61 -17.34 -27.96
CA SER C 47 0.48 -17.16 -28.85
C SER C 47 0.80 -16.29 -30.06
N TYR C 48 1.70 -15.34 -29.89
CA TYR C 48 2.14 -14.53 -31.02
C TYR C 48 2.79 -15.45 -32.07
N VAL C 49 3.67 -16.32 -31.62
CA VAL C 49 4.35 -17.26 -32.52
C VAL C 49 3.36 -18.22 -33.19
N VAL C 50 2.54 -18.87 -32.38
CA VAL C 50 1.50 -19.76 -32.89
C VAL C 50 0.63 -19.02 -33.88
N GLY C 51 0.28 -17.78 -33.56
CA GLY C 51 -0.52 -16.97 -34.46
C GLY C 51 0.16 -16.73 -35.82
N GLN C 52 1.46 -16.48 -35.78
CA GLN C 52 2.26 -16.30 -37.02
C GLN C 52 2.32 -17.61 -37.83
N ALA C 53 2.37 -18.74 -37.13
CA ALA C 53 2.43 -20.03 -37.80
C ALA C 53 1.12 -20.27 -38.53
N LEU C 54 0.00 -19.89 -37.90
CA LEU C 54 -1.31 -20.02 -38.51
C LEU C 54 -1.51 -19.01 -39.64
N LYS C 55 -1.14 -17.77 -39.39
CA LYS C 55 -1.29 -16.73 -40.38
C LYS C 55 -0.48 -17.06 -41.67
N ALA C 56 0.67 -17.71 -41.50
CA ALA C 56 1.50 -18.12 -42.64
C ALA C 56 1.07 -19.49 -43.22
N ASP C 57 -0.04 -20.03 -42.72
CA ASP C 57 -0.56 -21.35 -43.15
C ASP C 57 0.44 -22.50 -43.01
N LYS C 58 1.34 -22.41 -42.04
CA LYS C 58 2.26 -23.52 -41.77
C LYS C 58 1.59 -24.60 -40.91
N ILE C 59 0.58 -24.19 -40.13
CA ILE C 59 -0.27 -25.11 -39.40
C ILE C 59 -1.71 -24.69 -39.61
N LYS C 60 -2.63 -25.60 -39.34
CA LYS C 60 -4.05 -25.27 -39.36
C LYS C 60 -4.70 -25.54 -38.01
N LEU C 61 -5.81 -24.84 -37.74
CA LEU C 61 -6.61 -25.09 -36.54
C LEU C 61 -7.08 -26.53 -36.47
N THR C 62 -7.39 -27.09 -37.63
CA THR C 62 -7.94 -28.44 -37.71
C THR C 62 -6.87 -29.54 -37.55
N ASP C 63 -5.59 -29.16 -37.47
CA ASP C 63 -4.49 -30.16 -37.37
C ASP C 63 -4.59 -30.89 -36.05
N MET C 64 -4.42 -32.22 -36.09
CA MET C 64 -4.37 -33.03 -34.89
C MET C 64 -2.95 -33.20 -34.39
N VAL C 65 -2.72 -32.84 -33.14
CA VAL C 65 -1.40 -32.88 -32.55
C VAL C 65 -1.32 -34.06 -31.60
N THR C 66 -0.17 -34.73 -31.58
CA THR C 66 0.05 -35.81 -30.62
C THR C 66 0.82 -35.30 -29.43
N VAL C 67 0.30 -35.57 -28.24
CA VAL C 67 0.92 -35.11 -27.02
C VAL C 67 2.07 -36.03 -26.65
N GLY C 68 3.24 -35.46 -26.41
CA GLY C 68 4.42 -36.24 -26.07
C GLY C 68 4.66 -36.39 -24.58
N LYS C 69 5.69 -37.13 -24.23
CA LYS C 69 6.03 -37.37 -22.84
C LYS C 69 6.31 -36.05 -22.10
N ASP C 70 6.74 -35.04 -22.85
CA ASP C 70 7.22 -33.79 -22.27
C ASP C 70 6.08 -32.83 -21.92
N ALA C 71 4.85 -33.30 -22.07
CA ALA C 71 3.68 -32.45 -21.88
C ALA C 71 2.71 -33.01 -20.86
N TRP C 72 3.23 -33.69 -19.84
CA TRP C 72 2.46 -33.97 -18.64
C TRP C 72 3.31 -34.03 -17.36
N ALA C 73 2.65 -34.38 -16.26
CA ALA C 73 3.25 -34.24 -14.93
C ALA C 73 4.26 -35.35 -14.66
N THR C 74 3.86 -36.58 -14.97
CA THR C 74 4.74 -37.74 -14.78
C THR C 74 5.95 -37.68 -15.71
N GLY C 75 5.92 -36.76 -16.68
CA GLY C 75 6.91 -36.71 -17.75
C GLY C 75 7.97 -35.65 -17.53
N ASN C 76 7.60 -34.57 -16.85
CA ASN C 76 8.58 -33.65 -16.27
C ASN C 76 8.06 -32.90 -15.05
N PRO C 77 8.94 -32.66 -14.05
CA PRO C 77 8.58 -32.01 -12.80
C PRO C 77 8.35 -30.51 -12.97
N ALA C 78 9.01 -29.92 -13.97
CA ALA C 78 8.93 -28.49 -14.20
C ALA C 78 7.48 -28.02 -14.21
N LEU C 79 6.56 -28.93 -14.53
CA LEU C 79 5.12 -28.68 -14.39
C LEU C 79 4.65 -28.88 -12.95
N ARG C 80 5.09 -28.00 -12.06
CA ARG C 80 5.08 -28.27 -10.62
C ARG C 80 3.73 -27.96 -10.01
N GLY C 81 2.68 -28.62 -10.52
CA GLY C 81 1.31 -28.39 -10.04
C GLY C 81 0.74 -27.06 -10.48
N SER C 82 1.28 -26.50 -11.56
CA SER C 82 0.75 -25.26 -12.14
C SER C 82 -0.39 -25.54 -13.10
N SER C 83 -0.98 -24.48 -13.66
CA SER C 83 -2.15 -24.61 -14.53
C SER C 83 -1.86 -25.47 -15.77
N VAL C 84 -2.84 -26.28 -16.15
CA VAL C 84 -2.59 -27.46 -16.95
C VAL C 84 -3.90 -27.98 -17.50
N MET C 85 -3.88 -28.36 -18.78
CA MET C 85 -5.09 -28.66 -19.52
C MET C 85 -5.62 -30.04 -19.18
N PHE C 86 -4.75 -30.88 -18.59
CA PHE C 86 -5.07 -32.28 -18.35
C PHE C 86 -4.91 -33.09 -19.63
N LEU C 87 -3.67 -33.51 -19.87
CA LEU C 87 -3.25 -34.03 -21.17
C LEU C 87 -2.27 -35.15 -20.91
N LYS C 88 -2.44 -36.27 -21.61
CA LYS C 88 -1.50 -37.38 -21.45
C LYS C 88 -0.93 -37.91 -22.78
N PRO C 89 0.28 -38.51 -22.73
CA PRO C 89 0.99 -38.95 -23.93
C PRO C 89 0.11 -39.79 -24.84
N GLY C 90 0.13 -39.46 -26.14
CA GLY C 90 -0.63 -40.20 -27.12
C GLY C 90 -2.04 -39.69 -27.31
N ASP C 91 -2.48 -38.80 -26.43
CA ASP C 91 -3.65 -37.98 -26.71
C ASP C 91 -3.45 -37.20 -27.99
N GLN C 92 -4.52 -37.05 -28.75
CA GLN C 92 -4.49 -36.23 -29.94
C GLN C 92 -5.51 -35.12 -29.83
N VAL C 93 -5.04 -33.89 -30.00
CA VAL C 93 -5.85 -32.71 -29.73
C VAL C 93 -5.64 -31.76 -30.88
N SER C 94 -6.71 -31.17 -31.37
CA SER C 94 -6.61 -30.20 -32.45
C SER C 94 -5.69 -29.05 -32.06
N VAL C 95 -5.15 -28.35 -33.05
CA VAL C 95 -4.40 -27.13 -32.78
C VAL C 95 -5.34 -26.12 -32.12
N ALA C 96 -6.57 -26.06 -32.60
CA ALA C 96 -7.58 -25.12 -32.11
C ALA C 96 -7.83 -25.24 -30.60
N ASP C 97 -7.86 -26.48 -30.11
CA ASP C 97 -8.08 -26.73 -28.69
C ASP C 97 -6.83 -26.47 -27.86
N LEU C 98 -5.66 -26.80 -28.40
CA LEU C 98 -4.41 -26.53 -27.68
C LEU C 98 -4.27 -25.01 -27.57
N ASN C 99 -4.58 -24.35 -28.67
CA ASN C 99 -4.44 -22.90 -28.78
C ASN C 99 -5.39 -22.21 -27.79
N LYS C 100 -6.64 -22.64 -27.78
CA LYS C 100 -7.58 -22.22 -26.72
C LYS C 100 -7.05 -22.58 -25.34
N GLY C 101 -6.38 -23.72 -25.26
CA GLY C 101 -5.82 -24.18 -23.99
C GLY C 101 -4.81 -23.22 -23.40
N VAL C 102 -3.93 -22.67 -24.24
CA VAL C 102 -2.92 -21.74 -23.72
C VAL C 102 -3.50 -20.34 -23.49
N ILE C 103 -4.43 -19.94 -24.33
CA ILE C 103 -4.95 -18.60 -24.27
C ILE C 103 -5.97 -18.47 -23.13
N ILE C 104 -6.99 -19.31 -23.12
CA ILE C 104 -8.07 -19.21 -22.17
C ILE C 104 -7.66 -19.79 -20.81
N GLN C 105 -7.22 -21.06 -20.80
CA GLN C 105 -6.86 -21.77 -19.56
C GLN C 105 -5.46 -21.46 -19.07
N SER C 106 -4.61 -20.91 -19.93
CA SER C 106 -3.17 -20.92 -19.70
C SER C 106 -2.64 -22.30 -19.29
N GLY C 107 -3.09 -23.33 -20.01
CA GLY C 107 -2.54 -24.68 -19.83
C GLY C 107 -1.07 -24.78 -20.22
N ASN C 108 -0.22 -25.06 -19.24
CA ASN C 108 1.21 -25.17 -19.47
C ASN C 108 1.57 -26.37 -20.34
N ASP C 109 0.85 -27.48 -20.16
CA ASP C 109 1.02 -28.63 -21.01
C ASP C 109 0.70 -28.30 -22.47
N ALA C 110 -0.37 -27.53 -22.67
CA ALA C 110 -0.77 -27.11 -24.01
C ALA C 110 0.35 -26.33 -24.72
N CYS C 111 1.07 -25.52 -23.96
CA CYS C 111 2.13 -24.72 -24.51
C CYS C 111 3.18 -25.65 -25.11
N ILE C 112 3.46 -26.74 -24.42
CA ILE C 112 4.53 -27.63 -24.82
C ILE C 112 4.12 -28.44 -26.05
N ALA C 113 2.95 -29.06 -26.00
CA ALA C 113 2.44 -29.82 -27.15
C ALA C 113 2.41 -28.94 -28.39
N LEU C 114 2.01 -27.68 -28.20
CA LEU C 114 1.89 -26.74 -29.32
C LEU C 114 3.25 -26.31 -29.83
N ALA C 115 4.20 -26.13 -28.92
CA ALA C 115 5.55 -25.72 -29.31
C ALA C 115 6.29 -26.83 -30.08
N ASP C 116 6.11 -28.07 -29.63
CA ASP C 116 6.71 -29.22 -30.31
C ASP C 116 6.18 -29.33 -31.73
N TYR C 117 4.90 -29.03 -31.90
CA TYR C 117 4.27 -29.13 -33.21
C TYR C 117 4.72 -28.02 -34.15
N VAL C 118 4.82 -26.79 -33.63
CA VAL C 118 5.13 -25.66 -34.47
C VAL C 118 6.60 -25.65 -34.91
N ALA C 119 7.49 -26.04 -34.00
CA ALA C 119 8.91 -25.77 -34.18
C ALA C 119 9.76 -27.02 -34.00
N GLY C 120 9.12 -28.13 -33.67
CA GLY C 120 9.81 -29.41 -33.53
C GLY C 120 10.19 -29.70 -32.10
N SER C 121 10.54 -28.65 -31.36
CA SER C 121 11.01 -28.80 -30.01
C SER C 121 10.77 -27.52 -29.21
N GLN C 122 10.86 -27.60 -27.89
CA GLN C 122 10.75 -26.42 -27.05
C GLN C 122 11.90 -25.47 -27.30
N GLU C 123 13.10 -26.03 -27.47
CA GLU C 123 14.29 -25.23 -27.69
C GLU C 123 14.09 -24.28 -28.85
N SER C 124 13.67 -24.81 -29.99
CA SER C 124 13.64 -24.01 -31.17
C SER C 124 12.45 -23.06 -31.15
N PHE C 125 11.39 -23.46 -30.47
CA PHE C 125 10.27 -22.55 -30.23
C PHE C 125 10.71 -21.28 -29.48
N ILE C 126 11.43 -21.44 -28.37
CA ILE C 126 11.90 -20.25 -27.66
C ILE C 126 12.91 -19.45 -28.48
N GLY C 127 13.61 -20.12 -29.40
CA GLY C 127 14.31 -19.42 -30.49
C GLY C 127 13.42 -18.46 -31.27
N LEU C 128 12.25 -18.93 -31.69
CA LEU C 128 11.27 -18.06 -32.32
C LEU C 128 10.86 -16.92 -31.38
N MET C 129 10.50 -17.27 -30.15
CA MET C 129 10.00 -16.29 -29.19
C MET C 129 10.95 -15.10 -29.09
N ASN C 130 12.24 -15.40 -28.92
CA ASN C 130 13.27 -14.36 -28.78
C ASN C 130 13.57 -13.60 -30.08
N GLY C 131 13.52 -14.30 -31.21
CA GLY C 131 13.61 -13.64 -32.50
C GLY C 131 12.58 -12.54 -32.66
N TYR C 132 11.33 -12.84 -32.32
CA TYR C 132 10.29 -11.85 -32.44
C TYR C 132 10.47 -10.74 -31.41
N ALA C 133 10.97 -11.11 -30.24
CA ALA C 133 11.31 -10.14 -29.22
C ALA C 133 12.22 -9.05 -29.78
N LYS C 134 13.37 -9.45 -30.32
CA LYS C 134 14.25 -8.52 -31.02
C LYS C 134 13.53 -7.82 -32.15
N LYS C 135 12.87 -8.60 -33.00
CA LYS C 135 12.11 -8.05 -34.12
C LYS C 135 11.14 -6.94 -33.64
N LEU C 136 10.53 -7.16 -32.48
CA LEU C 136 9.45 -6.29 -32.01
C LEU C 136 9.97 -5.16 -31.11
N GLY C 137 11.26 -5.20 -30.81
CA GLY C 137 11.92 -4.12 -30.11
C GLY C 137 11.82 -4.29 -28.61
N LEU C 138 11.59 -5.52 -28.18
CA LEU C 138 11.49 -5.84 -26.77
C LEU C 138 12.87 -5.90 -26.13
N THR C 139 13.46 -4.72 -25.93
CA THR C 139 14.89 -4.59 -25.69
C THR C 139 15.29 -5.08 -24.32
N ASN C 140 14.32 -5.26 -23.42
CA ASN C 140 14.63 -5.70 -22.07
C ASN C 140 13.99 -7.05 -21.76
N THR C 141 13.76 -7.82 -22.81
CA THR C 141 13.01 -9.07 -22.70
C THR C 141 13.82 -10.24 -23.25
N THR C 142 13.92 -11.31 -22.47
CA THR C 142 14.40 -12.59 -22.97
C THR C 142 13.62 -13.72 -22.32
N PHE C 143 13.15 -14.68 -23.14
CA PHE C 143 12.40 -15.83 -22.64
C PHE C 143 13.30 -17.06 -22.52
N GLN C 144 12.89 -18.01 -21.68
CA GLN C 144 13.67 -19.23 -21.44
C GLN C 144 12.73 -20.46 -21.41
N THR C 145 11.45 -20.22 -21.59
CA THR C 145 10.48 -21.27 -21.58
C THR C 145 9.37 -20.92 -22.53
N VAL C 146 8.48 -21.87 -22.76
CA VAL C 146 7.36 -21.65 -23.65
C VAL C 146 6.09 -21.35 -22.85
N HIS C 147 6.17 -21.50 -21.52
CA HIS C 147 5.00 -21.37 -20.67
C HIS C 147 5.11 -20.23 -19.64
N GLY C 148 6.33 -19.83 -19.32
CA GLY C 148 6.55 -18.70 -18.45
C GLY C 148 6.74 -19.07 -16.99
N LEU C 149 6.83 -20.36 -16.70
CA LEU C 149 7.29 -20.81 -15.38
C LEU C 149 8.69 -20.27 -15.09
N ASP C 150 9.04 -20.19 -13.80
CA ASP C 150 10.24 -19.48 -13.39
C ASP C 150 11.47 -20.15 -13.98
N ALA C 151 12.42 -19.34 -14.47
CA ALA C 151 13.61 -19.89 -15.11
C ALA C 151 14.77 -18.91 -15.11
N PRO C 152 15.97 -19.40 -14.74
CA PRO C 152 17.22 -18.68 -14.92
C PRO C 152 17.23 -17.77 -16.15
N GLY C 153 17.18 -16.46 -15.93
CA GLY C 153 17.48 -15.50 -16.97
C GLY C 153 16.27 -15.14 -17.82
N GLN C 154 15.08 -15.32 -17.25
CA GLN C 154 13.83 -15.08 -17.97
C GLN C 154 13.09 -13.87 -17.39
N PHE C 155 13.04 -12.79 -18.17
CA PHE C 155 12.49 -11.56 -17.67
C PHE C 155 11.85 -10.73 -18.78
N SER C 156 10.92 -9.87 -18.38
CA SER C 156 10.41 -8.81 -19.25
C SER C 156 10.12 -7.56 -18.43
N THR C 157 9.58 -6.54 -19.11
CA THR C 157 9.27 -5.29 -18.45
C THR C 157 7.86 -4.85 -18.80
N ALA C 158 7.35 -3.89 -18.04
CA ALA C 158 6.01 -3.38 -18.26
C ALA C 158 5.90 -2.70 -19.61
N ARG C 159 6.95 -2.00 -20.01
CA ARG C 159 6.99 -1.39 -21.34
C ARG C 159 6.95 -2.45 -22.44
N ASP C 160 7.78 -3.47 -22.29
CA ASP C 160 7.93 -4.46 -23.32
C ASP C 160 6.67 -5.29 -23.45
N MET C 161 6.03 -5.59 -22.32
CA MET C 161 4.79 -6.36 -22.33
C MET C 161 3.66 -5.60 -22.98
N ALA C 162 3.67 -4.28 -22.81
CA ALA C 162 2.74 -3.43 -23.54
C ALA C 162 3.06 -3.45 -25.03
N LEU C 163 4.35 -3.38 -25.35
CA LEU C 163 4.81 -3.43 -26.73
C LEU C 163 4.39 -4.77 -27.38
N LEU C 164 4.71 -5.87 -26.73
CA LEU C 164 4.26 -7.20 -27.16
C LEU C 164 2.75 -7.21 -27.39
N GLY C 165 2.02 -6.68 -26.40
CA GLY C 165 0.57 -6.74 -26.42
C GLY C 165 0.04 -6.00 -27.62
N LYS C 166 0.58 -4.82 -27.86
CA LYS C 166 0.23 -4.07 -29.06
C LYS C 166 0.54 -4.93 -30.33
N ALA C 167 1.70 -5.57 -30.34
CA ALA C 167 2.10 -6.35 -31.53
C ALA C 167 1.10 -7.50 -31.82
N LEU C 168 0.64 -8.14 -30.73
CA LEU C 168 -0.32 -9.27 -30.80
C LEU C 168 -1.62 -8.84 -31.43
N ILE C 169 -2.16 -7.74 -30.91
CA ILE C 169 -3.44 -7.20 -31.39
C ILE C 169 -3.30 -6.78 -32.85
N HIS C 170 -2.16 -6.19 -33.19
CA HIS C 170 -2.00 -5.63 -34.52
C HIS C 170 -1.62 -6.68 -35.58
N ASP C 171 -0.68 -7.55 -35.23
CA ASP C 171 -0.06 -8.44 -36.24
C ASP C 171 -0.88 -9.73 -36.46
N VAL C 172 -1.45 -10.25 -35.38
CA VAL C 172 -2.16 -11.53 -35.42
C VAL C 172 -3.56 -11.38 -34.78
N PRO C 173 -4.40 -10.53 -35.38
CA PRO C 173 -5.73 -10.19 -34.84
C PRO C 173 -6.62 -11.42 -34.56
N GLU C 174 -6.53 -12.46 -35.42
CA GLU C 174 -7.31 -13.71 -35.20
C GLU C 174 -6.88 -14.45 -33.93
N GLU C 175 -5.59 -14.44 -33.66
CA GLU C 175 -5.08 -15.01 -32.44
C GLU C 175 -5.50 -14.15 -31.22
N TYR C 176 -5.50 -12.82 -31.38
CA TYR C 176 -5.88 -11.95 -30.29
C TYR C 176 -7.35 -12.11 -29.96
N ALA C 177 -8.19 -12.25 -30.99
CA ALA C 177 -9.63 -12.39 -30.81
C ALA C 177 -10.01 -13.51 -29.84
N ILE C 178 -9.16 -14.51 -29.71
CA ILE C 178 -9.46 -15.64 -28.85
C ILE C 178 -9.32 -15.25 -27.36
N HIS C 179 -8.49 -14.24 -27.08
CA HIS C 179 -8.17 -13.88 -25.71
C HIS C 179 -9.39 -13.35 -24.90
N LYS C 180 -10.45 -12.97 -25.61
CA LYS C 180 -11.65 -12.50 -24.93
C LYS C 180 -12.70 -13.61 -24.74
N GLU C 181 -12.39 -14.81 -25.19
CA GLU C 181 -13.32 -15.90 -25.03
C GLU C 181 -13.41 -16.31 -23.57
N LYS C 182 -14.63 -16.23 -23.04
CA LYS C 182 -14.85 -16.36 -21.60
C LYS C 182 -14.76 -17.82 -21.13
N GLU C 183 -15.21 -18.73 -21.97
CA GLU C 183 -15.31 -20.14 -21.59
C GLU C 183 -14.70 -21.05 -22.67
N PHE C 184 -14.05 -22.10 -22.22
CA PHE C 184 -13.48 -23.08 -23.11
C PHE C 184 -13.89 -24.46 -22.64
N THR C 185 -14.66 -25.17 -23.44
CA THR C 185 -15.16 -26.46 -22.99
C THR C 185 -14.30 -27.61 -23.46
N PHE C 186 -13.79 -28.38 -22.51
CA PHE C 186 -12.81 -29.42 -22.77
C PHE C 186 -12.82 -30.41 -21.61
N ASN C 187 -12.67 -31.71 -21.92
CA ASN C 187 -12.82 -32.78 -20.91
C ASN C 187 -14.17 -32.70 -20.25
N LYS C 188 -15.18 -32.31 -21.02
CA LYS C 188 -16.55 -32.23 -20.54
C LYS C 188 -16.75 -31.19 -19.41
N ILE C 189 -15.83 -30.22 -19.34
CA ILE C 189 -15.93 -29.13 -18.36
C ILE C 189 -15.71 -27.76 -19.02
N ARG C 190 -16.64 -26.83 -18.78
CA ARG C 190 -16.47 -25.45 -19.22
C ARG C 190 -15.41 -24.75 -18.41
N GLN C 191 -14.24 -24.56 -19.03
CA GLN C 191 -13.16 -23.91 -18.36
C GLN C 191 -13.19 -22.40 -18.59
N PRO C 192 -13.08 -21.62 -17.51
CA PRO C 192 -13.20 -20.17 -17.57
C PRO C 192 -11.88 -19.49 -17.98
N ASN C 193 -11.96 -18.44 -18.78
CA ASN C 193 -10.83 -17.53 -18.96
C ASN C 193 -10.32 -17.04 -17.62
N ARG C 194 -9.02 -17.13 -17.40
CA ARG C 194 -8.44 -16.68 -16.15
C ARG C 194 -8.39 -15.15 -16.03
N ASN C 195 -8.65 -14.45 -17.13
CA ASN C 195 -8.74 -12.99 -17.06
C ASN C 195 -10.10 -12.53 -16.57
N ARG C 196 -10.23 -12.34 -15.27
CA ARG C 196 -11.52 -11.99 -14.68
C ARG C 196 -12.01 -10.62 -15.16
N LEU C 197 -11.09 -9.79 -15.61
CA LEU C 197 -11.46 -8.45 -16.12
C LEU C 197 -12.36 -8.50 -17.36
N LEU C 198 -12.40 -9.65 -18.03
CA LEU C 198 -13.32 -9.84 -19.16
C LEU C 198 -14.77 -9.57 -18.77
N TRP C 199 -15.12 -9.77 -17.50
CA TRP C 199 -16.51 -9.69 -17.07
C TRP C 199 -16.88 -8.31 -16.53
N SER C 200 -15.94 -7.38 -16.56
CA SER C 200 -16.19 -6.03 -16.04
C SER C 200 -17.36 -5.37 -16.74
N SER C 201 -18.24 -4.75 -15.95
CA SER C 201 -19.34 -3.91 -16.49
C SER C 201 -18.89 -2.45 -16.70
N ASN C 202 -17.82 -2.07 -16.03
CA ASN C 202 -17.30 -0.72 -16.08
C ASN C 202 -16.53 -0.41 -17.37
N LEU C 203 -15.86 -1.43 -17.92
CA LEU C 203 -15.05 -1.29 -19.15
C LEU C 203 -15.40 -2.35 -20.20
N ASN C 204 -15.02 -2.08 -21.43
CA ASN C 204 -15.05 -3.09 -22.49
C ASN C 204 -13.68 -3.76 -22.62
N VAL C 205 -13.45 -4.79 -21.82
CA VAL C 205 -12.15 -5.46 -21.78
C VAL C 205 -12.17 -6.69 -22.69
N ASP C 206 -11.15 -6.84 -23.53
CA ASP C 206 -11.11 -7.97 -24.45
C ASP C 206 -9.74 -8.68 -24.51
N GLY C 207 -8.87 -8.35 -23.57
CA GLY C 207 -7.68 -9.16 -23.31
C GLY C 207 -7.05 -8.67 -22.03
N MET C 208 -5.90 -9.25 -21.64
CA MET C 208 -5.12 -10.12 -22.51
C MET C 208 -4.66 -11.37 -21.73
N LYS C 209 -3.86 -11.19 -20.69
CA LYS C 209 -3.24 -12.32 -20.05
C LYS C 209 -2.84 -12.08 -18.59
N THR C 210 -3.23 -13.02 -17.72
CA THR C 210 -2.85 -12.99 -16.31
C THR C 210 -1.63 -13.86 -16.09
N GLY C 211 -1.00 -13.72 -14.93
CA GLY C 211 0.05 -14.63 -14.52
C GLY C 211 0.49 -14.43 -13.09
N THR C 212 0.85 -15.52 -12.43
CA THR C 212 1.46 -15.45 -11.10
C THR C 212 2.44 -16.61 -10.90
N THR C 213 3.67 -16.29 -10.55
CA THR C 213 4.52 -17.23 -9.82
C THR C 213 4.92 -16.64 -8.47
N ALA C 214 5.56 -17.46 -7.64
CA ALA C 214 5.76 -17.12 -6.23
C ALA C 214 6.74 -15.96 -6.06
N GLY C 215 7.94 -16.11 -6.61
CA GLY C 215 8.83 -14.98 -6.86
C GLY C 215 8.45 -14.21 -8.13
N ALA C 216 7.26 -13.61 -8.09
CA ALA C 216 6.82 -12.67 -9.13
C ALA C 216 5.89 -11.64 -8.49
N GLY C 217 4.82 -12.12 -7.86
CA GLY C 217 3.63 -11.32 -7.63
C GLY C 217 2.51 -11.73 -8.55
N TYR C 218 1.48 -10.88 -8.63
CA TYR C 218 0.39 -11.10 -9.56
C TYR C 218 0.46 -10.11 -10.73
N ASN C 219 0.20 -10.61 -11.93
CA ASN C 219 0.48 -9.86 -13.16
C ASN C 219 -0.76 -9.78 -14.00
N LEU C 220 -0.86 -8.73 -14.81
CA LEU C 220 -1.92 -8.62 -15.79
C LEU C 220 -1.52 -7.71 -16.93
N VAL C 221 -1.62 -8.21 -18.17
CA VAL C 221 -1.75 -7.34 -19.33
C VAL C 221 -3.18 -7.27 -19.76
N ALA C 222 -3.75 -6.07 -19.77
CA ALA C 222 -5.13 -5.89 -20.16
C ALA C 222 -5.27 -4.86 -21.25
N SER C 223 -6.32 -4.98 -22.03
CA SER C 223 -6.60 -3.99 -23.02
C SER C 223 -8.08 -3.87 -23.17
N ALA C 224 -8.53 -2.66 -23.46
CA ALA C 224 -9.94 -2.31 -23.43
C ALA C 224 -10.20 -1.22 -24.45
N THR C 225 -11.43 -1.14 -24.91
CA THR C 225 -11.78 -0.19 -25.91
C THR C 225 -12.94 0.69 -25.49
N GLN C 226 -12.99 1.88 -26.06
CA GLN C 226 -14.07 2.82 -25.84
C GLN C 226 -14.19 3.64 -27.10
N GLY C 227 -15.11 3.24 -27.97
CA GLY C 227 -15.10 3.68 -29.37
C GLY C 227 -13.83 3.27 -30.10
N ASP C 228 -13.28 4.21 -30.87
CA ASP C 228 -12.11 3.94 -31.71
C ASP C 228 -10.83 3.90 -30.90
N MET C 229 -10.94 4.28 -29.64
CA MET C 229 -9.78 4.41 -28.77
C MET C 229 -9.51 3.07 -28.01
N ARG C 230 -8.26 2.63 -27.99
CA ARG C 230 -7.91 1.41 -27.26
C ARG C 230 -6.71 1.63 -26.39
N LEU C 231 -6.81 1.19 -25.13
CA LEU C 231 -5.73 1.29 -24.17
C LEU C 231 -5.19 -0.09 -23.78
N ILE C 232 -3.92 -0.11 -23.41
CA ILE C 232 -3.29 -1.30 -22.98
C ILE C 232 -2.63 -1.01 -21.66
N SER C 233 -3.00 -1.76 -20.63
CA SER C 233 -2.33 -1.63 -19.34
C SER C 233 -1.51 -2.87 -18.98
N VAL C 234 -0.43 -2.66 -18.25
CA VAL C 234 0.33 -3.72 -17.66
C VAL C 234 0.54 -3.47 -16.17
N VAL C 235 0.06 -4.38 -15.33
CA VAL C 235 0.43 -4.36 -13.93
C VAL C 235 1.36 -5.53 -13.60
N LEU C 236 2.51 -5.21 -13.00
CA LEU C 236 3.51 -6.21 -12.68
C LEU C 236 3.71 -6.34 -11.15
N GLY C 237 3.82 -7.59 -10.68
CA GLY C 237 4.08 -7.83 -9.25
C GLY C 237 3.12 -7.06 -8.35
N ALA C 238 1.87 -7.51 -8.30
CA ALA C 238 0.89 -6.97 -7.35
C ALA C 238 0.58 -7.99 -6.24
N LYS C 239 0.20 -7.49 -5.07
CA LYS C 239 0.22 -8.27 -3.84
C LYS C 239 -0.76 -9.44 -3.86
N THR C 240 -1.94 -9.21 -4.44
CA THR C 240 -2.97 -10.25 -4.48
C THR C 240 -3.61 -10.44 -5.87
N ASP C 241 -4.31 -11.56 -6.03
CA ASP C 241 -5.32 -11.69 -7.08
C ASP C 241 -6.07 -10.37 -7.29
N ARG C 242 -6.86 -9.98 -6.28
CA ARG C 242 -7.87 -8.95 -6.44
C ARG C 242 -7.24 -7.57 -6.77
N ILE C 243 -6.03 -7.36 -6.29
CA ILE C 243 -5.39 -6.06 -6.43
C ILE C 243 -4.80 -5.90 -7.84
N ARG C 244 -4.10 -6.93 -8.30
CA ARG C 244 -3.80 -7.16 -9.72
C ARG C 244 -4.92 -6.60 -10.61
N PHE C 245 -6.14 -7.06 -10.40
CA PHE C 245 -7.25 -6.68 -11.27
C PHE C 245 -7.72 -5.26 -11.02
N ASN C 246 -7.64 -4.82 -9.76
CA ASN C 246 -8.11 -3.48 -9.39
C ASN C 246 -7.25 -2.42 -10.00
N GLU C 247 -5.95 -2.57 -9.85
CA GLU C 247 -5.03 -1.56 -10.29
C GLU C 247 -5.09 -1.44 -11.81
N SER C 248 -5.29 -2.57 -12.49
CA SER C 248 -5.49 -2.57 -13.93
C SER C 248 -6.75 -1.80 -14.28
N GLU C 249 -7.86 -2.17 -13.67
CA GLU C 249 -9.10 -1.48 -13.97
C GLU C 249 -8.97 0.02 -13.70
N LYS C 250 -8.19 0.37 -12.68
CA LYS C 250 -7.97 1.78 -12.30
C LYS C 250 -7.24 2.59 -13.38
N LEU C 251 -6.25 1.98 -14.02
CA LEU C 251 -5.52 2.64 -15.09
C LEU C 251 -6.37 2.84 -16.33
N LEU C 252 -7.03 1.79 -16.77
CA LEU C 252 -7.89 1.86 -17.95
C LEU C 252 -8.93 2.97 -17.80
N THR C 253 -9.60 2.98 -16.64
CA THR C 253 -10.68 3.91 -16.37
C THR C 253 -10.15 5.34 -16.40
N TRP C 254 -9.04 5.55 -15.72
CA TRP C 254 -8.37 6.83 -15.69
C TRP C 254 -8.00 7.26 -17.11
N GLY C 255 -7.26 6.40 -17.82
CA GLY C 255 -6.94 6.63 -19.21
C GLY C 255 -8.09 7.14 -20.03
N PHE C 256 -9.19 6.39 -20.05
CA PHE C 256 -10.39 6.78 -20.82
C PHE C 256 -11.04 8.10 -20.35
N ARG C 257 -10.97 8.38 -19.05
CA ARG C 257 -11.66 9.53 -18.51
C ARG C 257 -10.97 10.85 -18.91
N PHE C 258 -9.65 10.84 -18.93
CA PHE C 258 -8.88 12.07 -19.09
C PHE C 258 -8.24 12.28 -20.47
N PHE C 259 -8.32 11.26 -21.33
CA PHE C 259 -7.60 11.29 -22.60
C PHE C 259 -8.43 10.86 -23.81
N GLU C 260 -8.06 11.40 -24.97
CA GLU C 260 -8.63 11.01 -26.22
C GLU C 260 -7.53 10.86 -27.26
N THR C 261 -7.82 10.14 -28.31
CA THR C 261 -6.85 9.86 -29.34
C THR C 261 -7.38 10.43 -30.63
N VAL C 262 -6.58 11.29 -31.26
CA VAL C 262 -6.98 11.94 -32.50
C VAL C 262 -5.85 11.78 -33.49
N THR C 263 -6.17 12.00 -34.76
CA THR C 263 -5.25 11.73 -35.83
C THR C 263 -5.16 12.96 -36.72
N PRO C 264 -4.33 13.93 -36.32
CA PRO C 264 -4.21 15.16 -37.11
C PRO C 264 -3.57 14.94 -38.48
N ILE C 265 -2.82 13.85 -38.63
CA ILE C 265 -2.29 13.48 -39.93
C ILE C 265 -2.60 12.03 -40.31
N LYS C 266 -3.53 11.87 -41.24
CA LYS C 266 -4.03 10.55 -41.61
C LYS C 266 -2.93 9.78 -42.35
N PRO C 267 -3.00 8.44 -42.31
CA PRO C 267 -2.18 7.68 -43.24
C PRO C 267 -2.62 8.00 -44.67
N ASP C 268 -1.68 8.01 -45.60
CA ASP C 268 -1.97 8.43 -46.99
C ASP C 268 -2.03 9.95 -47.16
N ALA C 269 -2.14 10.69 -46.06
CA ALA C 269 -2.20 12.15 -46.13
C ALA C 269 -0.82 12.77 -46.39
N THR C 270 -0.73 13.65 -47.37
CA THR C 270 0.41 14.55 -47.49
C THR C 270 0.34 15.64 -46.41
N PHE C 271 1.31 15.61 -45.50
CA PHE C 271 1.57 16.73 -44.61
C PHE C 271 2.28 17.90 -45.33
N VAL C 272 3.49 17.63 -45.84
CA VAL C 272 4.27 18.64 -46.59
C VAL C 272 4.73 18.10 -47.95
N THR C 273 4.87 18.99 -48.92
CA THR C 273 5.58 18.66 -50.15
C THR C 273 6.92 19.38 -50.20
N GLN C 274 7.98 18.63 -50.46
CA GLN C 274 9.30 19.22 -50.59
C GLN C 274 9.90 19.01 -51.97
N ARG C 275 10.52 20.06 -52.49
CA ARG C 275 11.57 19.97 -53.52
C ARG C 275 12.48 18.78 -53.32
N VAL C 276 12.60 17.94 -54.34
CA VAL C 276 13.72 17.01 -54.43
C VAL C 276 14.65 17.32 -55.61
N TRP C 277 15.94 17.05 -55.43
CA TRP C 277 16.95 17.32 -56.45
C TRP C 277 17.33 16.07 -57.23
N PHE C 278 17.37 16.20 -58.55
CA PHE C 278 17.99 15.19 -59.42
C PHE C 278 17.20 13.89 -59.49
N GLY C 279 15.88 13.99 -59.42
CA GLY C 279 15.01 12.80 -59.39
C GLY C 279 14.11 12.71 -60.59
N ASP C 280 13.46 11.57 -60.75
CA ASP C 280 12.43 11.42 -61.78
C ASP C 280 11.19 12.30 -61.50
N LYS C 281 11.10 12.86 -60.29
CA LYS C 281 10.05 13.82 -59.96
C LYS C 281 10.68 15.05 -59.30
N SER C 282 10.06 16.21 -59.48
CA SER C 282 10.64 17.44 -58.97
C SER C 282 10.24 17.73 -57.53
N GLU C 283 9.25 16.99 -57.03
CA GLU C 283 8.74 17.21 -55.67
C GLU C 283 8.33 15.92 -54.97
N VAL C 284 8.45 15.91 -53.64
CA VAL C 284 8.07 14.74 -52.84
C VAL C 284 6.95 15.08 -51.88
N ASN C 285 6.01 14.14 -51.72
CA ASN C 285 5.05 14.18 -50.62
C ASN C 285 5.63 13.59 -49.36
N LEU C 286 5.58 14.34 -48.28
CA LEU C 286 6.00 13.84 -46.98
C LEU C 286 4.80 13.79 -46.03
N GLY C 287 4.85 12.86 -45.07
CA GLY C 287 3.68 12.60 -44.21
C GLY C 287 4.06 11.88 -42.93
N ALA C 288 3.04 11.41 -42.20
CA ALA C 288 3.26 10.71 -40.92
C ALA C 288 3.16 9.20 -41.08
N GLY C 289 2.54 8.77 -42.16
CA GLY C 289 2.28 7.35 -42.36
C GLY C 289 1.32 6.84 -41.31
N GLU C 290 1.63 5.69 -40.71
CA GLU C 290 0.72 5.04 -39.78
C GLU C 290 0.62 5.82 -38.48
N ALA C 291 1.58 6.72 -38.24
CA ALA C 291 2.01 7.07 -36.89
C ALA C 291 1.59 8.53 -36.60
N GLY C 292 0.51 8.99 -37.22
CA GLY C 292 0.10 10.39 -37.08
C GLY C 292 -1.01 10.59 -36.06
N SER C 293 -1.19 9.60 -35.20
CA SER C 293 -2.12 9.69 -34.09
C SER C 293 -1.44 10.22 -32.84
N VAL C 294 -2.15 11.07 -32.11
CA VAL C 294 -1.67 11.57 -30.83
C VAL C 294 -2.75 11.34 -29.81
N THR C 295 -2.32 11.05 -28.59
CA THR C 295 -3.21 11.00 -27.46
C THR C 295 -3.07 12.29 -26.65
N ILE C 296 -4.17 13.01 -26.49
CA ILE C 296 -4.15 14.25 -25.72
C ILE C 296 -5.20 14.23 -24.62
N PRO C 297 -5.06 15.12 -23.64
CA PRO C 297 -6.15 15.34 -22.69
C PRO C 297 -7.45 15.73 -23.37
N ARG C 298 -8.55 15.10 -22.96
CA ARG C 298 -9.87 15.58 -23.34
CA ARG C 298 -9.88 15.58 -23.33
C ARG C 298 -9.99 17.06 -22.98
N GLY C 299 -10.58 17.82 -23.86
CA GLY C 299 -10.64 19.28 -23.67
C GLY C 299 -9.64 20.04 -24.52
N GLN C 300 -8.55 19.37 -24.94
CA GLN C 300 -7.36 20.07 -25.43
C GLN C 300 -7.18 20.04 -26.94
N LEU C 301 -8.13 19.48 -27.66
CA LEU C 301 -8.03 19.49 -29.10
C LEU C 301 -7.63 20.88 -29.63
N LYS C 302 -8.26 21.93 -29.08
CA LYS C 302 -8.12 23.28 -29.63
C LYS C 302 -6.70 23.84 -29.47
N ASN C 303 -5.93 23.28 -28.54
CA ASN C 303 -4.57 23.74 -28.27
C ASN C 303 -3.48 22.84 -28.88
N LEU C 304 -3.89 21.87 -29.68
CA LEU C 304 -2.95 20.94 -30.32
C LEU C 304 -2.22 21.62 -31.49
N LYS C 305 -0.89 21.57 -31.45
CA LYS C 305 -0.03 22.12 -32.52
C LYS C 305 0.78 20.99 -33.13
N ALA C 306 1.06 21.09 -34.42
CA ALA C 306 2.07 20.22 -35.05
C ALA C 306 3.12 21.03 -35.82
N SER C 307 4.38 20.71 -35.59
CA SER C 307 5.47 21.27 -36.38
C SER C 307 6.26 20.14 -37.04
N TYR C 308 7.08 20.49 -38.01
CA TYR C 308 7.95 19.50 -38.62
C TYR C 308 9.35 20.06 -38.83
N THR C 309 10.34 19.18 -38.66
CA THR C 309 11.71 19.47 -39.04
C THR C 309 12.18 18.50 -40.12
N LEU C 310 12.95 19.01 -41.08
CA LEU C 310 13.78 18.17 -41.93
C LEU C 310 15.18 18.01 -41.35
N THR C 311 15.60 16.77 -41.16
CA THR C 311 16.95 16.50 -40.68
C THR C 311 17.97 17.09 -41.65
N GLU C 312 17.69 16.92 -42.95
CA GLU C 312 18.60 17.36 -44.00
C GLU C 312 18.00 18.55 -44.75
N PRO C 313 18.69 19.70 -44.70
CA PRO C 313 18.32 20.95 -45.36
C PRO C 313 17.71 20.81 -46.77
N GLN C 314 18.11 19.79 -47.52
CA GLN C 314 17.45 19.53 -48.78
C GLN C 314 17.55 18.09 -49.25
N LEU C 315 16.65 17.72 -50.16
CA LEU C 315 16.41 16.32 -50.49
C LEU C 315 16.99 16.00 -51.84
N THR C 316 17.86 15.00 -51.88
CA THR C 316 18.33 14.47 -53.16
C THR C 316 17.83 13.07 -53.38
N ALA C 317 17.45 12.78 -54.62
CA ALA C 317 17.19 11.40 -55.03
C ALA C 317 18.43 10.56 -54.80
N PRO C 318 18.26 9.22 -54.65
CA PRO C 318 16.96 8.58 -54.73
C PRO C 318 16.26 8.58 -53.37
N LEU C 319 14.96 8.30 -53.39
CA LEU C 319 14.11 8.45 -52.22
C LEU C 319 13.14 7.28 -52.15
N LYS C 320 13.10 6.61 -51.00
CA LYS C 320 12.22 5.44 -50.85
C LYS C 320 10.99 5.75 -49.98
N LYS C 321 9.81 5.32 -50.44
CA LYS C 321 8.62 5.28 -49.60
C LYS C 321 8.96 4.72 -48.22
N GLY C 322 8.61 5.48 -47.19
CA GLY C 322 8.84 5.05 -45.82
C GLY C 322 10.13 5.62 -45.25
N GLN C 323 10.94 6.20 -46.13
CA GLN C 323 12.20 6.81 -45.70
C GLN C 323 11.99 8.00 -44.74
N VAL C 324 12.76 8.00 -43.67
CA VAL C 324 12.63 8.99 -42.61
C VAL C 324 13.52 10.18 -42.90
N VAL C 325 12.91 11.34 -42.95
CA VAL C 325 13.50 12.45 -43.63
C VAL C 325 13.39 13.69 -42.76
N GLY C 326 12.74 13.52 -41.61
CA GLY C 326 12.80 14.50 -40.53
C GLY C 326 11.90 14.09 -39.39
N THR C 327 11.35 15.07 -38.67
CA THR C 327 10.55 14.78 -37.49
C THR C 327 9.25 15.58 -37.45
N ILE C 328 8.24 15.00 -36.84
CA ILE C 328 7.01 15.70 -36.54
C ILE C 328 6.88 15.80 -35.04
N ASP C 329 6.67 17.00 -34.55
CA ASP C 329 6.53 17.24 -33.14
C ASP C 329 5.10 17.72 -32.85
N PHE C 330 4.33 16.92 -32.15
CA PHE C 330 3.02 17.36 -31.67
C PHE C 330 3.18 18.05 -30.33
N GLN C 331 2.65 19.27 -30.24
CA GLN C 331 2.77 20.08 -29.02
C GLN C 331 1.41 20.53 -28.52
N LEU C 332 1.33 20.81 -27.23
CA LEU C 332 0.19 21.49 -26.66
C LEU C 332 0.52 22.93 -26.27
N GLY C 334 3.00 24.76 -26.37
CA GLY C 334 4.14 24.87 -25.44
C GLY C 334 5.01 23.62 -25.42
N LYS C 335 4.51 22.57 -24.80
CA LYS C 335 5.34 21.41 -24.49
C LYS C 335 5.14 20.27 -25.46
N SER C 336 6.23 19.65 -25.89
CA SER C 336 6.16 18.50 -26.78
C SER C 336 5.51 17.33 -26.08
N ILE C 337 4.50 16.76 -26.71
CA ILE C 337 3.83 15.59 -26.13
C ILE C 337 4.13 14.31 -26.89
N GLU C 338 4.68 14.44 -28.09
CA GLU C 338 4.81 13.31 -28.99
C GLU C 338 5.62 13.66 -30.24
N GLN C 339 6.70 12.92 -30.46
CA GLN C 339 7.56 13.11 -31.63
C GLN C 339 7.56 11.86 -32.50
N ARG C 340 7.35 12.06 -33.80
CA ARG C 340 7.21 10.94 -34.73
C ARG C 340 7.98 11.24 -36.01
N PRO C 341 8.27 10.19 -36.80
CA PRO C 341 9.09 10.38 -37.99
C PRO C 341 8.30 11.05 -39.10
N LEU C 342 8.96 11.92 -39.86
CA LEU C 342 8.42 12.43 -41.11
C LEU C 342 8.95 11.60 -42.27
N ILE C 343 8.04 10.98 -43.02
CA ILE C 343 8.42 9.95 -43.97
C ILE C 343 8.02 10.34 -45.39
N VAL C 344 8.86 9.92 -46.35
CA VAL C 344 8.55 10.01 -47.77
C VAL C 344 7.35 9.16 -48.11
N MET C 345 6.45 9.69 -48.94
N MET C 345 6.44 9.73 -48.89
CA MET C 345 5.15 9.05 -49.18
CA MET C 345 5.17 9.07 -49.20
C MET C 345 5.07 8.36 -50.56
C MET C 345 5.33 8.20 -50.43
N GLU C 346 5.99 8.73 -51.45
CA GLU C 346 6.20 7.99 -52.70
C GLU C 346 7.68 7.86 -53.06
N ASN C 347 8.02 6.82 -53.81
CA ASN C 347 9.38 6.65 -54.30
C ASN C 347 9.74 7.71 -55.32
N VAL C 348 11.00 8.15 -55.28
CA VAL C 348 11.59 8.85 -56.44
C VAL C 348 13.02 8.38 -56.67
N GLU C 349 13.25 7.72 -57.81
CA GLU C 349 14.60 7.33 -58.17
C GLU C 349 15.33 8.48 -58.84
N GLU C 350 16.65 8.40 -58.89
CA GLU C 350 17.47 9.34 -59.61
C GLU C 350 16.95 9.52 -61.03
N GLY C 351 17.09 10.73 -61.56
CA GLY C 351 16.38 11.13 -62.79
C GLY C 351 17.00 10.65 -64.09
N GLY C 352 16.54 11.24 -65.20
CA GLY C 352 16.54 10.57 -66.50
C GLY C 352 15.33 10.94 -67.36
N GLU D 3 -41.36 -23.55 1.12
CA GLU D 3 -41.93 -22.23 1.53
C GLU D 3 -42.72 -21.64 0.36
N GLN D 4 -44.03 -21.48 0.54
CA GLN D 4 -44.94 -21.26 -0.59
C GLN D 4 -45.49 -19.84 -0.64
N THR D 5 -45.27 -19.06 0.41
CA THR D 5 -45.84 -17.70 0.50
C THR D 5 -45.18 -16.71 -0.46
N VAL D 6 -43.87 -16.50 -0.32
CA VAL D 6 -43.17 -15.57 -1.22
C VAL D 6 -42.41 -16.27 -2.35
N GLU D 7 -42.67 -15.83 -3.57
CA GLU D 7 -42.15 -16.49 -4.75
C GLU D 7 -40.65 -16.64 -4.64
N ALA D 8 -40.16 -17.87 -4.73
CA ALA D 8 -38.72 -18.11 -4.86
C ALA D 8 -38.25 -17.70 -6.25
N PRO D 9 -36.94 -17.41 -6.39
CA PRO D 9 -36.41 -17.03 -7.69
C PRO D 9 -36.04 -18.23 -8.55
N SER D 10 -35.97 -18.01 -9.87
CA SER D 10 -35.25 -18.92 -10.78
C SER D 10 -33.82 -19.04 -10.32
N VAL D 11 -33.29 -20.24 -10.39
CA VAL D 11 -31.87 -20.39 -10.34
C VAL D 11 -31.31 -21.28 -11.46
N ASP D 12 -30.23 -20.83 -12.06
CA ASP D 12 -29.69 -21.48 -13.25
C ASP D 12 -28.68 -22.54 -12.83
N ALA D 13 -29.16 -23.74 -12.55
CA ALA D 13 -28.32 -24.82 -12.04
C ALA D 13 -29.12 -26.10 -12.00
N ARG D 14 -28.45 -27.24 -11.99
CA ARG D 14 -29.14 -28.52 -11.93
C ARG D 14 -29.98 -28.67 -10.64
N ALA D 15 -29.38 -28.36 -9.49
CA ALA D 15 -30.06 -28.51 -8.21
C ALA D 15 -29.64 -27.40 -7.27
N TRP D 16 -30.55 -27.01 -6.37
CA TRP D 16 -30.20 -26.01 -5.37
C TRP D 16 -31.09 -26.08 -4.14
N ILE D 17 -30.63 -25.48 -3.06
CA ILE D 17 -31.45 -25.32 -1.90
C ILE D 17 -31.00 -24.10 -1.08
N LEU D 18 -31.97 -23.41 -0.50
CA LEU D 18 -31.67 -22.37 0.50
C LEU D 18 -32.33 -22.74 1.83
N MET D 19 -31.53 -22.79 2.90
CA MET D 19 -32.05 -23.22 4.21
C MET D 19 -31.63 -22.31 5.35
N ASP D 20 -32.58 -21.97 6.21
CA ASP D 20 -32.26 -21.29 7.44
C ASP D 20 -31.68 -22.22 8.49
N TYR D 21 -30.62 -21.77 9.12
CA TYR D 21 -29.82 -22.61 9.97
C TYR D 21 -30.53 -22.89 11.31
N ALA D 22 -31.16 -21.86 11.88
CA ALA D 22 -31.74 -22.00 13.24
C ALA D 22 -33.06 -22.81 13.18
N SER D 23 -33.85 -22.55 12.14
CA SER D 23 -35.18 -23.11 12.00
C SER D 23 -35.21 -24.39 11.16
N GLY D 24 -34.25 -24.51 10.22
CA GLY D 24 -34.25 -25.63 9.28
C GLY D 24 -35.24 -25.46 8.13
N LYS D 25 -36.02 -24.38 8.16
CA LYS D 25 -36.92 -24.08 7.05
C LYS D 25 -36.18 -24.01 5.72
N VAL D 26 -36.72 -24.71 4.73
CA VAL D 26 -36.29 -24.56 3.35
C VAL D 26 -37.02 -23.42 2.65
N LEU D 27 -36.27 -22.38 2.28
CA LEU D 27 -36.87 -21.18 1.68
C LEU D 27 -36.95 -21.29 0.16
N ALA D 28 -36.07 -22.09 -0.43
CA ALA D 28 -36.15 -22.37 -1.85
C ALA D 28 -35.46 -23.66 -2.19
N GLU D 29 -35.90 -24.31 -3.26
CA GLU D 29 -35.27 -25.55 -3.68
C GLU D 29 -35.61 -25.82 -5.13
N GLY D 30 -34.69 -26.49 -5.82
CA GLY D 30 -35.01 -27.17 -7.06
C GLY D 30 -34.22 -28.45 -7.14
N ASN D 31 -34.90 -29.55 -7.50
CA ASN D 31 -34.28 -30.87 -7.57
C ASN D 31 -33.41 -31.19 -6.38
N ALA D 32 -33.85 -30.80 -5.20
CA ALA D 32 -32.97 -30.86 -4.04
C ALA D 32 -32.74 -32.28 -3.55
N ASP D 33 -33.40 -33.25 -4.17
CA ASP D 33 -33.21 -34.66 -3.79
C ASP D 33 -32.65 -35.50 -4.92
N GLU D 34 -32.30 -34.85 -6.01
CA GLU D 34 -31.63 -35.52 -7.12
C GLU D 34 -30.17 -35.88 -6.81
N LYS D 35 -29.83 -37.15 -6.96
CA LYS D 35 -28.48 -37.59 -6.68
C LYS D 35 -27.50 -37.07 -7.71
N LEU D 36 -26.45 -36.41 -7.22
CA LEU D 36 -25.51 -35.74 -8.10
C LEU D 36 -24.12 -35.85 -7.54
N ASP D 37 -23.13 -35.52 -8.37
CA ASP D 37 -21.73 -35.71 -7.98
C ASP D 37 -21.28 -34.56 -7.05
N PRO D 38 -20.85 -34.92 -5.83
CA PRO D 38 -20.51 -33.90 -4.83
C PRO D 38 -19.17 -33.26 -5.11
N ALA D 39 -18.32 -33.96 -5.86
CA ALA D 39 -16.94 -33.53 -6.04
C ALA D 39 -16.34 -33.14 -4.70
N SER D 40 -15.71 -31.98 -4.66
CA SER D 40 -15.01 -31.55 -3.47
C SER D 40 -15.89 -31.19 -2.25
N LEU D 41 -17.20 -31.05 -2.46
CA LEU D 41 -18.11 -30.95 -1.31
C LEU D 41 -17.93 -32.12 -0.35
N THR D 42 -17.58 -33.28 -0.91
CA THR D 42 -17.25 -34.44 -0.11
C THR D 42 -16.37 -34.04 1.06
N LYS D 43 -15.45 -33.11 0.82
CA LYS D 43 -14.47 -32.72 1.85
C LYS D 43 -15.10 -31.98 3.02
N ILE D 44 -16.36 -31.57 2.89
CA ILE D 44 -17.10 -31.07 4.06
C ILE D 44 -17.28 -32.17 5.12
N MET D 45 -17.56 -33.37 4.67
CA MET D 45 -17.69 -34.51 5.57
C MET D 45 -16.34 -34.93 6.08
N THR D 46 -15.35 -34.91 5.20
CA THR D 46 -13.98 -35.22 5.62
C THR D 46 -13.61 -34.31 6.78
N SER D 47 -13.88 -33.03 6.62
CA SER D 47 -13.59 -32.07 7.68
C SER D 47 -14.47 -32.32 8.93
N TYR D 48 -15.69 -32.78 8.72
CA TYR D 48 -16.59 -33.12 9.84
C TYR D 48 -15.97 -34.21 10.73
N VAL D 49 -15.59 -35.32 10.11
CA VAL D 49 -14.86 -36.39 10.81
C VAL D 49 -13.58 -35.92 11.54
N VAL D 50 -12.65 -35.29 10.82
CA VAL D 50 -11.46 -34.75 11.50
C VAL D 50 -11.84 -33.78 12.63
N GLY D 51 -12.85 -32.93 12.36
CA GLY D 51 -13.41 -32.05 13.38
C GLY D 51 -13.84 -32.79 14.65
N GLN D 52 -14.54 -33.90 14.47
CA GLN D 52 -14.94 -34.73 15.60
C GLN D 52 -13.74 -35.35 16.30
N ALA D 53 -12.79 -35.87 15.52
CA ALA D 53 -11.53 -36.37 16.09
C ALA D 53 -10.88 -35.33 16.96
N LEU D 54 -10.89 -34.07 16.50
CA LEU D 54 -10.26 -32.98 17.23
C LEU D 54 -10.97 -32.68 18.54
N LYS D 55 -12.27 -32.49 18.49
CA LYS D 55 -12.98 -32.12 19.70
C LYS D 55 -13.17 -33.28 20.69
N ALA D 56 -13.01 -34.52 20.22
CA ALA D 56 -12.99 -35.68 21.11
C ALA D 56 -11.60 -35.97 21.66
N ASP D 57 -10.59 -35.28 21.14
CA ASP D 57 -9.29 -35.22 21.78
C ASP D 57 -8.43 -36.40 21.40
N LYS D 58 -8.86 -37.15 20.40
CA LYS D 58 -8.14 -38.33 19.96
C LYS D 58 -6.99 -37.95 19.05
N ILE D 59 -7.01 -36.70 18.58
CA ILE D 59 -5.84 -36.09 17.95
C ILE D 59 -5.73 -34.63 18.38
N LYS D 60 -4.53 -34.05 18.24
CA LYS D 60 -4.33 -32.62 18.49
C LYS D 60 -3.77 -31.91 17.26
N LEU D 61 -3.96 -30.59 17.21
CA LEU D 61 -3.46 -29.78 16.09
C LEU D 61 -1.93 -29.83 16.03
N THR D 62 -1.31 -30.04 17.18
CA THR D 62 0.14 -30.20 17.29
C THR D 62 0.62 -31.52 16.68
N ASP D 63 -0.23 -32.54 16.73
CA ASP D 63 0.20 -33.89 16.40
C ASP D 63 0.86 -33.91 15.03
N MET D 64 1.95 -34.65 14.91
CA MET D 64 2.69 -34.72 13.65
C MET D 64 2.44 -36.07 12.97
N VAL D 65 2.12 -36.05 11.68
CA VAL D 65 1.74 -37.26 10.97
C VAL D 65 2.68 -37.58 9.81
N THR D 66 3.05 -38.85 9.70
CA THR D 66 3.84 -39.35 8.59
C THR D 66 2.99 -39.51 7.34
N VAL D 67 3.39 -38.82 6.27
CA VAL D 67 2.78 -39.02 4.96
C VAL D 67 3.04 -40.44 4.41
N GLY D 68 1.96 -41.19 4.18
CA GLY D 68 2.07 -42.49 3.55
C GLY D 68 2.41 -42.37 2.08
N LYS D 69 2.79 -43.50 1.48
CA LYS D 69 2.86 -43.62 0.03
C LYS D 69 1.48 -43.34 -0.57
N ASP D 70 0.44 -43.46 0.27
CA ASP D 70 -0.95 -43.23 -0.14
C ASP D 70 -1.15 -41.85 -0.76
N ALA D 71 -0.45 -40.85 -0.21
CA ALA D 71 -0.78 -39.44 -0.45
C ALA D 71 0.23 -38.78 -1.41
N TRP D 72 0.90 -39.61 -2.19
CA TRP D 72 1.92 -39.13 -3.14
C TRP D 72 1.29 -38.94 -4.51
N ALA D 73 1.71 -37.90 -5.22
CA ALA D 73 1.27 -37.68 -6.60
C ALA D 73 1.66 -38.85 -7.53
N THR D 74 2.82 -39.44 -7.27
CA THR D 74 3.33 -40.54 -8.10
C THR D 74 2.73 -41.89 -7.71
N GLY D 75 2.85 -42.26 -6.44
CA GLY D 75 2.39 -43.57 -5.95
C GLY D 75 0.87 -43.70 -6.00
N ASN D 76 0.22 -42.71 -6.59
CA ASN D 76 -1.23 -42.68 -6.68
C ASN D 76 -1.67 -41.88 -7.92
N PRO D 77 -1.99 -42.58 -9.01
CA PRO D 77 -2.30 -41.91 -10.28
C PRO D 77 -3.61 -41.12 -10.20
N ALA D 78 -4.50 -41.53 -9.31
CA ALA D 78 -5.76 -40.85 -9.11
C ALA D 78 -5.55 -39.39 -8.69
N LEU D 79 -4.44 -39.14 -8.00
CA LEU D 79 -4.13 -37.81 -7.50
C LEU D 79 -3.64 -36.86 -8.61
N ARG D 80 -3.08 -37.42 -9.67
CA ARG D 80 -2.48 -36.60 -10.73
C ARG D 80 -3.50 -35.66 -11.34
N GLY D 81 -3.18 -34.36 -11.36
CA GLY D 81 -4.14 -33.34 -11.77
C GLY D 81 -4.86 -32.69 -10.60
N SER D 82 -5.28 -33.50 -9.63
CA SER D 82 -5.90 -33.01 -8.41
C SER D 82 -5.17 -31.78 -7.88
N SER D 83 -5.91 -30.89 -7.24
CA SER D 83 -5.35 -29.98 -6.26
C SER D 83 -4.63 -30.80 -5.21
N VAL D 84 -3.37 -30.45 -4.93
CA VAL D 84 -2.60 -31.14 -3.89
C VAL D 84 -1.70 -30.20 -3.12
N MET D 85 -1.29 -30.63 -1.93
CA MET D 85 -0.29 -29.92 -1.15
C MET D 85 1.13 -30.23 -1.64
N PHE D 86 1.25 -31.23 -2.51
CA PHE D 86 2.56 -31.74 -2.96
C PHE D 86 3.37 -32.37 -1.82
N LEU D 87 2.87 -33.49 -1.32
CA LEU D 87 3.40 -34.10 -0.11
C LEU D 87 4.40 -35.18 -0.49
N LYS D 88 5.32 -35.47 0.43
CA LYS D 88 6.37 -36.43 0.17
C LYS D 88 6.35 -37.58 1.18
N PRO D 89 6.20 -38.81 0.68
CA PRO D 89 6.01 -40.03 1.48
C PRO D 89 6.96 -40.16 2.66
N GLY D 90 7.87 -39.21 2.83
CA GLY D 90 8.67 -39.14 4.04
C GLY D 90 8.07 -38.22 5.10
N ASP D 91 7.40 -37.17 4.64
CA ASP D 91 7.30 -35.93 5.39
C ASP D 91 6.58 -36.08 6.72
N GLN D 92 7.07 -35.37 7.74
CA GLN D 92 6.28 -35.04 8.91
C GLN D 92 5.53 -33.72 8.71
N VAL D 93 4.20 -33.80 8.55
CA VAL D 93 3.34 -32.60 8.59
C VAL D 93 2.37 -32.61 9.78
N SER D 94 2.19 -31.45 10.39
CA SER D 94 1.28 -31.33 11.54
C SER D 94 -0.19 -31.59 11.17
N VAL D 95 -1.01 -31.85 12.17
CA VAL D 95 -2.44 -31.95 11.95
C VAL D 95 -2.98 -30.61 11.45
N ALA D 96 -2.64 -29.54 12.17
CA ALA D 96 -3.07 -28.18 11.82
C ALA D 96 -2.92 -27.86 10.34
N ASP D 97 -1.79 -28.26 9.75
CA ASP D 97 -1.46 -27.88 8.39
C ASP D 97 -2.19 -28.73 7.35
N LEU D 98 -2.20 -30.04 7.58
CA LEU D 98 -3.02 -30.92 6.74
C LEU D 98 -4.50 -30.49 6.81
N ASN D 99 -4.96 -30.22 8.03
CA ASN D 99 -6.35 -29.75 8.24
C ASN D 99 -6.66 -28.55 7.33
N LYS D 100 -5.77 -27.56 7.34
CA LYS D 100 -5.95 -26.37 6.53
C LYS D 100 -5.81 -26.68 5.04
N GLY D 101 -4.97 -27.65 4.72
CA GLY D 101 -4.88 -28.16 3.34
C GLY D 101 -6.20 -28.66 2.79
N VAL D 102 -6.90 -29.50 3.54
CA VAL D 102 -8.19 -29.98 3.04
C VAL D 102 -9.20 -28.85 2.97
N ILE D 103 -9.20 -28.00 4.00
CA ILE D 103 -10.28 -27.02 4.21
C ILE D 103 -10.11 -25.79 3.32
N ILE D 104 -8.93 -25.16 3.40
CA ILE D 104 -8.68 -23.91 2.67
C ILE D 104 -8.29 -24.19 1.21
N GLN D 105 -7.34 -25.11 1.05
CA GLN D 105 -6.78 -25.44 -0.28
C GLN D 105 -7.62 -26.47 -1.02
N SER D 106 -8.34 -27.31 -0.27
CA SER D 106 -9.01 -28.48 -0.83
C SER D 106 -7.99 -29.44 -1.45
N GLY D 107 -6.83 -29.56 -0.79
CA GLY D 107 -5.79 -30.52 -1.17
C GLY D 107 -6.20 -31.96 -0.94
N ASN D 108 -6.20 -32.74 -2.02
CA ASN D 108 -6.63 -34.14 -1.99
C ASN D 108 -5.66 -35.12 -1.30
N ASP D 109 -4.41 -34.74 -1.16
CA ASP D 109 -3.45 -35.56 -0.43
C ASP D 109 -3.45 -35.25 1.05
N ALA D 110 -3.71 -34.00 1.39
CA ALA D 110 -3.97 -33.61 2.77
C ALA D 110 -5.14 -34.43 3.34
N CYS D 111 -6.14 -34.71 2.49
CA CYS D 111 -7.26 -35.56 2.88
C CYS D 111 -6.79 -36.96 3.23
N ILE D 112 -6.01 -37.57 2.33
CA ILE D 112 -5.51 -38.93 2.54
C ILE D 112 -4.60 -39.03 3.75
N ALA D 113 -3.57 -38.20 3.79
CA ALA D 113 -2.69 -38.17 4.96
C ALA D 113 -3.52 -38.15 6.24
N LEU D 114 -4.48 -37.23 6.30
CA LEU D 114 -5.28 -37.02 7.51
C LEU D 114 -6.20 -38.20 7.78
N ALA D 115 -6.78 -38.75 6.71
CA ALA D 115 -7.63 -39.93 6.83
C ALA D 115 -6.83 -41.09 7.42
N ASP D 116 -5.70 -41.40 6.78
CA ASP D 116 -4.79 -42.41 7.30
C ASP D 116 -4.58 -42.20 8.80
N TYR D 117 -4.32 -40.97 9.20
CA TYR D 117 -3.90 -40.71 10.57
C TYR D 117 -5.02 -40.89 11.59
N VAL D 118 -6.22 -40.40 11.27
CA VAL D 118 -7.32 -40.42 12.23
C VAL D 118 -7.87 -41.83 12.41
N ALA D 119 -8.01 -42.57 11.30
CA ALA D 119 -8.76 -43.82 11.28
C ALA D 119 -7.94 -45.02 10.78
N GLY D 120 -6.76 -44.77 10.22
CA GLY D 120 -5.79 -45.84 9.96
C GLY D 120 -5.64 -46.21 8.48
N SER D 121 -6.75 -46.20 7.76
CA SER D 121 -6.72 -46.32 6.31
C SER D 121 -7.78 -45.44 5.70
N GLN D 122 -7.77 -45.34 4.38
CA GLN D 122 -8.80 -44.60 3.66
C GLN D 122 -10.15 -45.29 3.82
N GLU D 123 -10.16 -46.61 3.60
CA GLU D 123 -11.39 -47.38 3.64
C GLU D 123 -12.15 -47.16 4.94
N SER D 124 -11.43 -47.24 6.06
CA SER D 124 -12.09 -47.13 7.34
C SER D 124 -12.51 -45.68 7.67
N PHE D 125 -11.75 -44.70 7.19
CA PHE D 125 -12.17 -43.30 7.30
C PHE D 125 -13.49 -43.09 6.57
N ILE D 126 -13.62 -43.73 5.41
CA ILE D 126 -14.81 -43.61 4.62
C ILE D 126 -16.04 -44.20 5.33
N GLY D 127 -15.86 -45.33 6.01
CA GLY D 127 -16.90 -45.87 6.89
C GLY D 127 -17.29 -44.90 8.00
N LEU D 128 -16.30 -44.19 8.53
CA LEU D 128 -16.56 -43.11 9.47
C LEU D 128 -17.49 -42.05 8.87
N MET D 129 -17.22 -41.64 7.64
CA MET D 129 -17.99 -40.57 7.04
C MET D 129 -19.38 -41.00 6.55
N ASN D 130 -19.48 -42.25 6.11
CA ASN D 130 -20.79 -42.82 5.81
C ASN D 130 -21.60 -43.10 7.08
N GLY D 131 -20.90 -43.35 8.17
CA GLY D 131 -21.54 -43.52 9.48
C GLY D 131 -22.20 -42.24 10.00
N TYR D 132 -21.49 -41.11 9.87
CA TYR D 132 -22.06 -39.82 10.27
C TYR D 132 -23.19 -39.38 9.33
N ALA D 133 -23.06 -39.75 8.07
CA ALA D 133 -24.10 -39.50 7.10
C ALA D 133 -25.43 -40.12 7.48
N LYS D 134 -25.40 -41.38 7.92
CA LYS D 134 -26.60 -42.05 8.43
C LYS D 134 -27.11 -41.33 9.64
N LYS D 135 -26.22 -41.09 10.59
CA LYS D 135 -26.57 -40.40 11.82
C LYS D 135 -27.18 -39.02 11.56
N LEU D 136 -26.67 -38.31 10.55
CA LEU D 136 -27.08 -36.92 10.29
C LEU D 136 -28.32 -36.83 9.42
N GLY D 137 -28.69 -37.95 8.82
CA GLY D 137 -29.97 -38.02 8.09
C GLY D 137 -29.75 -37.73 6.63
N LEU D 138 -28.55 -38.00 6.16
CA LEU D 138 -28.22 -37.80 4.77
C LEU D 138 -28.58 -39.04 3.95
N THR D 139 -29.87 -39.22 3.71
CA THR D 139 -30.42 -40.50 3.21
C THR D 139 -30.13 -40.74 1.73
N ASN D 140 -29.68 -39.70 1.03
CA ASN D 140 -29.44 -39.80 -0.41
C ASN D 140 -27.99 -39.57 -0.75
N THR D 141 -27.12 -39.76 0.22
CA THR D 141 -25.71 -39.56 -0.03
C THR D 141 -24.89 -40.76 0.40
N THR D 142 -23.94 -41.15 -0.46
CA THR D 142 -22.88 -42.05 -0.03
C THR D 142 -21.49 -41.69 -0.56
N PHE D 143 -20.53 -41.72 0.33
CA PHE D 143 -19.16 -41.33 0.02
C PHE D 143 -18.33 -42.58 -0.26
N GLN D 144 -17.54 -42.52 -1.33
CA GLN D 144 -16.72 -43.64 -1.73
C GLN D 144 -15.25 -43.28 -1.59
N THR D 145 -14.99 -42.01 -1.33
CA THR D 145 -13.63 -41.52 -1.24
C THR D 145 -13.45 -40.61 -0.04
N VAL D 146 -12.22 -40.19 0.17
CA VAL D 146 -11.91 -39.32 1.27
C VAL D 146 -11.84 -37.86 0.80
N HIS D 147 -11.95 -37.65 -0.51
CA HIS D 147 -11.65 -36.34 -1.10
C HIS D 147 -12.64 -35.90 -2.17
N GLY D 148 -13.47 -36.83 -2.63
CA GLY D 148 -14.53 -36.49 -3.57
C GLY D 148 -14.12 -36.53 -5.02
N LEU D 149 -12.96 -37.10 -5.29
CA LEU D 149 -12.57 -37.39 -6.67
C LEU D 149 -13.45 -38.49 -7.25
N ASP D 150 -13.71 -38.42 -8.54
CA ASP D 150 -14.85 -39.13 -9.12
C ASP D 150 -14.74 -40.63 -8.89
N ALA D 151 -15.89 -41.30 -8.86
CA ALA D 151 -15.97 -42.69 -8.46
C ALA D 151 -17.41 -43.20 -8.61
N PRO D 152 -17.56 -44.46 -9.02
CA PRO D 152 -18.89 -45.07 -9.10
C PRO D 152 -19.57 -45.12 -7.74
N GLY D 153 -20.86 -44.81 -7.69
CA GLY D 153 -21.64 -44.95 -6.47
C GLY D 153 -21.33 -43.89 -5.43
N GLN D 154 -20.81 -42.75 -5.87
CA GLN D 154 -20.56 -41.62 -4.97
C GLN D 154 -21.47 -40.47 -5.33
N PHE D 155 -22.31 -40.06 -4.39
CA PHE D 155 -23.33 -39.05 -4.69
C PHE D 155 -23.79 -38.32 -3.45
N SER D 156 -24.43 -37.18 -3.65
CA SER D 156 -25.17 -36.51 -2.59
C SER D 156 -26.29 -35.69 -3.23
N THR D 157 -26.97 -34.87 -2.45
CA THR D 157 -28.03 -34.03 -2.99
C THR D 157 -27.89 -32.63 -2.43
N ALA D 158 -28.60 -31.68 -3.01
CA ALA D 158 -28.61 -30.34 -2.46
C ALA D 158 -29.06 -30.38 -1.00
N ARG D 159 -30.13 -31.13 -0.72
CA ARG D 159 -30.71 -31.13 0.63
C ARG D 159 -29.74 -31.73 1.65
N ASP D 160 -29.07 -32.81 1.28
CA ASP D 160 -28.19 -33.47 2.24
C ASP D 160 -26.98 -32.60 2.55
N MET D 161 -26.52 -31.85 1.55
CA MET D 161 -25.32 -31.03 1.70
C MET D 161 -25.63 -29.80 2.57
N ALA D 162 -26.86 -29.33 2.50
CA ALA D 162 -27.35 -28.36 3.47
C ALA D 162 -27.41 -28.92 4.92
N LEU D 163 -27.91 -30.15 5.06
CA LEU D 163 -27.91 -30.80 6.40
C LEU D 163 -26.49 -30.98 6.89
N LEU D 164 -25.63 -31.46 6.02
CA LEU D 164 -24.23 -31.65 6.38
C LEU D 164 -23.55 -30.31 6.75
N GLY D 165 -23.78 -29.30 5.92
CA GLY D 165 -23.28 -27.95 6.22
C GLY D 165 -23.77 -27.49 7.58
N LYS D 166 -25.06 -27.68 7.84
CA LYS D 166 -25.63 -27.25 9.09
C LYS D 166 -24.96 -27.97 10.26
N ALA D 167 -24.70 -29.27 10.11
CA ALA D 167 -24.07 -30.04 11.18
C ALA D 167 -22.61 -29.62 11.43
N LEU D 168 -21.89 -29.29 10.37
CA LEU D 168 -20.50 -28.78 10.52
C LEU D 168 -20.50 -27.52 11.35
N ILE D 169 -21.30 -26.55 10.94
CA ILE D 169 -21.39 -25.30 11.70
C ILE D 169 -21.76 -25.58 13.16
N HIS D 170 -22.71 -26.48 13.38
CA HIS D 170 -23.25 -26.73 14.71
C HIS D 170 -22.34 -27.58 15.59
N ASP D 171 -21.93 -28.73 15.06
CA ASP D 171 -21.29 -29.76 15.88
C ASP D 171 -19.82 -29.55 16.08
N VAL D 172 -19.13 -29.05 15.05
CA VAL D 172 -17.69 -28.76 15.16
C VAL D 172 -17.34 -27.33 14.71
N PRO D 173 -17.80 -26.32 15.48
CA PRO D 173 -17.67 -24.90 15.14
C PRO D 173 -16.21 -24.48 14.97
N GLU D 174 -15.31 -25.17 15.66
CA GLU D 174 -13.87 -24.91 15.58
C GLU D 174 -13.40 -25.26 14.21
N GLU D 175 -13.85 -26.40 13.73
CA GLU D 175 -13.51 -26.88 12.43
C GLU D 175 -14.16 -25.99 11.38
N TYR D 176 -15.40 -25.58 11.62
CA TYR D 176 -16.06 -24.70 10.67
C TYR D 176 -15.35 -23.34 10.56
N ALA D 177 -14.79 -22.88 11.68
CA ALA D 177 -14.21 -21.54 11.77
C ALA D 177 -13.05 -21.37 10.78
N ILE D 178 -12.36 -22.47 10.49
CA ILE D 178 -11.25 -22.48 9.55
C ILE D 178 -11.71 -22.20 8.11
N HIS D 179 -12.96 -22.52 7.79
CA HIS D 179 -13.43 -22.42 6.40
C HIS D 179 -13.51 -20.97 5.96
N LYS D 180 -13.33 -20.07 6.91
CA LYS D 180 -13.44 -18.65 6.65
CA LYS D 180 -13.43 -18.64 6.68
C LYS D 180 -12.09 -18.09 6.22
N GLU D 181 -11.03 -18.83 6.46
CA GLU D 181 -9.69 -18.26 6.37
C GLU D 181 -9.33 -18.06 4.91
N LYS D 182 -8.88 -16.86 4.57
CA LYS D 182 -8.74 -16.48 3.16
C LYS D 182 -7.49 -17.06 2.52
N GLU D 183 -6.59 -17.57 3.35
CA GLU D 183 -5.34 -18.05 2.85
C GLU D 183 -4.60 -18.73 3.97
N PHE D 184 -3.76 -19.70 3.65
CA PHE D 184 -2.69 -20.03 4.56
C PHE D 184 -1.40 -20.38 3.86
N THR D 185 -0.29 -20.24 4.58
CA THR D 185 0.98 -20.42 3.95
C THR D 185 1.63 -21.73 4.39
N PHE D 186 2.01 -22.53 3.41
CA PHE D 186 2.62 -23.80 3.70
C PHE D 186 3.82 -24.05 2.79
N ASN D 187 4.95 -24.43 3.40
CA ASN D 187 6.21 -24.52 2.66
C ASN D 187 6.49 -23.22 1.92
N LYS D 188 6.49 -22.11 2.66
CA LYS D 188 6.78 -20.79 2.10
C LYS D 188 5.81 -20.32 0.99
N ILE D 189 5.07 -21.25 0.42
CA ILE D 189 4.01 -20.88 -0.55
C ILE D 189 2.71 -20.54 0.17
N ARG D 190 2.04 -19.49 -0.30
CA ARG D 190 0.75 -19.12 0.25
C ARG D 190 -0.41 -19.53 -0.65
N GLN D 191 -1.49 -20.01 -0.02
CA GLN D 191 -2.57 -20.68 -0.74
C GLN D 191 -3.91 -20.01 -0.42
N PRO D 192 -4.54 -19.43 -1.45
CA PRO D 192 -5.84 -18.78 -1.31
C PRO D 192 -6.97 -19.79 -1.15
N ASN D 193 -7.91 -19.47 -0.27
CA ASN D 193 -9.21 -20.15 -0.27
C ASN D 193 -9.86 -20.06 -1.62
N ARG D 194 -10.24 -21.21 -2.17
CA ARG D 194 -10.94 -21.25 -3.45
C ARG D 194 -12.36 -20.69 -3.40
N ASN D 195 -12.92 -20.53 -2.19
CA ASN D 195 -14.29 -19.98 -2.07
C ASN D 195 -14.32 -18.46 -2.25
N ARG D 196 -14.61 -18.02 -3.48
CA ARG D 196 -14.55 -16.59 -3.83
C ARG D 196 -15.66 -15.76 -3.15
N LEU D 197 -16.75 -16.42 -2.74
CA LEU D 197 -17.83 -15.71 -2.03
C LEU D 197 -17.36 -15.13 -0.71
N LEU D 198 -16.28 -15.68 -0.17
CA LEU D 198 -15.70 -15.18 1.07
C LEU D 198 -15.32 -13.69 0.95
N TRP D 199 -15.25 -13.21 -0.30
CA TRP D 199 -14.78 -11.84 -0.59
C TRP D 199 -15.95 -10.91 -0.88
N SER D 200 -17.16 -11.47 -0.90
CA SER D 200 -18.36 -10.69 -1.11
C SER D 200 -18.42 -9.50 -0.15
N SER D 201 -18.81 -8.35 -0.70
CA SER D 201 -19.07 -7.17 0.09
C SER D 201 -20.54 -7.09 0.41
N ASN D 202 -21.35 -7.78 -0.39
CA ASN D 202 -22.79 -7.72 -0.23
C ASN D 202 -23.34 -8.67 0.84
N LEU D 203 -22.50 -9.61 1.29
CA LEU D 203 -22.93 -10.67 2.23
C LEU D 203 -21.77 -10.95 3.16
N ASN D 204 -22.06 -11.25 4.41
CA ASN D 204 -21.02 -11.80 5.29
C ASN D 204 -20.92 -13.33 5.19
N VAL D 205 -20.10 -13.78 4.25
CA VAL D 205 -20.05 -15.18 3.90
C VAL D 205 -18.87 -15.81 4.59
N ASP D 206 -19.11 -16.90 5.33
CA ASP D 206 -18.02 -17.55 6.10
C ASP D 206 -17.78 -19.01 5.79
N GLY D 207 -18.38 -19.50 4.71
CA GLY D 207 -18.10 -20.86 4.23
C GLY D 207 -18.83 -21.07 2.95
N MET D 208 -18.65 -22.24 2.31
CA MET D 208 -18.10 -23.41 2.99
C MET D 208 -17.11 -24.15 2.06
N LYS D 209 -17.57 -24.53 0.86
CA LYS D 209 -16.80 -25.40 -0.01
C LYS D 209 -17.24 -25.36 -1.47
N THR D 210 -16.28 -25.24 -2.39
CA THR D 210 -16.55 -25.29 -3.82
C THR D 210 -16.34 -26.71 -4.30
N GLY D 211 -16.76 -27.00 -5.52
CA GLY D 211 -16.34 -28.22 -6.18
C GLY D 211 -16.60 -28.13 -7.66
N THR D 212 -15.80 -28.84 -8.43
CA THR D 212 -16.09 -29.01 -9.83
C THR D 212 -16.25 -30.51 -10.17
N THR D 213 -17.41 -30.86 -10.71
CA THR D 213 -17.71 -32.24 -11.05
C THR D 213 -16.97 -32.65 -12.33
N ALA D 214 -16.94 -33.96 -12.59
CA ALA D 214 -16.18 -34.50 -13.71
C ALA D 214 -16.71 -33.99 -15.02
N GLY D 215 -18.02 -33.83 -15.12
CA GLY D 215 -18.68 -33.64 -16.41
C GLY D 215 -20.08 -33.05 -16.29
N ALA D 216 -20.38 -32.46 -15.13
CA ALA D 216 -21.70 -31.87 -14.92
C ALA D 216 -21.63 -30.59 -14.07
N GLY D 217 -20.63 -29.75 -14.33
CA GLY D 217 -20.67 -28.36 -13.90
C GLY D 217 -20.12 -28.15 -12.50
N TYR D 218 -20.55 -27.07 -11.87
CA TYR D 218 -19.83 -26.55 -10.71
C TYR D 218 -20.72 -26.52 -9.46
N ASN D 219 -20.12 -26.81 -8.31
CA ASN D 219 -20.85 -26.90 -7.04
C ASN D 219 -20.41 -25.83 -6.05
N LEU D 220 -21.34 -25.39 -5.20
CA LEU D 220 -20.99 -24.52 -4.06
C LEU D 220 -21.91 -24.79 -2.86
N VAL D 221 -21.31 -25.01 -1.70
CA VAL D 221 -22.04 -24.84 -0.45
C VAL D 221 -21.55 -23.57 0.22
N ALA D 222 -22.45 -22.65 0.46
CA ALA D 222 -22.07 -21.38 1.06
C ALA D 222 -22.93 -21.11 2.29
N SER D 223 -22.40 -20.36 3.25
CA SER D 223 -23.24 -19.86 4.33
C SER D 223 -22.90 -18.41 4.67
N ALA D 224 -23.94 -17.64 4.97
CA ALA D 224 -23.76 -16.24 5.35
C ALA D 224 -24.66 -15.88 6.53
N THR D 225 -24.25 -14.86 7.29
CA THR D 225 -24.96 -14.44 8.50
C THR D 225 -25.39 -12.97 8.43
N GLN D 226 -26.51 -12.67 9.07
CA GLN D 226 -26.82 -11.31 9.49
C GLN D 226 -27.33 -11.33 10.91
N GLY D 227 -26.47 -10.89 11.84
CA GLY D 227 -26.72 -11.05 13.26
C GLY D 227 -26.89 -12.51 13.66
N ASP D 228 -28.00 -12.81 14.30
CA ASP D 228 -28.28 -14.18 14.74
C ASP D 228 -28.85 -15.06 13.61
N MET D 229 -29.18 -14.44 12.47
CA MET D 229 -29.76 -15.18 11.35
C MET D 229 -28.68 -15.74 10.40
N ARG D 230 -28.69 -17.06 10.20
CA ARG D 230 -27.74 -17.69 9.31
C ARG D 230 -28.44 -18.45 8.19
N LEU D 231 -28.02 -18.20 6.94
CA LEU D 231 -28.53 -18.96 5.81
C LEU D 231 -27.50 -19.88 5.22
N ILE D 232 -27.94 -21.02 4.71
CA ILE D 232 -27.05 -21.95 3.99
C ILE D 232 -27.57 -22.19 2.59
N SER D 233 -26.71 -22.02 1.57
CA SER D 233 -27.11 -22.26 0.18
C SER D 233 -26.30 -23.41 -0.39
N VAL D 234 -26.92 -24.21 -1.23
CA VAL D 234 -26.20 -25.21 -2.01
C VAL D 234 -26.61 -25.04 -3.44
N VAL D 235 -25.63 -24.94 -4.32
CA VAL D 235 -25.90 -24.94 -5.75
C VAL D 235 -25.11 -26.07 -6.39
N LEU D 236 -25.79 -26.86 -7.21
CA LEU D 236 -25.20 -28.08 -7.76
C LEU D 236 -25.27 -28.04 -9.28
N GLY D 237 -24.16 -28.37 -9.95
CA GLY D 237 -24.15 -28.48 -11.41
C GLY D 237 -24.47 -27.17 -12.12
N ALA D 238 -23.89 -26.07 -11.63
CA ALA D 238 -23.91 -24.81 -12.42
C ALA D 238 -23.02 -24.97 -13.66
N LYS D 239 -23.45 -24.41 -14.78
CA LYS D 239 -22.74 -24.58 -16.03
C LYS D 239 -21.34 -23.97 -16.05
N THR D 240 -21.17 -22.81 -15.40
CA THR D 240 -19.84 -22.17 -15.30
C THR D 240 -19.50 -21.84 -13.87
N ASP D 241 -18.21 -21.59 -13.64
CA ASP D 241 -17.69 -21.19 -12.35
C ASP D 241 -18.34 -19.90 -11.78
N ARG D 242 -18.54 -18.90 -12.65
CA ARG D 242 -19.12 -17.63 -12.22
CA ARG D 242 -19.12 -17.62 -12.25
C ARG D 242 -20.61 -17.77 -11.92
N ILE D 243 -21.31 -18.55 -12.73
CA ILE D 243 -22.70 -18.86 -12.45
C ILE D 243 -22.84 -19.60 -11.09
N ARG D 244 -21.86 -20.46 -10.77
CA ARG D 244 -21.84 -21.19 -9.49
C ARG D 244 -21.80 -20.23 -8.29
N PHE D 245 -20.98 -19.19 -8.39
CA PHE D 245 -20.94 -18.16 -7.35
C PHE D 245 -22.13 -17.22 -7.38
N ASN D 246 -22.48 -16.71 -8.56
CA ASN D 246 -23.48 -15.65 -8.67
C ASN D 246 -24.87 -16.17 -8.27
N GLU D 247 -25.10 -17.44 -8.51
CA GLU D 247 -26.39 -18.01 -8.22
C GLU D 247 -26.53 -18.19 -6.71
N SER D 248 -25.44 -18.53 -6.06
CA SER D 248 -25.43 -18.68 -4.64
C SER D 248 -25.64 -17.34 -3.96
N GLU D 249 -24.98 -16.31 -4.48
CA GLU D 249 -25.08 -14.99 -3.91
C GLU D 249 -26.52 -14.52 -3.99
N LYS D 250 -27.13 -14.73 -5.15
CA LYS D 250 -28.47 -14.33 -5.42
C LYS D 250 -29.46 -14.96 -4.40
N LEU D 251 -29.27 -16.25 -4.15
CA LEU D 251 -30.11 -17.02 -3.24
C LEU D 251 -29.97 -16.50 -1.83
N LEU D 252 -28.73 -16.31 -1.39
CA LEU D 252 -28.45 -15.85 -0.05
C LEU D 252 -28.97 -14.44 0.15
N THR D 253 -28.77 -13.59 -0.87
CA THR D 253 -29.29 -12.23 -0.86
C THR D 253 -30.82 -12.19 -0.74
N TRP D 254 -31.49 -12.97 -1.58
CA TRP D 254 -32.93 -13.03 -1.59
C TRP D 254 -33.50 -13.44 -0.21
N GLY D 255 -32.92 -14.49 0.37
CA GLY D 255 -33.25 -14.91 1.74
C GLY D 255 -33.21 -13.77 2.76
N PHE D 256 -32.06 -13.12 2.88
CA PHE D 256 -31.93 -12.01 3.81
C PHE D 256 -32.86 -10.82 3.46
N ARG D 257 -33.18 -10.66 2.18
CA ARG D 257 -34.00 -9.55 1.74
C ARG D 257 -35.48 -9.70 2.16
N PHE D 258 -35.99 -10.93 2.16
CA PHE D 258 -37.43 -11.12 2.32
C PHE D 258 -37.86 -11.81 3.63
N PHE D 259 -36.91 -12.39 4.35
CA PHE D 259 -37.26 -13.26 5.49
C PHE D 259 -36.58 -12.84 6.74
N GLU D 260 -37.16 -13.22 7.86
CA GLU D 260 -36.50 -13.14 9.12
C GLU D 260 -36.73 -14.43 9.88
N THR D 261 -35.79 -14.76 10.76
CA THR D 261 -35.95 -15.89 11.64
C THR D 261 -36.26 -15.43 13.06
N VAL D 262 -37.37 -15.91 13.62
CA VAL D 262 -37.81 -15.53 14.98
C VAL D 262 -38.01 -16.77 15.87
N THR D 263 -37.96 -16.57 17.19
CA THR D 263 -38.10 -17.68 18.13
C THR D 263 -39.29 -17.46 19.10
N PRO D 264 -40.50 -17.78 18.66
CA PRO D 264 -41.69 -17.64 19.49
C PRO D 264 -41.64 -18.51 20.75
N ILE D 265 -40.93 -19.63 20.69
CA ILE D 265 -40.76 -20.48 21.86
C ILE D 265 -39.29 -20.73 22.13
N LYS D 266 -38.77 -20.11 23.18
CA LYS D 266 -37.36 -20.19 23.51
C LYS D 266 -36.98 -21.58 24.01
N PRO D 267 -35.69 -21.95 23.91
CA PRO D 267 -35.20 -23.31 24.13
C PRO D 267 -35.53 -23.93 25.51
N ASP D 268 -35.61 -23.11 26.55
CA ASP D 268 -35.87 -23.65 27.86
C ASP D 268 -37.26 -23.26 28.36
N ALA D 269 -38.04 -22.63 27.50
CA ALA D 269 -39.34 -22.12 27.90
C ALA D 269 -40.35 -23.24 27.90
N THR D 270 -41.30 -23.17 28.81
CA THR D 270 -42.44 -24.01 28.70
C THR D 270 -43.53 -23.34 27.93
N PHE D 271 -44.01 -24.03 26.91
CA PHE D 271 -45.03 -23.52 26.04
C PHE D 271 -46.42 -23.85 26.57
N VAL D 272 -46.57 -25.04 27.16
CA VAL D 272 -47.79 -25.39 27.87
C VAL D 272 -47.53 -26.44 28.95
N THR D 273 -48.35 -26.43 29.98
CA THR D 273 -48.28 -27.47 31.01
C THR D 273 -49.41 -28.42 30.79
N GLN D 274 -49.16 -29.71 31.02
CA GLN D 274 -50.25 -30.69 31.02
C GLN D 274 -50.28 -31.53 32.28
N ARG D 275 -51.49 -31.96 32.62
CA ARG D 275 -51.67 -32.94 33.67
C ARG D 275 -50.91 -34.23 33.33
N VAL D 276 -50.24 -34.81 34.32
CA VAL D 276 -49.77 -36.18 34.21
C VAL D 276 -50.33 -37.08 35.33
N TRP D 277 -50.68 -38.30 34.94
CA TRP D 277 -51.21 -39.28 35.87
C TRP D 277 -50.12 -40.16 36.44
N PHE D 278 -50.21 -40.43 37.73
CA PHE D 278 -49.46 -41.50 38.38
C PHE D 278 -47.98 -41.18 38.47
N GLY D 279 -47.65 -39.90 38.53
CA GLY D 279 -46.26 -39.45 38.63
C GLY D 279 -45.97 -38.79 39.97
N ASP D 280 -44.71 -38.43 40.17
CA ASP D 280 -44.34 -37.69 41.35
C ASP D 280 -44.48 -36.19 41.13
N LYS D 281 -45.04 -35.80 39.98
CA LYS D 281 -45.57 -34.44 39.76
C LYS D 281 -46.90 -34.65 39.12
N SER D 282 -47.79 -33.67 39.29
CA SER D 282 -49.15 -33.81 38.76
C SER D 282 -49.33 -33.00 37.48
N GLU D 283 -48.31 -32.23 37.14
CA GLU D 283 -48.30 -31.49 35.88
C GLU D 283 -46.91 -31.60 35.28
N VAL D 284 -46.82 -31.48 33.97
CA VAL D 284 -45.53 -31.48 33.33
C VAL D 284 -45.43 -30.31 32.36
N ASN D 285 -44.25 -29.66 32.36
CA ASN D 285 -43.94 -28.60 31.40
C ASN D 285 -43.64 -29.16 30.02
N LEU D 286 -44.37 -28.69 29.02
CA LEU D 286 -44.10 -29.01 27.63
C LEU D 286 -43.59 -27.75 26.86
N GLY D 287 -42.81 -27.98 25.79
CA GLY D 287 -42.52 -26.93 24.81
C GLY D 287 -41.75 -27.44 23.60
N ALA D 288 -40.86 -26.59 23.05
CA ALA D 288 -40.29 -26.84 21.73
C ALA D 288 -38.82 -27.30 21.80
N GLY D 289 -38.20 -27.09 22.95
CA GLY D 289 -36.75 -27.22 23.04
C GLY D 289 -36.08 -26.32 22.03
N GLU D 290 -35.07 -26.85 21.36
CA GLU D 290 -34.24 -26.05 20.45
C GLU D 290 -34.90 -25.80 19.12
N ALA D 291 -36.08 -26.38 18.93
CA ALA D 291 -36.69 -26.44 17.63
C ALA D 291 -37.74 -25.37 17.46
N GLY D 292 -37.61 -24.29 18.23
CA GLY D 292 -38.72 -23.41 18.51
C GLY D 292 -38.64 -22.18 17.59
N SER D 293 -37.61 -22.15 16.75
CA SER D 293 -37.43 -21.03 15.78
C SER D 293 -38.15 -21.30 14.47
N VAL D 294 -38.58 -20.23 13.82
CA VAL D 294 -39.37 -20.29 12.62
C VAL D 294 -38.87 -19.16 11.71
N THR D 295 -38.96 -19.37 10.40
CA THR D 295 -38.53 -18.35 9.46
C THR D 295 -39.74 -17.90 8.69
N ILE D 296 -40.01 -16.60 8.70
CA ILE D 296 -41.22 -16.06 8.09
C ILE D 296 -40.83 -14.83 7.26
N PRO D 297 -41.72 -14.39 6.37
CA PRO D 297 -41.46 -13.13 5.66
C PRO D 297 -41.37 -11.99 6.66
N ARG D 298 -40.51 -11.02 6.39
CA ARG D 298 -40.23 -9.97 7.37
C ARG D 298 -41.51 -9.22 7.74
N GLY D 299 -41.61 -8.81 9.01
CA GLY D 299 -42.76 -8.05 9.49
C GLY D 299 -44.08 -8.81 9.48
N GLN D 300 -44.02 -10.13 9.58
CA GLN D 300 -45.24 -10.94 9.72
C GLN D 300 -45.33 -11.53 11.13
N LEU D 301 -44.41 -11.12 12.00
CA LEU D 301 -44.35 -11.64 13.34
C LEU D 301 -45.70 -11.54 14.06
N LYS D 302 -46.26 -10.34 14.07
CA LYS D 302 -47.53 -10.10 14.76
C LYS D 302 -48.65 -11.02 14.26
N ASN D 303 -48.44 -11.65 13.11
CA ASN D 303 -49.47 -12.46 12.51
C ASN D 303 -49.24 -13.94 12.74
N LEU D 304 -48.14 -14.25 13.42
CA LEU D 304 -47.76 -15.63 13.67
C LEU D 304 -48.35 -16.07 15.01
N LYS D 305 -48.98 -17.25 15.02
CA LYS D 305 -49.48 -17.82 16.28
C LYS D 305 -49.14 -19.29 16.39
N ALA D 306 -48.80 -19.73 17.60
CA ALA D 306 -48.41 -21.12 17.84
C ALA D 306 -49.55 -21.91 18.47
N SER D 307 -49.74 -23.13 17.98
CA SER D 307 -50.67 -24.06 18.60
C SER D 307 -50.12 -25.45 18.69
N TYR D 308 -50.84 -26.32 19.38
CA TYR D 308 -50.36 -27.66 19.63
C TYR D 308 -51.50 -28.67 19.62
N THR D 309 -51.15 -29.91 19.36
CA THR D 309 -52.05 -31.02 19.59
C THR D 309 -51.30 -32.10 20.34
N LEU D 310 -52.03 -32.90 21.11
CA LEU D 310 -51.45 -34.02 21.84
C LEU D 310 -51.61 -35.33 21.08
N THR D 311 -50.62 -36.20 21.19
CA THR D 311 -50.73 -37.56 20.63
C THR D 311 -51.77 -38.39 21.38
N GLU D 312 -51.53 -38.66 22.67
CA GLU D 312 -52.59 -39.18 23.53
C GLU D 312 -53.14 -38.13 24.48
N PRO D 313 -54.46 -38.17 24.74
CA PRO D 313 -55.15 -37.23 25.63
C PRO D 313 -54.66 -37.27 27.08
N GLN D 314 -54.09 -38.40 27.49
CA GLN D 314 -53.69 -38.57 28.88
C GLN D 314 -52.22 -38.94 28.95
N LEU D 315 -51.40 -38.03 29.45
CA LEU D 315 -50.03 -38.38 29.81
C LEU D 315 -50.00 -39.22 31.07
N THR D 316 -49.17 -40.26 31.06
CA THR D 316 -48.94 -41.04 32.26
C THR D 316 -47.45 -41.12 32.52
N ALA D 317 -47.07 -41.03 33.79
CA ALA D 317 -45.67 -41.26 34.19
C ALA D 317 -45.16 -42.65 33.70
N PRO D 318 -43.82 -42.84 33.66
CA PRO D 318 -42.77 -41.81 33.74
C PRO D 318 -42.68 -41.03 32.45
N LEU D 319 -42.20 -39.78 32.53
CA LEU D 319 -41.93 -39.00 31.33
C LEU D 319 -40.48 -38.53 31.35
N LYS D 320 -39.87 -38.44 30.18
CA LYS D 320 -38.45 -38.10 30.08
C LYS D 320 -38.25 -36.79 29.33
N LYS D 321 -37.29 -35.99 29.78
CA LYS D 321 -36.99 -34.75 29.06
C LYS D 321 -36.67 -35.09 27.60
N GLY D 322 -37.37 -34.45 26.67
CA GLY D 322 -37.11 -34.66 25.23
C GLY D 322 -38.13 -35.56 24.55
N GLN D 323 -38.92 -36.26 25.37
CA GLN D 323 -39.90 -37.19 24.86
C GLN D 323 -41.00 -36.42 24.14
N VAL D 324 -41.40 -36.88 22.95
CA VAL D 324 -42.40 -36.15 22.20
C VAL D 324 -43.81 -36.64 22.42
N VAL D 325 -44.74 -35.70 22.44
CA VAL D 325 -46.02 -35.97 23.01
C VAL D 325 -47.09 -35.29 22.19
N GLY D 326 -46.67 -34.66 21.08
CA GLY D 326 -47.60 -33.96 20.20
C GLY D 326 -46.85 -33.09 19.21
N THR D 327 -47.54 -32.13 18.62
CA THR D 327 -46.96 -31.28 17.59
C THR D 327 -47.33 -29.84 17.83
N ILE D 328 -46.34 -28.96 17.83
CA ILE D 328 -46.60 -27.53 17.76
C ILE D 328 -46.85 -27.09 16.32
N ASP D 329 -47.96 -26.39 16.12
CA ASP D 329 -48.31 -25.84 14.81
C ASP D 329 -48.09 -24.33 14.76
N PHE D 330 -47.22 -23.89 13.85
CA PHE D 330 -46.95 -22.46 13.66
C PHE D 330 -47.71 -21.92 12.47
N GLN D 331 -48.67 -21.06 12.75
CA GLN D 331 -49.58 -20.61 11.72
C GLN D 331 -49.40 -19.14 11.39
N LEU D 332 -49.30 -18.83 10.11
CA LEU D 332 -49.27 -17.46 9.67
C LEU D 332 -50.59 -17.07 9.07
N ASN D 333 -51.31 -16.19 9.76
CA ASN D 333 -52.66 -15.81 9.38
C ASN D 333 -53.57 -17.03 9.14
N GLY D 334 -53.55 -17.96 10.09
CA GLY D 334 -54.46 -19.11 10.07
C GLY D 334 -53.88 -20.32 9.36
N LYS D 335 -52.74 -20.13 8.69
CA LYS D 335 -52.24 -21.11 7.74
C LYS D 335 -50.84 -21.62 8.10
N SER D 336 -50.69 -22.96 8.14
CA SER D 336 -49.50 -23.60 8.68
C SER D 336 -48.25 -23.34 7.83
N ILE D 337 -47.17 -22.91 8.47
CA ILE D 337 -45.89 -22.66 7.76
C ILE D 337 -44.72 -23.42 8.37
N GLU D 338 -44.98 -24.15 9.44
CA GLU D 338 -43.96 -24.96 10.08
C GLU D 338 -44.58 -25.80 11.19
N GLN D 339 -44.13 -27.04 11.30
CA GLN D 339 -44.66 -27.96 12.28
C GLN D 339 -43.50 -28.59 13.03
N ARG D 340 -43.55 -28.53 14.36
CA ARG D 340 -42.47 -29.06 15.17
C ARG D 340 -42.97 -29.94 16.36
N PRO D 341 -42.12 -30.84 16.84
CA PRO D 341 -42.51 -31.71 17.98
C PRO D 341 -42.77 -30.92 19.29
N LEU D 342 -43.91 -31.19 19.93
CA LEU D 342 -44.13 -30.82 21.33
C LEU D 342 -43.45 -31.81 22.25
N ILE D 343 -42.44 -31.37 22.99
CA ILE D 343 -41.66 -32.25 23.82
C ILE D 343 -41.79 -31.95 25.32
N VAL D 344 -41.55 -32.99 26.13
CA VAL D 344 -41.41 -32.87 27.58
C VAL D 344 -40.14 -32.12 27.95
N MET D 345 -40.29 -31.11 28.82
CA MET D 345 -39.19 -30.22 29.21
C MET D 345 -38.55 -30.61 30.53
N GLU D 346 -39.10 -31.62 31.21
CA GLU D 346 -38.59 -32.04 32.51
C GLU D 346 -38.97 -33.50 32.76
N ASN D 347 -38.18 -34.17 33.56
CA ASN D 347 -38.53 -35.51 34.01
C ASN D 347 -39.71 -35.51 34.96
N VAL D 348 -40.63 -36.45 34.75
CA VAL D 348 -41.46 -36.95 35.85
C VAL D 348 -41.34 -38.45 36.06
N GLU D 349 -40.92 -38.81 37.26
CA GLU D 349 -40.86 -40.19 37.68
C GLU D 349 -42.29 -40.77 37.98
N GLU D 350 -42.39 -42.09 37.97
CA GLU D 350 -43.52 -42.80 38.59
C GLU D 350 -43.73 -42.35 40.02
N GLY D 351 -44.98 -42.09 40.41
CA GLY D 351 -45.32 -41.87 41.84
C GLY D 351 -44.93 -43.07 42.69
N GLY D 352 -44.71 -42.85 43.99
CA GLY D 352 -45.16 -41.67 44.67
C GLY D 352 -45.25 -41.86 46.19
#